data_4YHH
#
_entry.id   4YHH
#
_cell.length_a   409.590
_cell.length_b   409.590
_cell.length_c   171.730
_cell.angle_alpha   90.000
_cell.angle_beta   90.000
_cell.angle_gamma   90.000
#
_symmetry.space_group_name_H-M   'P 41 21 2'
#
loop_
_entity.id
_entity.type
_entity.pdbx_description
1 polymer '16S ribosomal RNA'
2 polymer '30S ribosomal protein S2'
3 polymer '30S ribosomal protein S3'
4 polymer '30S ribosomal protein S4'
5 polymer '30S ribosomal protein S5'
6 polymer '30S ribosomal protein S6'
7 polymer '30S ribosomal protein S7'
8 polymer '30S ribosomal protein S8'
9 polymer '30S ribosomal protein S9'
10 polymer '30S ribosomal protein S10'
11 polymer '30S ribosomal protein S11'
12 polymer '30S ribosomal protein S12'
13 polymer '30S ribosomal protein S13'
14 polymer '30S ribosomal protein S14 type Z'
15 polymer '30S ribosomal protein S15'
16 polymer '30S ribosomal protein S16'
17 polymer '30S ribosomal protein S17'
18 polymer '30S ribosomal protein S18'
19 polymer '30S ribosomal protein S19'
20 polymer '30S ribosomal protein S20'
21 polymer '30S ribosomal protein Thx'
22 non-polymer TIGECYCLINE
23 non-polymer 'MAGNESIUM ION'
24 non-polymer 'ZINC ION'
#
loop_
_entity_poly.entity_id
_entity_poly.type
_entity_poly.pdbx_seq_one_letter_code
_entity_poly.pdbx_strand_id
1 'polyribonucleotide'
;GUUGGAGAGUUUGAUCCUGGCUCAGGGUGAACGCUGGCGGCGUGCCUAAGACAUGCAAGUCGUGCGGGCCGCGGGGUUUU
ACUCCGUGGUCAGCGGCGGACGGGUGAGUAACGCGUGGGUGACCUACCCGGAAGAGGGGGACAACCCGGGGAAACUCGGG
CUAAUCCCCCAUGUGGACCCGCCCCUUGGGGUGUGUCCAAAGGGCUUUGCCCGCUUCCGGAUGGGCCCGCGUCCCAUCAG
CUAGUUGGUGGGGUAAUGGCCCACCAAGGCGACGACGGGUAGCCGGUCUGAGAGGAUGGCCGGCCACAGGGGCACUGAGA
CACGGGCCCCACUCCUACGGGAGGCAGCAGUUAGGAAUCUUCCGCAAUGGGCGCAAGCCUGACGGAGCGACGCCGCUUGG
AGGAAGAAGCCCUUCGGGGUGUAAACUCCUGAACCCGGGACGAAACCCCCGACGAGGGGACUGACGGUACCGGGGUAAUA
GCGCCGGCCAACUCCGUGCCAGCAGCCGCGGUAAUACGGAGGGCGCGAGCGUUACCCGGAUUCACUGGGCGUAAAGGGCG
UGUAGGCGGCCUGGGGCGUCCCAUGUGAAAGACCACGGCUCAACCGUGGGGGAGCGUGGGAUACGCUCAGGCUAGACGGU
GGGAGAGGGUGGUGGAAUUCCCGGAGUAGCGGUGAAAUGCGCAGAUACCGGGAGGAACGCCGAUGGCGAAGGCAGCCACC
UGGUCCACCCGUGACGCUGAGGCGCGAAAGCGUGGGGAGCAAACCGGAUUAGAUACCCGGGUAGUCCACGCCCUAAACGA
UGCGCGCUAGGUCUCUGGGUCUCCUGGGGGCCGAAGCUAACGCGUUAAGCGCGCCGCCUGGGGAGUACGGCCGCAAGGCU
GAAACUCAAAGGAAUUGACGGGGGCCCGCACAAGCGGUGGAGCAUGUGGUUUAAUUCGAAGCAACGCGAAGAACCUUACC
AGGCCUUGACAUGCUAGGGAACCCGGGUGAAAGCCUGGGGUGCCCCGCGAGGGGAGCCCUAGCACAGGUGCUGCAUGGCC
GUCGUCAGCUCGUGCCGUGAGGUGUUGGGUUAAGUCCCGCAACGAGCGCAACCCCCGCCGUUAGUUGCCAGCGGUUCGGC
CGGGCACUCUAACGGGACUGCCCGCGAAAGCGGGAGGAAGGAGGGGACGACGUCUGGUCAGCAUGGCCCUUACGGCCUGG
GCGACACACGUGCUACAAUGCCCACUACAAAGCGAUGCCACCCGGCAACGGGGAGCUAAUCGCAAAAAGGUGGGCCCAGU
UCGGAUUGGGGUCUGCAACCCGACCCCAUGAAGCCGGAAUCGCUAGUAAUCGCGGAUCAGCCAUGCCGCGGUGAAUACGU
UCCCGGGCCUUGUACACACCGCCCGUCACGCCAUGGGAGCGGGCUCUACCCGAAGUCGCCGGGAGCCUACGGGCAGGCGC
CGAGGGUAGGGCCCGUGACUGGGGCGAAGUCGUAACAAGGUAGCUGUACCGGAAGGUGCGGCUGGAU
;
A
2 'polypeptide(L)'
;VEITVKELLEAGVHFGHERKRWNPKFARYIYAERNGIHIIDLQKTMEELERTFRFIEDLAMRGGTILFVGTKKQAQDIVR
MEAERAGMPYVNQRWLGGMLTNFKTISQRVHRLEELEALFASPEIEERPKKEQVRLKHELERLQKYLSGFRLLKRLPDAI
FVVDPTKEAIAVREARKLFIPVIALADTDSDPDLVDYIIPGNDDAIRSIQLILSRAVDLIIQARGG
;
B
3 'polypeptide(L)'
;GNKIHPIGFRLGITRDWESRWYAGKKQYRHLLLEDQRIRGLLEKELYSAGLARVDIERAADNVAVTVHVAKPGVVIGRGG
ERIRVLREELAKLTGKNVALNVQEVQNPNLSAPLVAQRVAEQIERRFAVRRAIKQAVQRVMESGAKGAKVIVSGRIGGAE
QARTEWAAQGRVPLHTLRANIDYGFALARTTYGVLGVKAYIFLGEV
;
C
4 'polypeptide(L)'
;GRYIGPVCRLCRREGVKLYLKGERCYSPKCAMERRPYPPGQHGQKRARRPSDYAVRLREKQKLRRIYGISERQFRNLFEE
ASKKKGVTGSVFLGLLESRLDNVVYRLGFAVSRRQARQLVRHGHITVNGRRVDLPSYRVRPGDEIAVAEKSRNLELIRQN
LEAMKGRKVGPWLSLDVEGMKGKFLRLPDREDLALPVNEQLVIEFYSR
;
D
5 'polypeptide(L)'
;DFEEKMILIRRTARMQAGGRRFRFGALVVVGDRQGRVGLGFGKAPEVPLAVQKAGYYARRNMVEVPLQNGTIPHEIEVEF
GASKIVLKPAAPGTGVIAGAVPRAILELAGVTDILTKELGSRNPINIAYATMEALRQLRTKADVERLRKGEAHAQAQ
;
E
6 'polypeptide(L)'
;MRRYEVNIVLNPNLDQSQLALEKEIIQRALENYGARVEKVEELGLRRLAYPIAKDPQGYFLWYQVEMPEDRVNDLARELR
IRDNVRRVMVVKSQEPFLANA
;
F
7 'polypeptide(L)'
;ARRRRAEVRQLQPDLVYGDVLVTAFINKIMRDGKKNLAARIFYDACKIIQEKTGQEPLKVFKQAVENVKPRMEVRSRRVG
GANYQVPMEVSPRRQQSLALRWLVQAANQRPERRAAVRIAHELMDAAEGKGGAVKKKEDVERMAEANRAYAHYRW
;
G
8 'polypeptide(L)'
;MLTDPIADMLTRIRNATRVYKESTDVPASRFKEEILRILAREGFIKGYERVDVDGKPYLRVYLKYGPRRQGPDPRPEQVI
HHIRRISKPGRRVYVGVKEIPRVRRGLGIAILSTSKGVLTDREARKLGVGGELICEVW
;
H
9 'polypeptide(L)'
;EQYYGTGRRKEAVARVFLRPGNGKVTVNGQDFNEYFQGLVRAVAALEPLRAVDALGHFDAYITVRGGGKSGQIDAIKLGI
ARALVQYNPDYRAKLKPLGFLTRDARVVERKKYGKHKARRAPQYSKR
;
I
10 'polypeptide(L)'
;KIRIKLRGFDHKTLDASAQKIVEAARRSGAQVSGPIPLPTRVRRFTVIRGPFKHKDSREHFELRTHNRLVDIINPNRKTI
EQLMTLDLPTGVEIEIKTV
;
J
11 'polypeptide(L)'
;KRQVASGRAYIHASYNNTIVTITDPDGNPITWSSGGVIGYKGSRKGTPYAAQLAALDAAKKAMAYGMQSVDVIVRGTGAG
REQAIRALQASGLQVKSIVDDTPVPHNGCRPKKKF
;
K
12 'polypeptide(L)'
;PTINQLVRKGREKVRKKSKVPALKGAPFRRGVCTVVRTVTPKKPNSALRKVAKVRLTSGYEVTAYIPGEGHNLQEHSVVL
IRGGRVKDLPGVRYHIVRGVYDAAGVKDRKKSRSKYGTKKPKEA
;
L
13 'polypeptide(L)'
;ARIAGVEIPRNKRVDVALTYIYGIGKARAKEALEKTGINPATRVKDLTEAEVVRLREYVENTWKLEGELRAEVAANIKRL
MDIGCYRGLRHRRGLPVRGQRTRTNARTRKGPRKTVAGK
;
M
14 'polypeptide(L)' ARKALIEKAKRTPKFKVRAYTRCVRCGRARSVYRFFGLCRICLRELAHKGQLPGVRKASW N
15 'polypeptide(L)'
;PITKEEKQKVIQEFARFPGDTGSTEVQVALLTLRINRLSEHLKVHKKDHHSHRGLLMMVGQRRRLLRYLQREDPERYRAL
IEKLGIRG
;
O
16 'polypeptide(L)'
;MVKIRLARFGSKHNPHYRIVVTDARRKRDGKYIEKIGYYDPRKTTPDWLKVDVERARYWLSVGAQPTDTARRLLRQAGVF
RQEAR
;
P
17 'polypeptide(L)'
;PKKVLTGVVVSDKMQKTVTVLVERQFPHPLYGKVIKRSKKYLAHDPEEKYKLGDVVEIIESRPISKRKRFRVLRLVESGR
MDLVEKYLIRRQNYESLSKRGGKA
;
Q
18 'polypeptide(L)' PSRKAKVKATLGEFDLRDYRNVEVLKRFLSETGKILPRRRTGLSAKEQRILAKTIKRARILGLLPFTEKLVRK R
19 'polypeptide(L)'
;PRSLKKGVFVDDHLLEKVLELNAKGEKRLIKTWSRRSTIVPEMVGHTIAVYNGKQHVPVYITENMVGHKLGEFAPTRTYR
GHG
;
S
20 'polypeptide(L)'
;RNLSALKRHRQSLKRRLRNKAKKSAIKTLSKKAIQLAQEGKAEEALKIMRKAESLIDKAAKGSTLHKNAAARRKSRLMRK
VRQLLEAAGAPLIGGGLSA
;
T
21 'polypeptide(L)' GKGDRRTRRGKIWRGTYGKYRPRK V
#
# COMPACT_ATOMS: atom_id res chain seq x y z
N VAL B 1 -8.76 -46.12 38.62
CA VAL B 1 -7.88 -46.14 39.78
C VAL B 1 -7.62 -44.74 40.37
N GLU B 2 -6.89 -44.70 41.48
CA GLU B 2 -6.69 -43.48 42.27
C GLU B 2 -5.23 -43.04 42.31
N ILE B 3 -4.98 -41.89 42.95
CA ILE B 3 -3.66 -41.27 42.97
C ILE B 3 -3.44 -40.47 44.27
N THR B 4 -2.20 -40.45 44.76
CA THR B 4 -1.87 -39.77 46.02
C THR B 4 -0.76 -38.75 45.88
N VAL B 5 -0.60 -37.99 46.95
CA VAL B 5 0.48 -37.03 47.14
C VAL B 5 1.81 -37.73 46.96
N LYS B 6 1.92 -38.90 47.58
CA LYS B 6 3.14 -39.71 47.61
C LYS B 6 3.77 -39.84 46.24
N GLU B 7 2.95 -40.27 45.29
CA GLU B 7 3.41 -40.72 43.98
C GLU B 7 3.86 -39.56 43.09
N LEU B 8 3.08 -38.48 43.16
CA LEU B 8 3.30 -37.30 42.35
C LEU B 8 4.68 -36.72 42.60
N LEU B 9 5.06 -36.69 43.88
CA LEU B 9 6.32 -36.08 44.30
C LEU B 9 7.52 -36.67 43.56
N GLU B 10 7.71 -37.98 43.69
CA GLU B 10 8.87 -38.67 43.11
C GLU B 10 9.05 -38.34 41.64
N ALA B 11 7.93 -37.98 41.00
CA ALA B 11 7.92 -37.61 39.59
C ALA B 11 8.60 -36.27 39.31
N GLY B 12 8.45 -35.32 40.23
CA GLY B 12 8.91 -33.98 39.98
C GLY B 12 7.74 -33.16 39.48
N VAL B 13 6.67 -33.16 40.26
CA VAL B 13 5.46 -32.44 39.94
C VAL B 13 5.40 -31.10 40.70
N HIS B 14 5.89 -31.11 41.94
CA HIS B 14 6.16 -29.89 42.71
C HIS B 14 7.28 -29.11 42.02
N PHE B 15 8.16 -29.85 41.34
CA PHE B 15 9.28 -29.27 40.61
C PHE B 15 8.82 -28.31 39.52
N GLY B 16 8.55 -27.06 39.88
CA GLY B 16 8.11 -26.08 38.91
C GLY B 16 9.18 -25.63 37.94
N HIS B 17 8.95 -24.47 37.34
CA HIS B 17 9.95 -23.86 36.48
C HIS B 17 10.39 -22.56 37.12
N GLU B 18 11.09 -21.73 36.35
CA GLU B 18 11.75 -20.53 36.87
C GLU B 18 10.83 -19.44 37.42
N ARG B 19 11.47 -18.34 37.83
CA ARG B 19 10.76 -17.15 38.29
C ARG B 19 11.02 -16.02 37.28
N LYS B 20 12.02 -16.25 36.43
CA LYS B 20 12.45 -15.30 35.39
C LYS B 20 11.64 -15.50 34.11
N ARG B 21 11.18 -16.74 33.94
CA ARG B 21 10.18 -17.11 32.96
C ARG B 21 8.96 -17.59 33.76
N TRP B 22 7.97 -16.72 33.90
CA TRP B 22 7.01 -16.82 34.98
C TRP B 22 5.71 -16.12 34.62
N ASN B 23 4.57 -16.77 34.89
CA ASN B 23 3.26 -16.15 34.70
C ASN B 23 2.56 -15.84 36.02
N PRO B 24 2.25 -14.55 36.25
CA PRO B 24 1.76 -14.00 37.52
C PRO B 24 0.44 -14.61 37.95
N LYS B 25 -0.38 -14.91 36.93
CA LYS B 25 -1.70 -15.45 37.15
C LYS B 25 -1.59 -16.83 37.76
N PHE B 26 -0.40 -17.43 37.65
CA PHE B 26 -0.18 -18.78 38.18
C PHE B 26 -0.14 -18.80 39.71
N ALA B 27 -0.36 -17.63 40.30
CA ALA B 27 -0.37 -17.40 41.75
C ALA B 27 -0.82 -18.60 42.58
N ARG B 28 -2.09 -18.60 42.99
CA ARG B 28 -2.72 -19.68 43.75
C ARG B 28 -1.98 -21.03 43.89
N TYR B 29 -1.21 -21.41 42.87
CA TYR B 29 -0.73 -22.80 42.70
C TYR B 29 0.65 -23.19 43.31
N ILE B 30 1.29 -22.30 44.06
CA ILE B 30 2.68 -22.53 44.46
C ILE B 30 2.82 -22.77 45.97
N TYR B 31 4.01 -23.21 46.40
CA TYR B 31 4.44 -23.14 47.81
C TYR B 31 5.37 -21.96 48.01
N ALA B 32 6.56 -22.02 47.40
CA ALA B 32 7.56 -20.93 47.46
C ALA B 32 8.73 -21.08 46.49
N GLU B 33 9.86 -20.49 46.87
CA GLU B 33 11.08 -20.52 46.06
C GLU B 33 12.32 -21.07 46.79
N ARG B 34 12.32 -22.38 47.03
CA ARG B 34 13.50 -23.10 47.50
C ARG B 34 14.51 -23.15 46.37
N ASN B 35 15.31 -22.08 46.29
CA ASN B 35 16.37 -21.86 45.30
C ASN B 35 15.84 -21.16 44.06
N GLY B 36 15.13 -20.06 44.29
CA GLY B 36 14.68 -19.19 43.21
C GLY B 36 13.75 -19.81 42.19
N ILE B 37 13.76 -21.15 42.09
CA ILE B 37 12.92 -21.85 41.11
C ILE B 37 11.76 -22.62 41.79
N HIS B 38 10.52 -22.21 41.45
CA HIS B 38 9.32 -22.41 42.26
C HIS B 38 8.98 -23.82 42.70
N ILE B 39 8.17 -23.90 43.74
CA ILE B 39 7.67 -25.20 44.19
C ILE B 39 6.15 -25.24 44.13
N ILE B 40 5.62 -26.16 43.32
CA ILE B 40 4.17 -26.32 43.19
C ILE B 40 3.58 -26.98 44.46
N ASP B 41 2.47 -26.40 44.92
CA ASP B 41 1.69 -26.96 46.01
C ASP B 41 0.84 -28.14 45.50
N LEU B 42 1.21 -29.36 45.85
CA LEU B 42 0.48 -30.51 45.30
C LEU B 42 -0.80 -30.76 46.04
N GLN B 43 -1.00 -30.09 47.18
CA GLN B 43 -2.31 -30.12 47.83
C GLN B 43 -3.28 -29.21 47.08
N LYS B 44 -2.74 -28.53 46.07
CA LYS B 44 -3.54 -27.83 45.05
C LYS B 44 -3.26 -28.45 43.67
N THR B 45 -2.73 -29.67 43.63
CA THR B 45 -2.86 -30.44 42.41
C THR B 45 -3.84 -31.56 42.73
N MET B 46 -3.91 -31.96 43.98
CA MET B 46 -4.96 -32.90 44.36
C MET B 46 -6.33 -32.28 44.06
N GLU B 47 -6.44 -30.96 44.18
CA GLU B 47 -7.67 -30.27 43.82
C GLU B 47 -7.94 -30.33 42.31
N GLU B 48 -7.03 -29.77 41.52
CA GLU B 48 -7.18 -29.72 40.06
C GLU B 48 -6.78 -31.00 39.31
N LEU B 49 -6.80 -32.13 40.02
CA LEU B 49 -6.55 -33.43 39.39
C LEU B 49 -7.74 -34.32 39.61
N GLU B 50 -8.32 -34.21 40.80
CA GLU B 50 -9.61 -34.78 41.05
C GLU B 50 -10.49 -34.27 39.91
N ARG B 51 -10.93 -33.02 40.05
CA ARG B 51 -11.84 -32.43 39.08
C ARG B 51 -11.40 -32.66 37.64
N THR B 52 -10.10 -32.66 37.39
CA THR B 52 -9.64 -32.87 36.02
C THR B 52 -9.35 -34.35 35.67
N PHE B 53 -9.92 -35.25 36.46
CA PHE B 53 -10.05 -36.65 36.02
C PHE B 53 -11.52 -37.04 35.92
N ARG B 54 -12.36 -36.42 36.75
CA ARG B 54 -13.81 -36.57 36.67
C ARG B 54 -14.23 -36.23 35.28
N PHE B 55 -13.79 -35.07 34.83
CA PHE B 55 -14.15 -34.63 33.51
C PHE B 55 -13.63 -35.56 32.41
N ILE B 56 -12.53 -36.24 32.64
CA ILE B 56 -12.09 -37.21 31.64
C ILE B 56 -12.86 -38.52 31.74
N GLU B 57 -13.21 -38.91 32.95
CA GLU B 57 -13.97 -40.12 33.14
C GLU B 57 -15.37 -40.01 32.51
N ASP B 58 -15.98 -38.83 32.52
CA ASP B 58 -17.30 -38.65 31.93
C ASP B 58 -17.20 -38.87 30.44
N LEU B 59 -16.19 -38.25 29.84
CA LEU B 59 -15.97 -38.31 28.41
C LEU B 59 -15.65 -39.71 27.89
N ALA B 60 -15.21 -40.62 28.74
CA ALA B 60 -14.94 -41.98 28.27
C ALA B 60 -16.15 -42.86 28.53
N MET B 61 -17.08 -42.34 29.35
CA MET B 61 -18.38 -42.94 29.62
C MET B 61 -19.45 -42.50 28.58
N ARG B 62 -19.26 -41.29 28.02
CA ARG B 62 -20.03 -40.83 26.87
C ARG B 62 -19.08 -40.84 25.66
N GLY B 63 -18.19 -41.85 25.67
CA GLY B 63 -17.19 -42.10 24.64
C GLY B 63 -16.65 -40.94 23.83
N GLY B 64 -15.79 -40.14 24.44
CA GLY B 64 -15.32 -38.93 23.79
C GLY B 64 -14.04 -39.18 23.05
N THR B 65 -13.76 -38.37 22.05
CA THR B 65 -12.49 -38.49 21.33
C THR B 65 -11.60 -37.32 21.72
N ILE B 66 -10.53 -37.63 22.47
CA ILE B 66 -9.67 -36.62 23.09
C ILE B 66 -8.35 -36.51 22.40
N LEU B 67 -8.06 -35.30 21.90
CA LEU B 67 -6.81 -35.03 21.21
C LEU B 67 -5.63 -35.11 22.17
N PHE B 68 -4.47 -35.52 21.69
CA PHE B 68 -3.27 -35.43 22.50
C PHE B 68 -2.20 -34.53 21.86
N VAL B 69 -1.77 -33.51 22.62
CA VAL B 69 -0.80 -32.54 22.11
C VAL B 69 0.48 -32.41 22.96
N GLY B 70 1.60 -32.88 22.41
CA GLY B 70 2.91 -32.64 23.00
C GLY B 70 3.95 -32.58 21.90
N THR B 71 4.66 -31.46 21.81
CA THR B 71 5.69 -31.28 20.76
C THR B 71 7.09 -31.11 21.35
N LYS B 72 7.17 -30.82 22.65
CA LYS B 72 8.44 -30.64 23.35
C LYS B 72 9.26 -31.92 23.32
N LYS B 73 10.40 -31.87 22.63
CA LYS B 73 11.15 -33.06 22.21
C LYS B 73 11.28 -34.27 23.15
N GLN B 74 10.91 -34.12 24.41
CA GLN B 74 10.94 -35.24 25.34
C GLN B 74 9.54 -35.84 25.41
N ALA B 75 8.57 -34.92 25.41
CA ALA B 75 7.15 -35.25 25.46
C ALA B 75 6.77 -36.28 24.40
N GLN B 76 6.84 -35.86 23.13
CA GLN B 76 6.57 -36.69 21.95
C GLN B 76 6.35 -38.18 22.19
N ASP B 77 7.42 -38.97 22.14
CA ASP B 77 7.29 -40.41 22.27
C ASP B 77 6.80 -40.90 23.64
N ILE B 78 6.33 -39.97 24.46
CA ILE B 78 5.55 -40.34 25.65
C ILE B 78 4.07 -39.97 25.45
N VAL B 79 3.81 -38.87 24.73
CA VAL B 79 2.47 -38.61 24.20
C VAL B 79 2.03 -39.87 23.46
N ARG B 80 2.83 -40.25 22.47
CA ARG B 80 2.71 -41.46 21.69
C ARG B 80 2.26 -42.65 22.51
N MET B 81 3.20 -43.41 23.06
CA MET B 81 2.85 -44.68 23.70
C MET B 81 1.88 -44.55 24.88
N GLU B 82 1.37 -43.35 25.11
CA GLU B 82 0.33 -43.17 26.10
C GLU B 82 -1.01 -42.81 25.45
N ALA B 83 -1.01 -42.45 24.16
CA ALA B 83 -2.27 -42.31 23.37
C ALA B 83 -2.65 -43.62 22.68
N GLU B 84 -1.68 -44.24 22.01
CA GLU B 84 -1.79 -45.61 21.49
C GLU B 84 -2.42 -46.62 22.42
N ARG B 85 -1.96 -46.65 23.66
CA ARG B 85 -2.61 -47.49 24.65
C ARG B 85 -4.07 -47.09 24.82
N ALA B 86 -4.37 -45.79 24.72
CA ALA B 86 -5.72 -45.26 25.00
C ALA B 86 -6.75 -45.41 23.88
N GLY B 87 -6.27 -45.77 22.69
CA GLY B 87 -7.03 -45.61 21.47
C GLY B 87 -7.32 -44.13 21.36
N MET B 88 -6.51 -43.42 20.59
CA MET B 88 -6.62 -41.96 20.56
C MET B 88 -6.03 -41.34 19.30
N PRO B 89 -6.30 -40.03 19.12
CA PRO B 89 -5.59 -39.17 18.17
C PRO B 89 -4.59 -38.25 18.88
N TYR B 90 -3.40 -38.12 18.32
CA TYR B 90 -2.37 -37.34 18.98
C TYR B 90 -1.58 -36.48 18.00
N VAL B 91 -1.37 -35.21 18.33
CA VAL B 91 -0.40 -34.42 17.59
C VAL B 91 0.90 -34.45 18.38
N ASN B 92 1.78 -35.37 18.00
CA ASN B 92 3.08 -35.54 18.66
C ASN B 92 4.13 -34.74 17.90
N GLN B 93 4.01 -34.77 16.59
CA GLN B 93 5.06 -34.27 15.73
C GLN B 93 5.21 -32.77 15.75
N ARG B 94 4.26 -32.10 15.12
CA ARG B 94 4.28 -30.66 15.04
C ARG B 94 2.87 -30.21 14.71
N TRP B 95 2.28 -29.45 15.63
CA TRP B 95 0.99 -28.85 15.42
C TRP B 95 0.94 -28.06 14.13
N LEU B 96 -0.27 -27.99 13.55
CA LEU B 96 -0.56 -27.12 12.41
C LEU B 96 -1.70 -26.16 12.70
N GLY B 97 -1.43 -24.89 12.40
CA GLY B 97 -2.42 -23.83 12.55
C GLY B 97 -3.48 -24.09 11.52
N GLY B 98 -4.63 -24.57 11.98
CA GLY B 98 -5.63 -25.11 11.09
C GLY B 98 -6.32 -26.34 11.63
N MET B 99 -5.60 -27.48 11.71
CA MET B 99 -6.03 -28.76 12.30
C MET B 99 -7.21 -28.73 13.29
N LEU B 100 -7.87 -27.58 13.43
CA LEU B 100 -9.08 -27.40 14.21
C LEU B 100 -9.95 -26.27 13.62
N THR B 101 -9.44 -25.06 13.48
CA THR B 101 -10.18 -24.08 12.66
C THR B 101 -9.75 -24.17 11.21
N ASN B 102 -10.03 -25.33 10.61
CA ASN B 102 -9.67 -25.69 9.22
C ASN B 102 -9.57 -27.20 9.04
N PHE B 103 -10.26 -27.96 9.91
CA PHE B 103 -10.20 -29.43 9.88
C PHE B 103 -10.45 -30.00 8.46
N LYS B 104 -11.32 -29.34 7.70
CA LYS B 104 -11.56 -29.69 6.30
C LYS B 104 -10.25 -29.56 5.52
N THR B 105 -9.76 -28.31 5.36
CA THR B 105 -8.55 -28.02 4.55
C THR B 105 -7.39 -28.96 4.89
N ILE B 106 -7.21 -29.21 6.19
CA ILE B 106 -6.30 -30.26 6.65
C ILE B 106 -6.84 -31.61 6.17
N SER B 107 -8.02 -32.01 6.63
CA SER B 107 -8.46 -33.37 6.34
C SER B 107 -8.63 -33.76 4.87
N GLN B 108 -8.43 -32.80 3.97
CA GLN B 108 -8.33 -33.08 2.55
C GLN B 108 -6.94 -33.67 2.31
N ARG B 109 -6.14 -33.72 3.37
CA ARG B 109 -4.79 -34.23 3.31
C ARG B 109 -4.64 -35.60 3.97
N VAL B 110 -5.60 -35.99 4.81
CA VAL B 110 -5.56 -37.36 5.32
C VAL B 110 -5.83 -38.26 4.15
N HIS B 111 -6.98 -38.01 3.52
CA HIS B 111 -7.51 -38.85 2.47
C HIS B 111 -6.47 -38.99 1.38
N ARG B 112 -5.67 -37.93 1.19
CA ARG B 112 -4.57 -37.94 0.23
C ARG B 112 -3.41 -38.84 0.73
N LEU B 113 -3.47 -39.23 1.99
CA LEU B 113 -2.49 -40.18 2.51
C LEU B 113 -3.04 -41.58 2.37
N GLU B 114 -4.35 -41.69 2.60
CA GLU B 114 -5.10 -42.96 2.65
C GLU B 114 -5.25 -43.47 1.24
N GLU B 115 -5.36 -42.53 0.32
CA GLU B 115 -5.29 -42.77 -1.12
C GLU B 115 -3.91 -43.27 -1.54
N LEU B 116 -2.86 -42.75 -0.89
CA LEU B 116 -1.50 -43.04 -1.33
C LEU B 116 -0.91 -44.33 -0.73
N GLU B 117 -1.41 -44.70 0.45
CA GLU B 117 -1.13 -46.01 1.01
C GLU B 117 -1.68 -47.07 0.07
N ALA B 118 -2.91 -46.86 -0.37
CA ALA B 118 -3.55 -47.82 -1.25
C ALA B 118 -3.00 -47.78 -2.68
N LEU B 119 -2.57 -46.60 -3.15
CA LEU B 119 -1.89 -46.49 -4.46
C LEU B 119 -0.62 -47.34 -4.44
N PHE B 120 0.09 -47.35 -3.31
CA PHE B 120 1.33 -48.11 -3.19
C PHE B 120 1.18 -49.61 -2.96
N ALA B 121 -0.01 -50.01 -2.55
CA ALA B 121 -0.34 -51.44 -2.46
C ALA B 121 -0.37 -52.05 -3.87
N SER B 122 -1.30 -51.56 -4.70
CA SER B 122 -1.51 -52.03 -6.08
C SER B 122 -0.25 -52.07 -6.94
N PRO B 123 -0.34 -52.68 -8.14
CA PRO B 123 0.83 -52.63 -9.02
C PRO B 123 0.90 -51.38 -9.89
N GLU B 124 -0.19 -50.64 -10.01
CA GLU B 124 -0.28 -49.55 -10.98
C GLU B 124 0.71 -48.41 -10.71
N ILE B 125 1.27 -48.40 -9.51
CA ILE B 125 2.25 -47.39 -9.14
C ILE B 125 3.50 -47.51 -10.02
N GLU B 126 4.03 -48.73 -10.09
CA GLU B 126 5.27 -49.05 -10.79
C GLU B 126 5.21 -48.65 -12.28
N GLU B 127 3.99 -48.52 -12.78
CA GLU B 127 3.75 -48.14 -14.17
C GLU B 127 4.12 -46.67 -14.39
N ARG B 128 3.77 -45.83 -13.42
CA ARG B 128 4.10 -44.41 -13.48
C ARG B 128 5.62 -44.29 -13.58
N PRO B 129 6.11 -43.43 -14.50
CA PRO B 129 7.54 -43.15 -14.70
C PRO B 129 8.35 -42.88 -13.40
N LYS B 130 9.47 -43.59 -13.19
CA LYS B 130 10.10 -43.67 -11.87
C LYS B 130 10.59 -42.34 -11.26
N LYS B 131 10.50 -41.26 -12.02
CA LYS B 131 10.77 -39.91 -11.50
C LYS B 131 9.71 -39.57 -10.46
N GLU B 132 8.43 -39.73 -10.86
CA GLU B 132 7.28 -39.55 -9.98
C GLU B 132 7.28 -40.58 -8.86
N GLN B 133 7.79 -41.78 -9.17
CA GLN B 133 7.75 -42.92 -8.26
C GLN B 133 8.44 -42.63 -6.92
N VAL B 134 9.69 -42.20 -6.99
CA VAL B 134 10.39 -41.80 -5.78
C VAL B 134 9.81 -40.50 -5.30
N ARG B 135 9.58 -39.57 -6.22
CA ARG B 135 8.96 -38.29 -5.90
C ARG B 135 7.66 -38.48 -5.11
N LEU B 136 6.65 -39.14 -5.71
CA LEU B 136 5.39 -39.39 -5.00
C LEU B 136 5.58 -40.35 -3.79
N LYS B 137 6.75 -41.00 -3.70
CA LYS B 137 7.08 -41.79 -2.52
C LYS B 137 7.20 -40.84 -1.33
N HIS B 138 8.13 -39.89 -1.44
CA HIS B 138 8.40 -38.87 -0.41
C HIS B 138 7.17 -38.38 0.30
N GLU B 139 6.13 -38.15 -0.48
CA GLU B 139 4.90 -37.56 0.01
C GLU B 139 4.16 -38.51 0.93
N LEU B 140 4.34 -39.81 0.69
CA LEU B 140 3.78 -40.83 1.57
C LEU B 140 4.22 -40.62 3.04
N GLU B 141 5.53 -40.62 3.28
CA GLU B 141 6.09 -40.52 4.63
C GLU B 141 5.90 -39.16 5.26
N ARG B 142 6.00 -38.10 4.47
CA ARG B 142 5.67 -36.76 4.95
C ARG B 142 4.34 -36.78 5.69
N LEU B 143 3.37 -37.45 5.08
CA LEU B 143 2.01 -37.51 5.61
C LEU B 143 1.91 -38.45 6.82
N GLN B 144 2.66 -39.55 6.78
CA GLN B 144 2.75 -40.50 7.90
C GLN B 144 3.47 -39.89 9.11
N LYS B 145 4.39 -38.98 8.83
CA LYS B 145 5.07 -38.23 9.87
C LYS B 145 4.03 -37.42 10.63
N TYR B 146 3.66 -36.29 10.04
CA TYR B 146 2.92 -35.28 10.76
C TYR B 146 1.46 -35.64 11.00
N LEU B 147 1.08 -36.88 10.72
CA LEU B 147 -0.33 -37.27 10.89
C LEU B 147 -0.64 -38.63 11.50
N SER B 148 0.34 -39.53 11.62
CA SER B 148 0.06 -40.89 12.14
C SER B 148 -0.67 -40.94 13.49
N GLY B 149 -1.12 -39.79 13.96
CA GLY B 149 -2.07 -39.70 15.06
C GLY B 149 -3.35 -39.01 14.61
N PHE B 150 -3.25 -38.19 13.56
CA PHE B 150 -4.40 -37.42 13.05
C PHE B 150 -5.42 -38.30 12.34
N ARG B 151 -4.92 -39.35 11.68
CA ARG B 151 -5.76 -40.22 10.86
C ARG B 151 -7.03 -40.66 11.57
N LEU B 152 -6.89 -41.16 12.79
CA LEU B 152 -8.06 -41.68 13.48
C LEU B 152 -8.94 -40.56 14.00
N LEU B 153 -8.60 -39.32 13.67
CA LEU B 153 -9.47 -38.18 13.97
C LEU B 153 -10.38 -37.90 12.77
N LYS B 154 -11.54 -38.53 12.76
CA LYS B 154 -12.41 -38.43 11.61
C LYS B 154 -13.35 -37.24 11.70
N ARG B 155 -13.50 -36.70 12.91
CA ARG B 155 -14.27 -35.48 13.13
C ARG B 155 -13.56 -34.58 14.17
N LEU B 156 -14.29 -33.63 14.75
CA LEU B 156 -13.70 -32.72 15.73
C LEU B 156 -13.86 -33.20 17.18
N PRO B 157 -12.72 -33.32 17.91
CA PRO B 157 -12.49 -33.86 19.24
C PRO B 157 -13.30 -33.20 20.36
N ASP B 158 -13.69 -33.96 21.39
CA ASP B 158 -14.50 -33.44 22.51
C ASP B 158 -13.70 -32.67 23.58
N ALA B 159 -12.37 -32.82 23.51
CA ALA B 159 -11.45 -32.15 24.41
C ALA B 159 -10.01 -32.35 23.96
N ILE B 160 -9.25 -31.26 23.91
CA ILE B 160 -7.83 -31.34 23.60
C ILE B 160 -6.99 -31.35 24.88
N PHE B 161 -5.86 -32.07 24.81
CA PHE B 161 -5.04 -32.43 25.95
C PHE B 161 -3.58 -32.01 25.75
N VAL B 162 -3.20 -30.90 26.37
CA VAL B 162 -1.90 -30.31 26.11
C VAL B 162 -0.90 -30.64 27.19
N VAL B 163 0.37 -30.66 26.81
CA VAL B 163 1.47 -30.70 27.77
C VAL B 163 2.38 -29.53 27.41
N ASP B 164 2.02 -28.34 27.93
CA ASP B 164 2.53 -26.98 27.60
C ASP B 164 1.50 -26.08 26.83
N PRO B 165 0.65 -25.37 27.59
CA PRO B 165 -0.32 -24.33 27.18
C PRO B 165 0.30 -22.97 26.87
N THR B 166 1.57 -23.02 26.45
CA THR B 166 2.36 -21.85 26.06
C THR B 166 3.21 -22.13 24.81
N LYS B 167 3.58 -23.39 24.61
CA LYS B 167 4.23 -23.80 23.35
C LYS B 167 3.15 -23.93 22.28
N GLU B 168 2.14 -24.73 22.60
CA GLU B 168 0.96 -24.84 21.77
C GLU B 168 -0.15 -24.06 22.41
N ALA B 169 0.10 -22.79 22.70
CA ALA B 169 -0.98 -21.90 23.09
C ALA B 169 -1.63 -21.51 21.78
N ILE B 170 -1.05 -22.02 20.69
CA ILE B 170 -1.65 -22.06 19.34
C ILE B 170 -2.91 -22.93 19.35
N ALA B 171 -2.68 -24.23 19.56
CA ALA B 171 -3.71 -25.26 19.63
C ALA B 171 -4.80 -24.85 20.59
N VAL B 172 -4.45 -24.69 21.83
CA VAL B 172 -5.37 -24.22 22.84
C VAL B 172 -6.26 -23.06 22.37
N ARG B 173 -5.73 -22.21 21.47
CA ARG B 173 -6.43 -21.02 21.01
C ARG B 173 -7.36 -21.31 19.86
N GLU B 174 -7.19 -22.50 19.25
CA GLU B 174 -8.10 -23.02 18.24
C GLU B 174 -9.35 -23.57 18.94
N ALA B 175 -9.20 -24.68 19.66
CA ALA B 175 -10.25 -25.16 20.59
C ALA B 175 -10.81 -24.10 21.58
N ARG B 176 -10.28 -22.90 21.48
CA ARG B 176 -10.76 -21.75 22.24
C ARG B 176 -11.97 -21.37 21.44
N LYS B 177 -11.75 -21.22 20.13
CA LYS B 177 -12.73 -20.62 19.20
C LYS B 177 -13.89 -21.57 18.92
N LEU B 178 -13.52 -22.71 18.33
CA LEU B 178 -14.44 -23.79 18.18
C LEU B 178 -14.61 -24.43 19.53
N PHE B 179 -15.51 -23.86 20.36
CA PHE B 179 -15.80 -24.28 21.76
C PHE B 179 -15.57 -25.74 22.16
N ILE B 180 -14.35 -26.24 21.95
CA ILE B 180 -13.87 -27.46 22.57
C ILE B 180 -13.35 -27.13 23.99
N PRO B 181 -13.55 -28.06 24.95
CA PRO B 181 -12.85 -27.89 26.22
C PRO B 181 -11.35 -28.29 26.14
N VAL B 182 -10.53 -27.64 27.00
CA VAL B 182 -9.07 -27.81 27.04
C VAL B 182 -8.57 -28.52 28.31
N ILE B 183 -7.73 -29.54 28.11
CA ILE B 183 -7.11 -30.25 29.22
C ILE B 183 -5.60 -30.15 29.19
N ALA B 184 -5.04 -29.26 30.01
CA ALA B 184 -3.61 -28.96 29.96
C ALA B 184 -2.80 -29.34 31.22
N LEU B 185 -1.53 -29.72 30.97
CA LEU B 185 -0.49 -29.96 32.00
C LEU B 185 0.53 -28.82 31.99
N ALA B 186 0.50 -28.02 33.06
CA ALA B 186 1.21 -26.76 33.07
C ALA B 186 2.04 -26.52 34.32
N ASP B 187 3.27 -26.06 34.12
CA ASP B 187 4.06 -25.48 35.21
C ASP B 187 3.69 -23.98 35.38
N THR B 188 4.67 -23.16 35.72
CA THR B 188 4.39 -21.79 36.07
C THR B 188 4.44 -20.82 34.89
N ASP B 189 5.17 -21.17 33.83
CA ASP B 189 5.36 -20.26 32.69
C ASP B 189 4.19 -20.29 31.70
N SER B 190 2.97 -20.35 32.22
CA SER B 190 1.81 -20.67 31.38
C SER B 190 0.47 -20.09 31.86
N ASP B 191 -0.19 -19.30 31.01
CA ASP B 191 -1.48 -18.71 31.39
C ASP B 191 -2.51 -19.79 31.69
N PRO B 192 -3.04 -19.80 32.93
CA PRO B 192 -3.91 -20.86 33.47
C PRO B 192 -5.39 -20.52 33.53
N ASP B 193 -5.79 -19.41 32.93
CA ASP B 193 -7.22 -19.08 32.77
C ASP B 193 -7.67 -19.57 31.38
N LEU B 194 -6.70 -19.64 30.48
CA LEU B 194 -6.84 -20.32 29.18
C LEU B 194 -6.98 -21.83 29.30
N VAL B 195 -7.35 -22.34 30.46
CA VAL B 195 -7.74 -23.75 30.57
C VAL B 195 -8.85 -23.95 31.60
N ASP B 196 -9.75 -24.84 31.19
CA ASP B 196 -10.95 -25.20 31.89
C ASP B 196 -10.60 -26.38 32.81
N TYR B 197 -9.98 -27.40 32.24
CA TYR B 197 -9.59 -28.57 33.00
C TYR B 197 -8.08 -28.74 32.96
N ILE B 198 -7.45 -28.42 34.09
CA ILE B 198 -6.03 -28.06 34.15
C ILE B 198 -5.24 -28.88 35.17
N ILE B 199 -4.05 -29.34 34.78
CA ILE B 199 -3.11 -29.95 35.73
C ILE B 199 -1.84 -29.10 35.94
N PRO B 200 -1.70 -28.51 37.16
CA PRO B 200 -0.44 -27.92 37.63
C PRO B 200 0.59 -29.00 38.00
N GLY B 201 1.73 -28.94 37.31
CA GLY B 201 2.76 -29.96 37.39
C GLY B 201 3.84 -29.63 36.36
N ASN B 202 4.75 -30.55 36.13
CA ASN B 202 5.90 -30.21 35.31
C ASN B 202 5.69 -30.27 33.79
N ASP B 203 6.09 -29.20 33.12
CA ASP B 203 6.23 -29.14 31.67
C ASP B 203 7.17 -30.18 31.06
N ASP B 204 8.42 -30.20 31.54
CA ASP B 204 9.53 -30.85 30.84
C ASP B 204 10.12 -32.08 31.54
N ALA B 205 9.62 -32.39 32.73
CA ALA B 205 10.09 -33.55 33.50
C ALA B 205 9.56 -34.84 32.88
N ILE B 206 10.44 -35.56 32.20
CA ILE B 206 10.09 -36.78 31.46
C ILE B 206 9.62 -37.91 32.38
N ARG B 207 9.40 -37.57 33.65
CA ARG B 207 8.80 -38.49 34.58
C ARG B 207 7.53 -37.89 35.16
N SER B 208 7.38 -36.58 35.02
CA SER B 208 6.14 -35.89 35.41
C SER B 208 5.06 -36.03 34.32
N ILE B 209 5.47 -35.72 33.09
CA ILE B 209 4.78 -36.18 31.90
C ILE B 209 4.35 -37.63 32.12
N GLN B 210 5.33 -38.52 32.21
CA GLN B 210 5.16 -39.97 32.31
C GLN B 210 4.11 -40.48 33.27
N LEU B 211 4.13 -40.02 34.53
CA LEU B 211 3.08 -40.49 35.42
C LEU B 211 1.71 -39.98 34.97
N ILE B 212 1.57 -38.66 34.86
CA ILE B 212 0.28 -38.03 34.56
C ILE B 212 -0.52 -38.55 33.33
N LEU B 213 0.16 -38.80 32.21
CA LEU B 213 -0.47 -39.42 31.04
C LEU B 213 -0.84 -40.85 31.42
N SER B 214 0.16 -41.65 31.77
CA SER B 214 -0.07 -43.04 32.19
C SER B 214 -0.94 -43.23 33.45
N ARG B 215 -1.53 -42.16 33.95
CA ARG B 215 -2.52 -42.29 35.02
C ARG B 215 -3.82 -41.67 34.57
N ALA B 216 -3.73 -40.89 33.49
CA ALA B 216 -4.90 -40.37 32.78
C ALA B 216 -5.47 -41.48 31.89
N VAL B 217 -4.58 -42.11 31.16
CA VAL B 217 -4.91 -43.11 30.17
C VAL B 217 -5.34 -44.41 30.85
N ASP B 218 -5.36 -44.37 32.17
CA ASP B 218 -6.02 -45.41 32.90
C ASP B 218 -7.48 -45.03 33.10
N LEU B 219 -7.72 -43.85 33.66
CA LEU B 219 -9.09 -43.42 33.95
C LEU B 219 -9.77 -43.01 32.67
N ILE B 220 -9.20 -43.50 31.57
CA ILE B 220 -9.85 -43.58 30.28
C ILE B 220 -10.36 -45.01 30.10
N ILE B 221 -9.44 -45.96 30.02
CA ILE B 221 -9.79 -47.33 29.67
C ILE B 221 -10.61 -48.00 30.76
N GLN B 222 -10.29 -47.72 32.01
CA GLN B 222 -11.08 -48.24 33.14
C GLN B 222 -12.51 -47.76 33.01
N ALA B 223 -12.67 -46.54 32.52
CA ALA B 223 -13.97 -45.92 32.35
C ALA B 223 -14.60 -46.32 31.03
N ARG B 224 -13.86 -47.12 30.25
CA ARG B 224 -14.38 -47.76 29.04
C ARG B 224 -14.23 -49.27 29.15
N GLY B 225 -14.39 -49.77 30.38
CA GLY B 225 -14.32 -51.19 30.71
C GLY B 225 -13.21 -52.00 30.07
N GLY B 226 -12.14 -52.29 30.80
CA GLY B 226 -11.04 -53.08 30.26
C GLY B 226 -9.67 -52.89 30.90
N GLY C 1 1.43 -11.00 -27.45
CA GLY C 1 1.35 -12.16 -28.32
C GLY C 1 2.53 -13.09 -28.16
N ASN C 2 2.46 -13.90 -27.12
CA ASN C 2 3.62 -14.67 -26.70
C ASN C 2 3.58 -16.20 -26.94
N LYS C 3 2.38 -16.81 -26.88
CA LYS C 3 2.28 -18.29 -26.81
C LYS C 3 1.81 -19.05 -28.07
N ILE C 4 1.70 -20.37 -27.92
CA ILE C 4 1.36 -21.20 -29.07
C ILE C 4 0.04 -21.97 -28.99
N HIS C 5 -0.60 -22.02 -30.16
CA HIS C 5 -1.77 -22.83 -30.50
C HIS C 5 -1.64 -24.24 -29.94
N PRO C 6 -2.67 -24.74 -29.26
CA PRO C 6 -2.53 -26.03 -28.58
C PRO C 6 -2.61 -27.23 -29.52
N ILE C 7 -3.56 -27.17 -30.46
CA ILE C 7 -3.77 -28.25 -31.41
C ILE C 7 -2.51 -28.42 -32.26
N GLY C 8 -2.12 -27.35 -32.95
CA GLY C 8 -0.97 -27.35 -33.83
C GLY C 8 0.32 -27.75 -33.14
N PHE C 9 0.22 -28.14 -31.88
CA PHE C 9 1.35 -28.60 -31.08
C PHE C 9 1.37 -30.12 -31.10
N ARG C 10 0.19 -30.71 -30.91
CA ARG C 10 0.11 -32.16 -30.73
C ARG C 10 -0.19 -32.92 -32.02
N LEU C 11 0.05 -32.22 -33.12
CA LEU C 11 0.09 -32.79 -34.46
C LEU C 11 0.69 -34.17 -34.48
N GLY C 12 -0.13 -35.16 -34.18
CA GLY C 12 0.30 -36.55 -34.19
C GLY C 12 1.10 -36.78 -32.94
N ILE C 13 0.60 -36.21 -31.85
CA ILE C 13 1.22 -36.46 -30.57
C ILE C 13 0.13 -36.78 -29.54
N THR C 14 -0.99 -36.06 -29.62
CA THR C 14 -2.19 -36.34 -28.81
C THR C 14 -3.42 -35.70 -29.49
N ARG C 15 -3.37 -35.67 -30.81
CA ARG C 15 -4.46 -35.13 -31.62
C ARG C 15 -4.48 -35.89 -32.94
N ASP C 16 -5.00 -35.22 -33.97
CA ASP C 16 -4.91 -35.73 -35.34
C ASP C 16 -5.34 -34.71 -36.39
N TRP C 17 -4.77 -34.82 -37.59
CA TRP C 17 -5.16 -33.95 -38.71
C TRP C 17 -6.61 -34.21 -39.08
N GLU C 18 -7.32 -33.17 -39.50
CA GLU C 18 -8.67 -33.36 -40.04
C GLU C 18 -8.61 -34.04 -41.41
N SER C 19 -8.01 -33.37 -42.40
CA SER C 19 -7.81 -33.92 -43.75
C SER C 19 -6.68 -34.97 -43.81
N ARG C 20 -6.99 -36.26 -43.87
CA ARG C 20 -5.96 -37.32 -43.72
C ARG C 20 -5.71 -38.19 -44.97
N TRP C 21 -4.91 -37.68 -45.90
CA TRP C 21 -4.71 -38.32 -47.19
C TRP C 21 -3.33 -38.93 -47.42
N TYR C 22 -2.97 -38.92 -48.69
CA TYR C 22 -1.59 -38.84 -49.16
C TYR C 22 -1.68 -37.72 -50.23
N ALA C 23 -0.62 -37.48 -51.00
CA ALA C 23 -0.60 -36.63 -52.23
C ALA C 23 0.80 -36.48 -52.84
N GLY C 24 0.85 -36.26 -54.15
CA GLY C 24 2.10 -36.01 -54.85
C GLY C 24 2.27 -34.51 -54.93
N LYS C 25 3.37 -34.06 -55.49
CA LYS C 25 3.63 -32.63 -55.60
C LYS C 25 2.66 -31.97 -56.57
N LYS C 26 2.21 -32.77 -57.53
CA LYS C 26 1.29 -32.32 -58.56
C LYS C 26 -0.07 -32.10 -57.91
N GLN C 27 -0.47 -33.10 -57.13
CA GLN C 27 -1.82 -33.23 -56.60
C GLN C 27 -2.11 -32.41 -55.32
N TYR C 28 -1.21 -32.46 -54.33
CA TYR C 28 -1.38 -31.80 -53.00
C TYR C 28 -1.79 -30.33 -53.06
N ARG C 29 -1.20 -29.61 -54.03
CA ARG C 29 -1.47 -28.18 -54.31
C ARG C 29 -2.93 -27.84 -54.67
N HIS C 30 -3.47 -28.68 -55.57
CA HIS C 30 -4.83 -28.60 -56.09
C HIS C 30 -5.77 -29.31 -55.12
N LEU C 31 -5.46 -30.57 -54.87
CA LEU C 31 -6.21 -31.40 -53.92
C LEU C 31 -6.60 -30.69 -52.64
N LEU C 32 -5.66 -29.98 -52.04
CA LEU C 32 -5.96 -29.28 -50.80
C LEU C 32 -6.79 -28.04 -51.05
N LEU C 33 -6.42 -27.29 -52.09
CA LEU C 33 -7.19 -26.13 -52.52
C LEU C 33 -8.67 -26.47 -52.51
N GLU C 34 -8.98 -27.70 -52.90
CA GLU C 34 -10.35 -28.22 -52.95
C GLU C 34 -10.99 -28.27 -51.57
N ASP C 35 -10.25 -28.83 -50.60
CA ASP C 35 -10.76 -29.03 -49.24
C ASP C 35 -11.19 -27.71 -48.61
N GLN C 36 -10.55 -26.63 -49.05
CA GLN C 36 -10.75 -25.28 -48.48
C GLN C 36 -11.87 -24.56 -49.23
N ARG C 37 -12.55 -25.31 -50.09
CA ARG C 37 -13.77 -24.90 -50.74
C ARG C 37 -14.85 -25.75 -50.08
N ILE C 38 -14.56 -27.05 -50.00
CA ILE C 38 -15.41 -28.02 -49.30
C ILE C 38 -15.76 -27.49 -47.91
N ARG C 39 -14.74 -27.00 -47.21
CA ARG C 39 -14.85 -26.48 -45.85
C ARG C 39 -15.25 -25.01 -45.76
N GLY C 40 -15.50 -24.39 -46.90
CA GLY C 40 -15.96 -23.00 -46.91
C GLY C 40 -17.46 -22.96 -47.14
N LEU C 41 -17.91 -23.85 -48.02
CA LEU C 41 -19.33 -24.00 -48.29
C LEU C 41 -19.97 -24.73 -47.13
N LEU C 42 -19.44 -25.91 -46.81
CA LEU C 42 -19.94 -26.75 -45.73
C LEU C 42 -20.19 -25.93 -44.46
N GLU C 43 -19.17 -25.16 -44.05
CA GLU C 43 -19.28 -24.22 -42.94
C GLU C 43 -20.40 -23.20 -43.17
N LYS C 44 -20.11 -22.16 -43.96
CA LYS C 44 -21.06 -21.08 -44.30
C LYS C 44 -22.56 -21.40 -44.14
N GLU C 45 -22.93 -22.61 -44.54
CA GLU C 45 -24.31 -23.06 -44.43
C GLU C 45 -24.58 -23.66 -43.05
N LEU C 46 -23.98 -24.83 -42.81
CA LEU C 46 -24.20 -25.61 -41.59
C LEU C 46 -24.13 -24.90 -40.23
N TYR C 47 -24.03 -23.56 -40.24
CA TYR C 47 -23.68 -22.81 -39.02
C TYR C 47 -24.63 -23.04 -37.87
N SER C 48 -25.91 -22.80 -38.12
CA SER C 48 -26.92 -22.92 -37.09
C SER C 48 -27.26 -24.39 -36.80
N ALA C 49 -26.37 -25.30 -37.23
CA ALA C 49 -26.46 -26.72 -36.86
C ALA C 49 -25.44 -27.03 -35.79
N GLY C 50 -24.43 -26.16 -35.67
CA GLY C 50 -23.33 -26.35 -34.74
C GLY C 50 -22.34 -27.35 -35.28
N LEU C 51 -21.55 -26.94 -36.28
CA LEU C 51 -20.61 -27.87 -36.89
C LEU C 51 -19.26 -27.80 -36.19
N ALA C 52 -18.67 -28.99 -35.94
CA ALA C 52 -17.39 -29.11 -35.23
C ALA C 52 -16.21 -29.51 -36.11
N ARG C 53 -15.89 -30.80 -36.10
CA ARG C 53 -14.70 -31.31 -36.76
C ARG C 53 -14.98 -31.99 -38.11
N VAL C 54 -14.33 -31.49 -39.16
CA VAL C 54 -14.63 -31.87 -40.54
C VAL C 54 -13.56 -32.75 -41.20
N ASP C 55 -13.66 -34.06 -41.03
CA ASP C 55 -12.74 -35.00 -41.70
C ASP C 55 -12.91 -35.03 -43.22
N ILE C 56 -11.83 -35.29 -43.96
CA ILE C 56 -11.85 -35.37 -45.43
C ILE C 56 -10.86 -36.45 -45.92
N GLU C 57 -10.93 -37.64 -45.35
CA GLU C 57 -10.01 -38.72 -45.78
C GLU C 57 -10.05 -38.95 -47.31
N ARG C 58 -8.99 -39.52 -47.89
CA ARG C 58 -8.95 -39.64 -49.36
C ARG C 58 -8.28 -40.89 -49.95
N ALA C 59 -8.97 -41.51 -50.90
CA ALA C 59 -8.43 -42.58 -51.76
C ALA C 59 -8.37 -42.09 -53.21
N ALA C 60 -8.24 -43.01 -54.16
CA ALA C 60 -8.11 -42.63 -55.57
C ALA C 60 -9.34 -41.87 -56.09
N ASP C 61 -9.26 -40.53 -56.03
CA ASP C 61 -10.36 -39.61 -56.40
C ASP C 61 -11.73 -39.95 -55.77
N ASN C 62 -11.68 -40.55 -54.59
CA ASN C 62 -12.83 -40.72 -53.70
C ASN C 62 -12.63 -39.84 -52.46
N VAL C 63 -13.42 -38.77 -52.36
CA VAL C 63 -13.39 -37.91 -51.17
C VAL C 63 -14.27 -38.58 -50.11
N ALA C 64 -13.97 -38.32 -48.84
CA ALA C 64 -14.68 -39.01 -47.74
C ALA C 64 -15.11 -38.07 -46.61
N VAL C 65 -15.86 -37.02 -46.96
CA VAL C 65 -16.24 -35.98 -46.01
C VAL C 65 -17.17 -36.44 -44.90
N THR C 66 -16.59 -36.82 -43.75
CA THR C 66 -17.33 -37.01 -42.50
C THR C 66 -17.66 -35.60 -41.92
N VAL C 67 -18.50 -35.51 -40.89
CA VAL C 67 -18.91 -34.24 -40.27
C VAL C 67 -19.43 -34.47 -38.83
N HIS C 68 -18.79 -33.84 -37.86
CA HIS C 68 -19.27 -33.84 -36.48
C HIS C 68 -20.05 -32.56 -36.27
N VAL C 69 -21.23 -32.69 -35.69
CA VAL C 69 -22.08 -31.53 -35.61
C VAL C 69 -23.08 -31.68 -34.48
N ALA C 70 -23.40 -30.54 -33.85
CA ALA C 70 -24.26 -30.48 -32.67
C ALA C 70 -25.59 -31.16 -32.87
N LYS C 71 -26.18 -30.86 -34.04
CA LYS C 71 -27.60 -31.05 -34.30
C LYS C 71 -27.86 -31.76 -35.67
N PRO C 72 -27.81 -33.13 -35.72
CA PRO C 72 -27.63 -33.84 -37.00
C PRO C 72 -28.84 -33.68 -37.90
N GLY C 73 -29.98 -33.36 -37.30
CA GLY C 73 -31.20 -33.12 -38.05
C GLY C 73 -31.47 -31.66 -38.38
N VAL C 74 -30.42 -30.87 -38.56
CA VAL C 74 -30.53 -29.56 -39.22
C VAL C 74 -29.52 -29.60 -40.35
N VAL C 75 -28.81 -30.71 -40.37
CA VAL C 75 -28.03 -31.14 -41.53
C VAL C 75 -28.98 -31.94 -42.43
N ILE C 76 -29.88 -32.66 -41.78
CA ILE C 76 -30.82 -33.60 -42.42
C ILE C 76 -32.06 -32.90 -43.03
N GLY C 77 -32.91 -32.30 -42.20
CA GLY C 77 -34.17 -31.74 -42.64
C GLY C 77 -35.30 -32.60 -42.11
N ARG C 78 -36.29 -32.91 -42.95
CA ARG C 78 -37.27 -33.97 -42.63
C ARG C 78 -37.02 -35.18 -43.53
N GLY C 79 -36.79 -36.34 -42.90
CA GLY C 79 -36.61 -37.61 -43.59
C GLY C 79 -35.23 -37.96 -44.14
N GLY C 80 -34.61 -37.01 -44.85
CA GLY C 80 -33.39 -37.23 -45.61
C GLY C 80 -33.39 -36.25 -46.75
N GLU C 81 -34.20 -35.19 -46.57
CA GLU C 81 -34.59 -34.17 -47.56
C GLU C 81 -33.53 -33.13 -47.91
N ARG C 82 -32.88 -32.56 -46.90
CA ARG C 82 -31.92 -31.49 -47.15
C ARG C 82 -30.45 -31.94 -47.22
N ILE C 83 -30.12 -33.12 -46.68
CA ILE C 83 -28.76 -33.67 -46.72
C ILE C 83 -28.36 -34.04 -48.15
N ARG C 84 -29.34 -34.44 -48.94
CA ARG C 84 -29.14 -34.76 -50.33
C ARG C 84 -28.83 -33.49 -51.14
N VAL C 85 -29.46 -32.36 -50.78
CA VAL C 85 -29.30 -31.07 -51.50
C VAL C 85 -27.83 -30.65 -51.55
N LEU C 86 -27.10 -31.08 -50.52
CA LEU C 86 -25.74 -30.67 -50.29
C LEU C 86 -24.80 -31.75 -50.84
N ARG C 87 -25.04 -33.01 -50.46
CA ARG C 87 -24.24 -34.19 -50.89
C ARG C 87 -23.85 -34.20 -52.38
N GLU C 88 -24.58 -33.43 -53.17
CA GLU C 88 -24.26 -33.28 -54.58
C GLU C 88 -23.69 -31.90 -54.83
N GLU C 89 -24.14 -30.91 -54.06
CA GLU C 89 -23.63 -29.54 -54.20
C GLU C 89 -22.12 -29.48 -53.94
N LEU C 90 -21.62 -30.55 -53.32
CA LEU C 90 -20.19 -30.82 -53.10
C LEU C 90 -19.55 -31.56 -54.30
N ALA C 91 -20.22 -32.62 -54.78
CA ALA C 91 -19.84 -33.29 -56.02
C ALA C 91 -20.06 -32.34 -57.20
N LYS C 92 -20.77 -31.23 -56.93
CA LYS C 92 -20.94 -30.07 -57.83
C LYS C 92 -19.69 -29.20 -57.87
N LEU C 93 -18.90 -29.25 -56.78
CA LEU C 93 -17.70 -28.45 -56.64
C LEU C 93 -16.43 -29.27 -56.85
N THR C 94 -16.41 -30.48 -56.31
CA THR C 94 -15.34 -31.45 -56.55
C THR C 94 -15.31 -31.81 -58.03
N GLY C 95 -16.40 -32.46 -58.44
CA GLY C 95 -16.52 -33.15 -59.72
C GLY C 95 -16.25 -34.61 -59.48
N LYS C 96 -16.60 -35.11 -58.29
CA LYS C 96 -16.32 -36.49 -57.94
C LYS C 96 -17.04 -36.97 -56.66
N ASN C 97 -16.51 -38.07 -56.12
CA ASN C 97 -17.24 -39.02 -55.26
C ASN C 97 -17.52 -38.61 -53.80
N VAL C 98 -18.26 -37.52 -53.60
CA VAL C 98 -18.53 -37.01 -52.25
C VAL C 98 -19.37 -37.97 -51.37
N ALA C 99 -18.72 -38.61 -50.40
CA ALA C 99 -19.40 -39.41 -49.38
C ALA C 99 -19.61 -38.63 -48.06
N LEU C 100 -20.48 -37.61 -48.10
CA LEU C 100 -20.73 -36.68 -46.99
C LEU C 100 -21.58 -37.27 -45.85
N ASN C 101 -20.95 -37.81 -44.80
CA ASN C 101 -21.70 -38.43 -43.70
C ASN C 101 -22.26 -37.44 -42.68
N VAL C 102 -22.67 -38.00 -41.54
CA VAL C 102 -23.03 -37.23 -40.33
C VAL C 102 -22.64 -38.01 -39.05
N GLN C 103 -22.12 -37.27 -38.07
CA GLN C 103 -21.81 -37.79 -36.73
C GLN C 103 -22.12 -36.75 -35.64
N GLU C 104 -23.06 -37.08 -34.77
CA GLU C 104 -23.56 -36.16 -33.74
C GLU C 104 -22.44 -35.81 -32.75
N VAL C 105 -22.38 -34.53 -32.37
CA VAL C 105 -21.60 -34.13 -31.21
C VAL C 105 -22.42 -34.55 -30.00
N GLN C 106 -22.00 -35.68 -29.44
CA GLN C 106 -22.69 -36.32 -28.35
C GLN C 106 -22.86 -35.32 -27.22
N ASN C 107 -21.79 -35.16 -26.42
CA ASN C 107 -21.70 -34.11 -25.41
C ASN C 107 -21.13 -32.85 -26.03
N PRO C 108 -21.89 -31.73 -25.98
CA PRO C 108 -21.62 -30.52 -26.74
C PRO C 108 -20.72 -29.51 -25.99
N ASN C 109 -20.86 -29.50 -24.67
CA ASN C 109 -19.99 -28.70 -23.82
C ASN C 109 -18.56 -29.26 -23.85
N LEU C 110 -18.42 -30.59 -23.78
CA LEU C 110 -17.14 -31.29 -24.02
C LEU C 110 -16.68 -31.35 -25.50
N SER C 111 -16.82 -30.25 -26.23
CA SER C 111 -16.05 -30.00 -27.47
C SER C 111 -15.97 -28.54 -27.81
N ALA C 112 -14.73 -28.07 -27.66
CA ALA C 112 -14.35 -26.68 -27.64
C ALA C 112 -15.00 -25.78 -28.68
N PRO C 113 -14.93 -26.16 -29.97
CA PRO C 113 -15.19 -25.08 -30.92
C PRO C 113 -16.63 -24.67 -30.78
N LEU C 114 -17.47 -25.61 -30.35
CA LEU C 114 -18.88 -25.35 -30.09
C LEU C 114 -18.94 -24.34 -28.96
N VAL C 115 -18.27 -24.68 -27.87
CA VAL C 115 -18.27 -23.90 -26.65
C VAL C 115 -17.92 -22.46 -27.00
N ALA C 116 -16.87 -22.32 -27.78
CA ALA C 116 -16.41 -21.02 -28.31
C ALA C 116 -17.53 -20.26 -29.03
N GLN C 117 -18.22 -20.99 -29.91
CA GLN C 117 -19.27 -20.44 -30.77
C GLN C 117 -20.42 -19.81 -29.97
N ARG C 118 -21.06 -20.62 -29.12
CA ARG C 118 -22.24 -20.21 -28.36
C ARG C 118 -21.95 -18.96 -27.55
N VAL C 119 -20.71 -18.86 -27.04
CA VAL C 119 -20.26 -17.68 -26.34
C VAL C 119 -20.14 -16.50 -27.29
N ALA C 120 -19.35 -16.68 -28.35
CA ALA C 120 -19.21 -15.66 -29.39
C ALA C 120 -20.59 -15.29 -29.92
N GLU C 121 -21.48 -16.26 -29.99
CA GLU C 121 -22.87 -15.94 -30.25
C GLU C 121 -23.39 -15.02 -29.14
N GLN C 122 -23.28 -15.47 -27.89
CA GLN C 122 -23.85 -14.72 -26.75
C GLN C 122 -23.35 -13.30 -26.66
N ILE C 123 -22.24 -13.03 -27.31
CA ILE C 123 -21.65 -11.70 -27.35
C ILE C 123 -22.26 -10.88 -28.48
N GLU C 124 -22.47 -11.58 -29.60
CA GLU C 124 -23.25 -11.07 -30.71
C GLU C 124 -24.65 -10.82 -30.14
N ARG C 125 -25.08 -11.70 -29.23
CA ARG C 125 -26.41 -11.66 -28.61
C ARG C 125 -26.61 -10.58 -27.56
N ARG C 126 -25.60 -9.74 -27.36
CA ARG C 126 -25.69 -8.61 -26.43
C ARG C 126 -25.94 -9.03 -24.99
N PHE C 127 -25.33 -10.14 -24.57
CA PHE C 127 -25.53 -10.68 -23.23
C PHE C 127 -24.59 -10.07 -22.18
N ALA C 128 -24.61 -10.62 -20.97
CA ALA C 128 -23.71 -10.20 -19.89
C ALA C 128 -22.31 -10.78 -20.12
N VAL C 129 -21.39 -9.92 -20.54
CA VAL C 129 -20.06 -10.36 -20.92
C VAL C 129 -19.49 -11.37 -19.93
N ARG C 130 -19.24 -10.97 -18.67
CA ARG C 130 -18.68 -11.85 -17.61
C ARG C 130 -19.36 -13.20 -17.48
N ARG C 131 -20.63 -13.12 -17.04
CA ARG C 131 -21.49 -14.27 -16.78
C ARG C 131 -21.51 -15.25 -17.96
N ALA C 132 -21.50 -14.71 -19.18
CA ALA C 132 -21.36 -15.55 -20.36
C ALA C 132 -20.21 -16.50 -20.16
N ILE C 133 -19.05 -15.90 -19.92
CA ILE C 133 -17.78 -16.61 -19.79
C ILE C 133 -17.68 -17.50 -18.55
N LYS C 134 -18.26 -17.02 -17.44
CA LYS C 134 -18.35 -17.82 -16.21
C LYS C 134 -19.15 -19.11 -16.44
N GLN C 135 -20.39 -18.96 -16.93
CA GLN C 135 -21.28 -20.09 -17.15
C GLN C 135 -20.73 -20.97 -18.24
N ALA C 136 -20.09 -20.33 -19.20
CA ALA C 136 -19.37 -21.03 -20.24
C ALA C 136 -18.54 -22.13 -19.58
N VAL C 137 -17.57 -21.66 -18.80
CA VAL C 137 -16.67 -22.53 -18.08
C VAL C 137 -17.48 -23.47 -17.17
N GLN C 138 -18.43 -22.87 -16.46
CA GLN C 138 -19.26 -23.56 -15.48
C GLN C 138 -19.63 -24.91 -16.02
N ARG C 139 -20.31 -24.91 -17.17
CA ARG C 139 -20.91 -26.10 -17.76
C ARG C 139 -19.89 -27.16 -18.13
N VAL C 140 -18.64 -26.74 -18.26
CA VAL C 140 -17.59 -27.60 -18.77
C VAL C 140 -17.05 -28.53 -17.69
N MET C 141 -17.11 -28.09 -16.44
CA MET C 141 -16.72 -28.92 -15.31
C MET C 141 -18.01 -29.38 -14.63
N GLU C 142 -19.08 -29.28 -15.42
CA GLU C 142 -20.45 -29.71 -15.08
C GLU C 142 -20.83 -30.90 -15.97
N SER C 143 -20.31 -30.88 -17.20
CA SER C 143 -20.40 -32.02 -18.10
C SER C 143 -19.36 -33.06 -17.69
N GLY C 144 -18.30 -32.62 -17.02
CA GLY C 144 -17.29 -33.51 -16.46
C GLY C 144 -15.89 -33.45 -17.06
N ALA C 145 -15.47 -32.26 -17.47
CA ALA C 145 -14.16 -32.11 -18.09
C ALA C 145 -13.10 -31.93 -17.01
N LYS C 146 -11.85 -32.26 -17.36
CA LYS C 146 -10.73 -32.09 -16.46
C LYS C 146 -10.44 -30.61 -16.23
N GLY C 147 -10.34 -29.83 -17.30
CA GLY C 147 -10.07 -28.41 -17.17
C GLY C 147 -10.90 -27.50 -18.05
N ALA C 148 -11.18 -26.28 -17.61
CA ALA C 148 -11.88 -25.29 -18.46
C ALA C 148 -11.25 -23.88 -18.47
N LYS C 149 -11.55 -23.10 -19.53
CA LYS C 149 -11.04 -21.73 -19.70
C LYS C 149 -11.57 -21.02 -20.95
N VAL C 150 -12.20 -19.86 -20.77
CA VAL C 150 -12.71 -19.07 -21.88
C VAL C 150 -12.15 -17.65 -21.91
N ILE C 151 -11.79 -17.16 -23.10
CA ILE C 151 -11.11 -15.87 -23.18
C ILE C 151 -11.83 -14.91 -24.11
N VAL C 152 -12.70 -14.11 -23.52
CA VAL C 152 -13.37 -13.02 -24.22
C VAL C 152 -12.39 -11.87 -24.41
N SER C 153 -12.39 -11.25 -25.59
CA SER C 153 -11.21 -10.54 -26.03
C SER C 153 -11.46 -9.39 -27.01
N GLY C 154 -12.34 -8.45 -26.70
CA GLY C 154 -12.67 -7.42 -27.69
C GLY C 154 -12.63 -5.95 -27.28
N ARG C 155 -13.67 -5.20 -27.66
CA ARG C 155 -13.95 -3.85 -27.14
C ARG C 155 -15.05 -3.95 -26.09
N ILE C 156 -15.28 -5.20 -25.72
CA ILE C 156 -16.20 -5.72 -24.68
C ILE C 156 -17.30 -4.85 -24.05
N GLY C 157 -18.53 -5.32 -24.21
CA GLY C 157 -19.70 -4.67 -23.67
C GLY C 157 -20.08 -3.37 -24.38
N GLY C 158 -19.28 -2.92 -25.34
CA GLY C 158 -19.59 -1.74 -26.14
C GLY C 158 -18.67 -0.56 -25.84
N ALA C 159 -17.60 -0.88 -25.13
CA ALA C 159 -16.67 0.12 -24.61
C ALA C 159 -15.73 0.61 -25.70
N GLU C 160 -15.28 1.84 -25.56
CA GLU C 160 -14.30 2.39 -26.50
C GLU C 160 -12.89 1.94 -26.12
N GLN C 161 -12.66 1.68 -24.83
CA GLN C 161 -11.38 1.12 -24.39
C GLN C 161 -11.36 -0.41 -24.54
N ALA C 162 -10.63 -0.86 -25.55
CA ALA C 162 -10.39 -2.28 -25.77
C ALA C 162 -9.65 -2.95 -24.63
N ARG C 163 -10.31 -3.90 -23.98
CA ARG C 163 -9.66 -4.76 -23.00
C ARG C 163 -9.76 -6.22 -23.41
N THR C 164 -9.82 -7.08 -22.41
CA THR C 164 -9.91 -8.53 -22.53
C THR C 164 -10.38 -9.01 -21.17
N GLU C 165 -10.80 -10.27 -21.06
CA GLU C 165 -11.29 -10.87 -19.82
C GLU C 165 -11.06 -12.36 -19.89
N TRP C 166 -11.73 -13.06 -18.97
CA TRP C 166 -11.69 -14.50 -18.88
C TRP C 166 -12.02 -14.97 -17.46
N ALA C 167 -12.01 -16.30 -17.34
CA ALA C 167 -11.88 -17.05 -16.08
C ALA C 167 -11.43 -18.47 -16.46
N ALA C 168 -11.59 -19.41 -15.53
CA ALA C 168 -11.22 -20.82 -15.74
C ALA C 168 -11.51 -21.65 -14.51
N GLN C 169 -10.80 -22.79 -14.44
CA GLN C 169 -10.81 -23.75 -13.32
C GLN C 169 -9.95 -24.95 -13.71
N GLY C 170 -9.82 -25.92 -12.79
CA GLY C 170 -9.17 -27.20 -13.05
C GLY C 170 -7.83 -27.17 -13.79
N ARG C 171 -7.33 -28.33 -14.17
CA ARG C 171 -6.05 -28.39 -14.91
C ARG C 171 -6.06 -27.77 -16.36
N VAL C 172 -5.19 -26.80 -16.62
CA VAL C 172 -5.12 -26.08 -17.91
C VAL C 172 -3.76 -26.24 -18.69
N PRO C 173 -3.04 -27.38 -18.46
CA PRO C 173 -1.57 -27.49 -18.57
C PRO C 173 -0.89 -27.65 -19.96
N LEU C 174 -0.87 -26.57 -20.75
CA LEU C 174 -0.53 -26.72 -22.16
C LEU C 174 0.94 -26.91 -22.44
N HIS C 175 1.71 -27.13 -21.38
CA HIS C 175 3.13 -27.41 -21.54
C HIS C 175 3.37 -28.90 -21.37
N THR C 176 2.38 -29.60 -20.81
CA THR C 176 2.34 -31.05 -20.89
C THR C 176 1.85 -31.33 -22.30
N LEU C 177 2.65 -32.06 -23.06
CA LEU C 177 2.18 -32.50 -24.36
C LEU C 177 1.08 -33.49 -24.04
N ARG C 178 1.40 -34.50 -23.25
CA ARG C 178 0.52 -35.66 -23.02
C ARG C 178 -0.84 -35.35 -22.39
N ALA C 179 -1.19 -34.07 -22.37
CA ALA C 179 -2.50 -33.61 -21.95
C ALA C 179 -3.32 -33.19 -23.17
N ASN C 180 -4.43 -33.88 -23.41
CA ASN C 180 -5.26 -33.51 -24.55
C ASN C 180 -6.15 -32.32 -24.27
N ILE C 181 -5.88 -31.25 -25.00
CA ILE C 181 -6.69 -30.06 -24.89
C ILE C 181 -7.15 -29.57 -26.26
N ASP C 182 -8.42 -29.17 -26.32
CA ASP C 182 -9.07 -28.71 -27.55
C ASP C 182 -9.18 -27.19 -27.51
N TYR C 183 -8.80 -26.56 -28.61
CA TYR C 183 -8.87 -25.13 -28.74
C TYR C 183 -10.15 -24.77 -29.47
N GLY C 184 -10.80 -23.70 -29.05
CA GLY C 184 -11.90 -23.19 -29.83
C GLY C 184 -11.70 -21.73 -30.15
N PHE C 185 -11.35 -21.41 -31.40
CA PHE C 185 -11.47 -20.03 -31.86
C PHE C 185 -12.86 -19.75 -32.50
N ALA C 186 -13.62 -18.82 -31.90
CA ALA C 186 -14.89 -18.29 -32.41
C ALA C 186 -14.59 -16.90 -33.02
N LEU C 187 -15.55 -16.00 -33.17
CA LEU C 187 -15.24 -14.63 -33.66
C LEU C 187 -16.49 -13.76 -33.81
N ALA C 188 -17.21 -13.53 -32.71
CA ALA C 188 -18.37 -12.64 -32.69
C ALA C 188 -18.27 -11.35 -33.55
N ARG C 189 -19.42 -10.82 -33.96
CA ARG C 189 -19.47 -9.56 -34.69
C ARG C 189 -20.55 -8.72 -34.06
N THR C 190 -20.18 -7.58 -33.51
CA THR C 190 -21.16 -6.67 -32.92
C THR C 190 -20.98 -5.25 -33.47
N THR C 191 -21.99 -4.41 -33.29
CA THR C 191 -22.07 -3.08 -33.94
C THR C 191 -20.79 -2.25 -33.81
N TYR C 192 -20.05 -2.48 -32.75
CA TYR C 192 -18.82 -1.75 -32.51
C TYR C 192 -17.62 -2.45 -33.13
N GLY C 193 -17.81 -3.65 -33.69
CA GLY C 193 -16.70 -4.35 -34.29
C GLY C 193 -16.67 -5.87 -34.20
N VAL C 194 -15.50 -6.40 -33.87
CA VAL C 194 -15.20 -7.83 -34.04
C VAL C 194 -14.34 -8.39 -32.91
N LEU C 195 -14.81 -9.45 -32.26
CA LEU C 195 -14.30 -9.75 -30.92
C LEU C 195 -13.92 -11.19 -30.62
N GLY C 196 -12.88 -11.69 -31.29
CA GLY C 196 -12.45 -13.08 -31.23
C GLY C 196 -12.53 -13.73 -29.87
N VAL C 197 -12.76 -15.03 -29.82
CA VAL C 197 -12.95 -15.69 -28.53
C VAL C 197 -12.26 -17.04 -28.49
N LYS C 198 -11.88 -17.46 -27.29
CA LYS C 198 -11.10 -18.66 -27.15
C LYS C 198 -11.67 -19.53 -26.03
N ALA C 199 -11.27 -20.80 -26.05
CA ALA C 199 -11.83 -21.81 -25.17
C ALA C 199 -11.00 -23.09 -25.24
N TYR C 200 -10.55 -23.52 -24.08
CA TYR C 200 -9.57 -24.59 -24.00
C TYR C 200 -10.21 -25.58 -23.09
N ILE C 201 -10.14 -26.84 -23.44
CA ILE C 201 -10.64 -27.83 -22.50
C ILE C 201 -9.66 -29.00 -22.36
N PHE C 202 -9.42 -29.39 -21.12
CA PHE C 202 -8.62 -30.55 -20.86
C PHE C 202 -9.59 -31.70 -20.73
N LEU C 203 -9.28 -32.85 -21.33
CA LEU C 203 -10.03 -34.08 -21.02
C LEU C 203 -9.21 -35.10 -20.22
N GLY C 204 -7.92 -35.26 -20.53
CA GLY C 204 -7.10 -36.23 -19.82
C GLY C 204 -5.68 -36.54 -20.28
N GLU C 205 -4.86 -36.95 -19.30
CA GLU C 205 -3.49 -37.40 -19.55
C GLU C 205 -3.50 -38.88 -19.93
N VAL C 206 -2.69 -39.25 -20.92
CA VAL C 206 -2.88 -40.55 -21.58
C VAL C 206 -1.78 -41.63 -21.40
N GLY D 1 -54.74 21.24 -8.18
CA GLY D 1 -55.93 20.47 -7.86
C GLY D 1 -55.62 19.04 -7.44
N ARG D 2 -56.37 18.08 -7.99
CA ARG D 2 -56.04 16.66 -7.83
C ARG D 2 -55.30 16.11 -9.06
N TYR D 3 -54.70 14.93 -8.92
CA TYR D 3 -54.02 14.39 -10.07
C TYR D 3 -55.08 13.84 -10.95
N ILE D 4 -54.84 14.04 -12.24
CA ILE D 4 -55.84 13.77 -13.23
C ILE D 4 -55.07 13.39 -14.51
N GLY D 5 -55.17 12.12 -14.86
CA GLY D 5 -54.35 11.58 -15.93
C GLY D 5 -54.38 10.06 -15.97
N PRO D 6 -53.54 9.46 -16.83
CA PRO D 6 -53.44 8.02 -17.17
C PRO D 6 -53.39 6.98 -16.03
N VAL D 7 -54.48 6.85 -15.27
CA VAL D 7 -54.52 6.11 -14.00
C VAL D 7 -53.96 4.67 -13.98
N CYS D 8 -54.45 3.75 -14.82
CA CYS D 8 -53.84 2.42 -14.90
C CYS D 8 -52.46 2.53 -15.65
N ARG D 9 -51.41 2.89 -14.90
CA ARG D 9 -49.97 2.97 -15.31
C ARG D 9 -49.19 3.01 -13.97
N LEU D 10 -50.00 3.12 -12.93
CA LEU D 10 -49.61 3.09 -11.53
C LEU D 10 -50.43 1.94 -10.93
N CYS D 11 -51.43 1.47 -11.71
CA CYS D 11 -51.90 0.09 -11.67
C CYS D 11 -50.53 -0.62 -11.72
N ARG D 12 -49.58 -0.06 -12.50
CA ARG D 12 -48.27 -0.68 -12.72
C ARG D 12 -46.97 0.02 -12.25
N ARG D 13 -46.95 1.33 -11.93
CA ARG D 13 -45.69 1.95 -11.50
C ARG D 13 -44.95 1.25 -10.34
N GLU D 14 -45.63 1.15 -9.20
CA GLU D 14 -45.09 0.44 -8.05
C GLU D 14 -45.32 -1.07 -8.15
N GLY D 15 -45.65 -1.57 -9.34
CA GLY D 15 -45.70 -3.01 -9.57
C GLY D 15 -46.86 -3.86 -9.03
N VAL D 16 -47.86 -3.27 -8.36
CA VAL D 16 -49.10 -4.02 -8.04
C VAL D 16 -50.36 -3.20 -8.30
N LYS D 17 -51.44 -3.93 -8.58
CA LYS D 17 -52.74 -3.35 -8.89
C LYS D 17 -53.20 -2.41 -7.80
N LEU D 18 -53.54 -1.21 -8.25
CA LEU D 18 -54.21 -0.22 -7.46
C LEU D 18 -55.56 -0.05 -8.16
N TYR D 19 -56.61 -0.39 -7.42
CA TYR D 19 -57.93 -0.52 -8.00
C TYR D 19 -58.51 0.88 -8.04
N LEU D 20 -57.91 1.65 -8.93
CA LEU D 20 -58.36 3.01 -9.12
C LEU D 20 -59.03 3.15 -10.45
N LYS D 21 -58.80 2.23 -11.40
CA LYS D 21 -59.62 2.28 -12.62
C LYS D 21 -61.04 1.87 -12.25
N GLY D 22 -61.19 0.95 -11.31
CA GLY D 22 -62.47 0.78 -10.63
C GLY D 22 -63.31 -0.48 -10.81
N GLU D 23 -64.16 -0.51 -11.85
CA GLU D 23 -64.95 -1.70 -12.22
C GLU D 23 -64.32 -2.36 -13.45
N ARG D 24 -63.64 -1.57 -14.25
CA ARG D 24 -62.76 -2.13 -15.26
C ARG D 24 -61.59 -2.85 -14.58
N CYS D 25 -61.11 -2.29 -13.46
CA CYS D 25 -59.93 -2.82 -12.77
C CYS D 25 -60.10 -4.27 -12.17
N TYR D 26 -61.28 -4.88 -12.38
CA TYR D 26 -61.44 -6.35 -12.24
C TYR D 26 -61.74 -7.03 -13.58
N SER D 27 -60.93 -6.78 -14.60
CA SER D 27 -61.14 -7.36 -15.93
C SER D 27 -60.09 -8.45 -16.28
N PRO D 28 -59.84 -8.66 -17.59
CA PRO D 28 -58.49 -8.98 -18.06
C PRO D 28 -58.14 -7.82 -18.97
N LYS D 29 -58.48 -6.64 -18.46
CA LYS D 29 -58.12 -5.35 -19.02
C LYS D 29 -57.19 -4.48 -18.12
N CYS D 30 -57.62 -4.04 -16.90
CA CYS D 30 -56.88 -3.00 -16.13
C CYS D 30 -55.38 -3.14 -16.10
N ALA D 31 -54.76 -2.02 -16.47
CA ALA D 31 -53.63 -2.02 -17.38
C ALA D 31 -52.70 -3.12 -17.00
N MET D 32 -52.52 -3.18 -15.68
CA MET D 32 -51.64 -4.13 -15.08
C MET D 32 -51.90 -5.47 -15.71
N GLU D 33 -53.17 -5.83 -15.86
CA GLU D 33 -53.52 -7.20 -16.19
C GLU D 33 -52.78 -7.74 -17.40
N ARG D 34 -52.44 -6.82 -18.29
CA ARG D 34 -51.81 -7.17 -19.54
C ARG D 34 -50.28 -7.17 -19.42
N ARG D 35 -49.78 -5.99 -19.05
CA ARG D 35 -48.37 -5.68 -19.04
C ARG D 35 -47.92 -5.14 -17.68
N PRO D 36 -47.44 -6.03 -16.76
CA PRO D 36 -47.06 -5.64 -15.38
C PRO D 36 -46.07 -4.51 -15.30
N TYR D 37 -45.06 -4.53 -16.17
CA TYR D 37 -43.98 -3.54 -16.13
C TYR D 37 -44.47 -2.09 -16.30
N PRO D 38 -43.97 -1.17 -15.45
CA PRO D 38 -44.32 0.26 -15.36
C PRO D 38 -43.72 1.09 -16.51
N PRO D 39 -44.24 2.33 -16.71
CA PRO D 39 -44.19 3.08 -18.00
C PRO D 39 -43.04 2.98 -19.03
N GLY D 40 -42.55 4.18 -19.39
CA GLY D 40 -41.88 4.52 -20.64
C GLY D 40 -40.76 3.69 -21.24
N GLN D 41 -40.19 4.21 -22.32
CA GLN D 41 -39.14 3.59 -23.20
C GLN D 41 -38.34 2.37 -22.67
N HIS D 42 -38.24 2.27 -21.33
CA HIS D 42 -37.38 1.28 -20.66
C HIS D 42 -38.13 0.24 -19.83
N GLY D 43 -39.34 0.58 -19.38
CA GLY D 43 -40.16 -0.25 -18.52
C GLY D 43 -40.00 -1.77 -18.52
N GLN D 44 -39.49 -2.34 -19.62
CA GLN D 44 -39.29 -3.80 -19.75
C GLN D 44 -37.88 -4.27 -19.39
N LYS D 45 -36.91 -3.35 -19.45
CA LYS D 45 -35.49 -3.67 -19.24
C LYS D 45 -35.20 -4.05 -17.79
N ARG D 46 -34.08 -4.74 -17.57
CA ARG D 46 -33.68 -5.19 -16.24
C ARG D 46 -33.60 -4.08 -15.19
N ALA D 47 -34.31 -4.27 -14.08
CA ALA D 47 -34.36 -3.30 -12.99
C ALA D 47 -33.35 -3.65 -11.88
N ARG D 48 -32.46 -2.69 -11.59
CA ARG D 48 -31.38 -2.91 -10.63
C ARG D 48 -31.87 -2.73 -9.21
N ARG D 49 -30.93 -2.67 -8.27
CA ARG D 49 -31.31 -2.49 -6.89
C ARG D 49 -31.93 -1.11 -6.69
N PRO D 50 -32.97 -1.06 -5.88
CA PRO D 50 -33.60 0.18 -5.40
C PRO D 50 -32.85 0.71 -4.22
N SER D 51 -32.58 2.01 -4.18
CA SER D 51 -31.92 2.59 -3.01
C SER D 51 -32.71 2.32 -1.72
N ASP D 52 -32.03 2.43 -0.59
CA ASP D 52 -32.69 2.33 0.70
C ASP D 52 -33.81 3.37 0.68
N TYR D 53 -33.48 4.54 0.16
CA TYR D 53 -34.45 5.61 0.02
C TYR D 53 -35.45 5.34 -1.11
N ALA D 54 -35.12 4.49 -2.08
CA ALA D 54 -36.05 4.16 -3.19
C ALA D 54 -37.36 3.62 -2.61
N VAL D 55 -37.32 2.34 -2.33
CA VAL D 55 -38.20 1.66 -1.40
C VAL D 55 -38.84 2.48 -0.27
N ARG D 56 -38.08 3.38 0.32
CA ARG D 56 -38.60 4.24 1.36
C ARG D 56 -39.74 5.03 0.78
N LEU D 57 -39.55 5.42 -0.48
CA LEU D 57 -40.43 6.36 -1.18
C LEU D 57 -41.56 5.66 -1.91
N ARG D 58 -41.22 4.55 -2.57
CA ARG D 58 -42.19 3.78 -3.34
C ARG D 58 -43.38 3.53 -2.49
N GLU D 59 -43.19 2.76 -1.42
CA GLU D 59 -44.28 2.42 -0.51
C GLU D 59 -45.02 3.61 0.14
N LYS D 60 -44.48 4.82 0.00
CA LYS D 60 -45.18 6.02 0.43
C LYS D 60 -46.11 6.50 -0.67
N GLN D 61 -45.57 6.51 -1.89
CA GLN D 61 -46.26 6.95 -3.12
C GLN D 61 -47.52 6.15 -3.43
N LYS D 62 -47.33 4.83 -3.46
CA LYS D 62 -48.40 3.86 -3.44
C LYS D 62 -49.51 4.37 -2.50
N LEU D 63 -49.32 4.31 -1.18
CA LEU D 63 -50.34 4.81 -0.26
C LEU D 63 -50.87 6.24 -0.51
N ARG D 64 -50.13 7.08 -1.23
CA ARG D 64 -50.62 8.43 -1.50
C ARG D 64 -51.55 8.44 -2.70
N ARG D 65 -51.10 7.73 -3.72
CA ARG D 65 -51.86 7.60 -4.94
C ARG D 65 -53.09 6.75 -4.60
N ILE D 66 -52.83 5.52 -4.19
CA ILE D 66 -53.87 4.51 -3.92
C ILE D 66 -55.06 5.08 -3.18
N TYR D 67 -54.86 6.13 -2.40
CA TYR D 67 -55.97 6.71 -1.70
C TYR D 67 -56.50 7.95 -2.38
N GLY D 68 -55.81 8.38 -3.43
CA GLY D 68 -56.34 9.40 -4.30
C GLY D 68 -56.47 10.77 -3.66
N ILE D 69 -55.44 11.16 -2.89
CA ILE D 69 -55.26 12.53 -2.39
C ILE D 69 -53.82 13.00 -2.61
N SER D 70 -53.67 14.28 -2.95
CA SER D 70 -52.38 14.87 -3.30
C SER D 70 -51.47 15.08 -2.10
N GLU D 71 -50.18 15.08 -2.39
CA GLU D 71 -49.12 15.17 -1.39
C GLU D 71 -49.36 16.20 -0.29
N ARG D 72 -49.57 17.46 -0.66
CA ARG D 72 -49.49 18.54 0.33
C ARG D 72 -50.32 18.29 1.58
N GLN D 73 -51.36 17.47 1.45
CA GLN D 73 -52.24 17.21 2.57
C GLN D 73 -52.23 15.74 2.96
N PHE D 74 -51.55 14.93 2.15
CA PHE D 74 -51.18 13.56 2.56
C PHE D 74 -50.27 13.74 3.78
N ARG D 75 -49.46 14.81 3.71
CA ARG D 75 -48.59 15.25 4.79
C ARG D 75 -49.36 15.67 6.04
N ASN D 76 -50.09 16.79 5.99
CA ASN D 76 -50.80 17.29 7.18
C ASN D 76 -51.76 16.28 7.84
N LEU D 77 -51.86 15.11 7.22
CA LEU D 77 -52.67 14.01 7.71
C LEU D 77 -51.77 13.02 8.44
N PHE D 78 -50.53 12.92 7.97
CA PHE D 78 -49.49 12.14 8.63
C PHE D 78 -49.18 12.89 9.89
N GLU D 79 -48.80 14.14 9.68
CA GLU D 79 -48.27 14.98 10.72
C GLU D 79 -49.38 15.35 11.70
N GLU D 80 -50.57 14.86 11.41
CA GLU D 80 -51.65 15.03 12.36
C GLU D 80 -51.90 13.74 13.14
N ALA D 81 -51.27 12.65 12.73
CA ALA D 81 -51.36 11.38 13.46
C ALA D 81 -50.16 11.20 14.40
N SER D 82 -49.03 11.70 13.94
CA SER D 82 -47.88 11.92 14.79
C SER D 82 -48.36 12.65 16.04
N LYS D 83 -48.85 13.87 15.84
CA LYS D 83 -49.37 14.72 16.90
C LYS D 83 -50.53 14.10 17.70
N LYS D 84 -50.84 12.83 17.46
CA LYS D 84 -51.96 12.22 18.15
C LYS D 84 -51.59 10.94 18.89
N LYS D 85 -52.16 10.82 20.08
CA LYS D 85 -51.80 9.80 21.07
C LYS D 85 -52.16 8.35 20.73
N GLY D 86 -51.26 7.66 20.03
CA GLY D 86 -51.40 6.23 19.80
C GLY D 86 -50.46 5.82 18.68
N VAL D 87 -50.54 4.56 18.24
CA VAL D 87 -49.68 4.05 17.18
C VAL D 87 -49.72 4.93 15.96
N THR D 88 -48.57 5.36 15.44
CA THR D 88 -48.64 6.22 14.28
C THR D 88 -49.06 5.55 12.95
N GLY D 89 -48.51 4.40 12.58
CA GLY D 89 -49.01 3.68 11.40
C GLY D 89 -50.54 3.54 11.37
N SER D 90 -51.03 3.06 12.49
CA SER D 90 -52.43 2.75 12.70
C SER D 90 -53.37 3.95 12.95
N VAL D 91 -52.85 5.10 13.32
CA VAL D 91 -53.77 6.23 13.40
C VAL D 91 -53.93 6.72 12.02
N PHE D 92 -52.82 6.76 11.29
CA PHE D 92 -52.78 7.37 9.98
C PHE D 92 -53.94 6.94 9.10
N LEU D 93 -53.93 5.65 8.76
CA LEU D 93 -54.97 5.07 7.90
C LEU D 93 -56.28 5.50 8.45
N GLY D 94 -56.58 5.05 9.67
CA GLY D 94 -57.68 5.55 10.49
C GLY D 94 -58.32 6.89 10.12
N LEU D 95 -57.52 7.85 9.64
CA LEU D 95 -58.04 9.12 9.15
C LEU D 95 -57.75 9.26 7.66
N LEU D 96 -57.86 8.15 6.96
CA LEU D 96 -57.93 8.12 5.50
C LEU D 96 -59.34 7.62 5.16
N GLU D 97 -59.82 6.73 6.02
CA GLU D 97 -61.14 6.15 5.95
C GLU D 97 -62.18 7.14 6.44
N SER D 98 -61.75 8.17 7.15
CA SER D 98 -62.72 9.11 7.71
C SER D 98 -62.92 10.26 6.77
N ARG D 99 -62.10 10.30 5.73
CA ARG D 99 -62.26 11.25 4.65
C ARG D 99 -63.54 10.90 3.87
N LEU D 100 -64.27 11.91 3.38
CA LEU D 100 -65.53 11.65 2.64
C LEU D 100 -65.35 10.92 1.34
N ASP D 101 -64.42 11.34 0.49
CA ASP D 101 -64.16 10.64 -0.78
C ASP D 101 -63.72 9.14 -0.71
N ASN D 102 -63.42 8.63 0.49
CA ASN D 102 -63.27 7.19 0.64
C ASN D 102 -64.10 6.69 1.80
N VAL D 103 -65.13 7.48 2.11
CA VAL D 103 -66.23 7.06 2.98
C VAL D 103 -67.34 6.52 2.08
N VAL D 104 -67.38 7.08 0.88
CA VAL D 104 -68.29 6.61 -0.13
C VAL D 104 -67.69 5.33 -0.67
N TYR D 105 -66.61 5.43 -1.43
CA TYR D 105 -66.10 4.27 -2.16
C TYR D 105 -66.05 2.93 -1.36
N ARG D 106 -66.13 2.99 -0.04
CA ARG D 106 -66.28 1.74 0.72
C ARG D 106 -67.74 1.53 1.16
N LEU D 107 -68.54 2.59 1.15
CA LEU D 107 -69.95 2.46 1.44
C LEU D 107 -70.71 2.03 0.19
N GLY D 108 -70.00 1.65 -0.87
CA GLY D 108 -70.64 1.19 -2.10
C GLY D 108 -70.78 2.24 -3.20
N PHE D 109 -71.47 3.35 -2.89
CA PHE D 109 -72.02 4.31 -3.85
C PHE D 109 -71.12 4.78 -5.00
N ALA D 110 -70.22 3.91 -5.49
CA ALA D 110 -69.37 4.22 -6.63
C ALA D 110 -68.45 3.08 -7.08
N VAL D 111 -67.98 3.24 -8.32
CA VAL D 111 -67.19 2.27 -9.10
C VAL D 111 -65.68 2.25 -8.75
N SER D 112 -65.08 3.45 -8.74
CA SER D 112 -63.72 3.78 -8.24
C SER D 112 -63.67 5.02 -7.30
N ARG D 113 -62.49 5.30 -6.74
CA ARG D 113 -62.30 6.42 -5.80
C ARG D 113 -62.39 7.79 -6.49
N ARG D 114 -61.78 7.89 -7.66
CA ARG D 114 -61.84 9.11 -8.45
C ARG D 114 -63.31 9.45 -8.79
N GLN D 115 -64.07 8.44 -9.21
CA GLN D 115 -65.50 8.64 -9.40
C GLN D 115 -66.06 9.08 -8.06
N ALA D 116 -66.04 8.17 -7.08
CA ALA D 116 -66.68 8.37 -5.79
C ALA D 116 -66.57 9.82 -5.30
N ARG D 117 -65.49 10.49 -5.71
CA ARG D 117 -65.25 11.91 -5.39
C ARG D 117 -66.29 12.81 -6.04
N GLN D 118 -66.49 12.62 -7.34
CA GLN D 118 -67.41 13.45 -8.12
C GLN D 118 -68.76 13.59 -7.39
N LEU D 119 -69.21 12.49 -6.81
CA LEU D 119 -70.53 12.42 -6.18
C LEU D 119 -70.56 13.27 -4.91
N VAL D 120 -69.38 13.42 -4.29
CA VAL D 120 -69.23 14.24 -3.12
C VAL D 120 -69.17 15.71 -3.48
N ARG D 121 -68.33 16.00 -4.48
CA ARG D 121 -68.11 17.37 -4.94
C ARG D 121 -69.40 18.03 -5.41
N HIS D 122 -70.30 17.23 -5.98
CA HIS D 122 -71.41 17.74 -6.79
C HIS D 122 -72.77 17.89 -6.10
N GLY D 123 -72.79 17.96 -4.77
CA GLY D 123 -74.04 18.09 -4.04
C GLY D 123 -74.85 16.81 -3.86
N HIS D 124 -74.27 15.68 -4.26
CA HIS D 124 -75.02 14.42 -4.21
C HIS D 124 -75.10 13.77 -2.82
N ILE D 125 -74.33 14.24 -1.84
CA ILE D 125 -74.20 13.44 -0.60
C ILE D 125 -74.71 14.03 0.74
N THR D 126 -75.32 13.16 1.54
CA THR D 126 -75.95 13.45 2.84
C THR D 126 -75.00 13.09 3.98
N VAL D 127 -74.82 13.99 4.93
CA VAL D 127 -73.99 13.71 6.12
C VAL D 127 -74.63 14.18 7.42
N ASN D 128 -75.11 13.20 8.19
CA ASN D 128 -76.04 13.46 9.29
C ASN D 128 -77.18 14.34 8.79
N GLY D 129 -77.64 14.01 7.58
CA GLY D 129 -78.70 14.72 6.90
C GLY D 129 -78.33 16.13 6.47
N ARG D 130 -77.35 16.27 5.59
CA ARG D 130 -77.03 17.57 4.97
C ARG D 130 -76.11 17.38 3.78
N ARG D 131 -75.87 18.46 3.05
CA ARG D 131 -75.14 18.37 1.78
C ARG D 131 -73.69 18.82 1.92
N VAL D 132 -72.80 17.94 1.46
CA VAL D 132 -71.38 18.07 1.66
C VAL D 132 -70.58 17.87 0.38
N ASP D 133 -70.00 18.98 -0.08
CA ASP D 133 -69.19 19.02 -1.30
C ASP D 133 -67.69 18.90 -0.99
N LEU D 134 -67.35 18.20 0.07
CA LEU D 134 -66.03 18.35 0.66
C LEU D 134 -65.30 17.05 0.87
N PRO D 135 -64.57 16.60 -0.14
CA PRO D 135 -63.71 15.44 0.03
C PRO D 135 -62.88 15.52 1.33
N SER D 136 -62.40 16.71 1.72
CA SER D 136 -61.63 16.91 2.97
C SER D 136 -62.36 16.57 4.30
N TYR D 137 -63.41 15.75 4.20
CA TYR D 137 -64.38 15.66 5.27
C TYR D 137 -64.18 14.56 6.30
N ARG D 138 -63.92 15.00 7.55
CA ARG D 138 -63.77 14.18 8.76
C ARG D 138 -65.06 13.54 9.27
N VAL D 139 -65.25 12.30 8.82
CA VAL D 139 -66.36 11.46 9.21
C VAL D 139 -66.02 10.78 10.53
N ARG D 140 -66.86 11.04 11.53
CA ARG D 140 -66.69 10.58 12.91
C ARG D 140 -67.49 9.31 13.16
N PRO D 141 -67.18 8.56 14.24
CA PRO D 141 -68.07 7.44 14.56
C PRO D 141 -69.50 7.86 14.91
N GLY D 142 -70.44 7.36 14.11
CA GLY D 142 -71.86 7.59 14.29
C GLY D 142 -72.46 8.49 13.22
N ASP D 143 -71.64 8.85 12.26
CA ASP D 143 -72.09 9.75 11.23
C ASP D 143 -73.04 9.03 10.29
N GLU D 144 -73.77 9.79 9.46
CA GLU D 144 -74.76 9.23 8.54
C GLU D 144 -74.48 9.59 7.10
N ILE D 145 -73.81 8.70 6.39
CA ILE D 145 -73.50 8.94 4.99
C ILE D 145 -74.56 8.24 4.19
N ALA D 146 -75.35 9.02 3.48
CA ALA D 146 -76.45 8.54 2.65
C ALA D 146 -76.39 9.14 1.23
N VAL D 147 -77.54 9.38 0.61
CA VAL D 147 -77.61 10.17 -0.63
C VAL D 147 -78.82 11.14 -0.54
N ALA D 148 -78.69 12.36 -1.06
CA ALA D 148 -79.83 13.28 -1.12
C ALA D 148 -80.81 12.73 -2.14
N GLU D 149 -82.10 12.75 -1.80
CA GLU D 149 -83.12 12.06 -2.60
C GLU D 149 -83.06 12.40 -4.09
N LYS D 150 -82.73 13.66 -4.38
CA LYS D 150 -82.78 14.19 -5.73
C LYS D 150 -81.93 13.41 -6.75
N SER D 151 -80.82 12.83 -6.30
CA SER D 151 -79.91 12.18 -7.22
C SER D 151 -80.21 10.70 -7.31
N ARG D 152 -80.80 10.16 -6.22
CA ARG D 152 -81.18 8.74 -6.06
C ARG D 152 -81.50 7.93 -7.33
N ASN D 153 -82.49 8.40 -8.07
CA ASN D 153 -82.82 7.85 -9.38
C ASN D 153 -81.83 8.35 -10.42
N LEU D 154 -80.57 8.03 -10.20
CA LEU D 154 -79.55 8.19 -11.21
C LEU D 154 -79.00 6.81 -11.43
N GLU D 155 -78.58 6.52 -12.65
CA GLU D 155 -78.14 5.19 -12.98
C GLU D 155 -76.92 4.84 -12.16
N LEU D 156 -75.90 5.71 -12.24
CA LEU D 156 -74.58 5.49 -11.62
C LEU D 156 -74.69 5.17 -10.14
N ILE D 157 -75.57 5.88 -9.43
CA ILE D 157 -75.92 5.52 -8.06
C ILE D 157 -76.39 4.08 -7.97
N ARG D 158 -77.33 3.77 -8.85
CA ARG D 158 -78.18 2.59 -8.73
C ARG D 158 -77.56 1.29 -9.24
N GLN D 159 -76.92 1.28 -10.41
CA GLN D 159 -76.20 0.07 -10.86
C GLN D 159 -75.13 -0.35 -9.85
N ASN D 160 -74.69 0.64 -9.09
CA ASN D 160 -73.74 0.46 -8.01
C ASN D 160 -74.46 0.09 -6.70
N LEU D 161 -75.59 0.73 -6.40
CA LEU D 161 -76.45 0.29 -5.29
C LEU D 161 -77.03 -1.09 -5.58
N GLU D 162 -77.04 -1.47 -6.86
CA GLU D 162 -77.35 -2.83 -7.24
C GLU D 162 -76.26 -3.67 -6.62
N ALA D 163 -75.21 -3.90 -7.41
CA ALA D 163 -74.18 -4.90 -7.11
C ALA D 163 -73.98 -5.27 -5.62
N MET D 164 -74.28 -4.32 -4.73
CA MET D 164 -74.13 -4.48 -3.26
C MET D 164 -74.98 -5.57 -2.60
N LYS D 165 -75.71 -6.32 -3.41
CA LYS D 165 -76.43 -7.46 -2.89
C LYS D 165 -75.58 -8.71 -3.08
N GLY D 166 -74.43 -8.55 -3.74
CA GLY D 166 -73.43 -9.60 -3.89
C GLY D 166 -72.14 -9.40 -3.09
N ARG D 167 -71.97 -8.22 -2.51
CA ARG D 167 -70.81 -7.94 -1.66
C ARG D 167 -71.21 -7.76 -0.20
N LYS D 168 -70.22 -7.35 0.60
CA LYS D 168 -70.45 -6.92 1.96
C LYS D 168 -69.69 -5.60 2.12
N VAL D 169 -69.98 -4.87 3.19
CA VAL D 169 -69.31 -3.61 3.51
C VAL D 169 -67.86 -3.82 3.98
N GLY D 170 -67.52 -3.15 5.09
CA GLY D 170 -66.26 -3.38 5.79
C GLY D 170 -66.60 -3.24 7.26
N PRO D 171 -66.35 -4.27 8.06
CA PRO D 171 -66.89 -4.44 9.42
C PRO D 171 -67.00 -3.19 10.35
N TRP D 172 -66.61 -2.01 9.87
CA TRP D 172 -66.92 -0.75 10.59
C TRP D 172 -68.08 0.05 10.00
N LEU D 173 -69.06 -0.69 9.49
CA LEU D 173 -70.05 -0.19 8.51
C LEU D 173 -71.33 -1.02 8.33
N SER D 174 -72.47 -0.32 8.34
CA SER D 174 -73.75 -0.87 7.91
C SER D 174 -74.22 -0.21 6.61
N LEU D 175 -74.49 -1.01 5.58
CA LEU D 175 -75.11 -0.54 4.34
C LEU D 175 -76.60 -0.83 4.36
N ASP D 176 -77.40 0.19 4.07
CA ASP D 176 -78.87 0.08 4.11
C ASP D 176 -79.46 0.04 2.68
N VAL D 177 -78.81 -0.73 1.80
CA VAL D 177 -79.14 -0.87 0.36
C VAL D 177 -80.37 -0.10 -0.14
N GLU D 178 -81.53 -0.53 0.35
CA GLU D 178 -82.81 0.03 -0.06
C GLU D 178 -83.00 1.48 0.38
N GLY D 179 -82.94 1.76 1.69
CA GLY D 179 -83.10 3.11 2.21
C GLY D 179 -82.03 4.11 1.75
N MET D 180 -81.12 3.61 0.90
CA MET D 180 -79.95 4.34 0.36
C MET D 180 -78.97 4.91 1.42
N LYS D 181 -78.94 4.28 2.60
CA LYS D 181 -78.18 4.76 3.76
C LYS D 181 -76.93 3.94 4.11
N GLY D 182 -76.18 4.50 5.04
CA GLY D 182 -74.88 3.99 5.45
C GLY D 182 -74.50 4.58 6.80
N LYS D 183 -73.84 3.75 7.60
CA LYS D 183 -73.51 4.13 8.96
C LYS D 183 -72.06 3.79 9.34
N PHE D 184 -71.36 4.79 9.88
CA PHE D 184 -69.97 4.66 10.32
C PHE D 184 -69.91 4.13 11.74
N LEU D 185 -69.69 2.83 11.86
CA LEU D 185 -69.69 2.18 13.16
C LEU D 185 -68.59 2.80 14.02
N ARG D 186 -67.35 2.42 13.73
CA ARG D 186 -66.18 2.85 14.48
C ARG D 186 -65.14 3.30 13.45
N LEU D 187 -63.93 3.56 13.91
CA LEU D 187 -62.78 3.67 13.03
C LEU D 187 -62.42 2.27 12.58
N PRO D 188 -61.43 2.16 11.70
CA PRO D 188 -61.03 0.80 11.33
C PRO D 188 -60.04 0.21 12.34
N ASP D 189 -59.42 -0.92 11.97
CA ASP D 189 -58.22 -1.43 12.66
C ASP D 189 -57.22 -1.61 11.56
N ARG D 190 -55.98 -1.92 11.89
CA ARG D 190 -55.07 -2.38 10.85
C ARG D 190 -55.33 -3.87 10.69
N GLU D 191 -56.14 -4.40 11.59
CA GLU D 191 -56.78 -5.72 11.42
C GLU D 191 -57.49 -5.81 10.06
N ASP D 192 -58.44 -4.90 9.82
CA ASP D 192 -59.28 -4.89 8.61
C ASP D 192 -58.51 -4.62 7.32
N LEU D 193 -58.46 -3.35 6.92
CA LEU D 193 -57.74 -2.87 5.73
C LEU D 193 -56.55 -3.73 5.32
N ALA D 194 -56.71 -4.55 4.30
CA ALA D 194 -55.56 -5.31 3.79
C ALA D 194 -55.08 -4.65 2.50
N LEU D 195 -54.32 -3.59 2.69
CA LEU D 195 -53.82 -2.80 1.58
C LEU D 195 -52.51 -3.45 1.16
N PRO D 196 -51.90 -2.99 0.06
CA PRO D 196 -50.62 -3.60 -0.35
C PRO D 196 -49.47 -2.68 0.00
N VAL D 197 -49.70 -1.90 1.06
CA VAL D 197 -48.69 -1.05 1.65
C VAL D 197 -48.16 -1.66 2.92
N ASN D 198 -46.90 -1.35 3.19
CA ASN D 198 -46.32 -1.57 4.50
C ASN D 198 -46.07 -0.21 5.16
N GLU D 199 -46.77 0.06 6.26
CA GLU D 199 -46.91 1.46 6.68
C GLU D 199 -45.74 2.07 7.44
N GLN D 200 -44.97 1.22 8.12
CA GLN D 200 -43.82 1.70 8.88
C GLN D 200 -42.80 2.27 7.89
N LEU D 201 -42.58 1.55 6.79
CA LEU D 201 -41.80 2.01 5.64
C LEU D 201 -42.27 3.39 5.08
N VAL D 202 -43.53 3.75 5.36
CA VAL D 202 -44.08 5.05 4.96
C VAL D 202 -43.52 6.07 5.95
N ILE D 203 -43.65 5.75 7.23
CA ILE D 203 -43.18 6.61 8.31
C ILE D 203 -41.64 6.79 8.29
N GLU D 204 -40.91 5.76 7.87
CA GLU D 204 -39.48 5.82 7.65
C GLU D 204 -39.12 6.70 6.44
N PHE D 205 -40.10 7.34 5.83
CA PHE D 205 -39.85 8.31 4.78
C PHE D 205 -40.18 9.67 5.37
N TYR D 206 -40.97 9.65 6.42
CA TYR D 206 -41.27 10.85 7.15
C TYR D 206 -40.60 10.75 8.50
N SER D 207 -39.33 10.38 8.43
CA SER D 207 -38.41 10.50 9.55
C SER D 207 -37.30 11.39 9.03
N ARG D 208 -36.80 11.01 7.85
CA ARG D 208 -35.86 11.81 7.09
C ARG D 208 -36.48 13.17 6.75
N ASP E 1 -31.28 -21.16 5.09
CA ASP E 1 -32.47 -20.31 5.08
C ASP E 1 -32.30 -19.06 5.95
N PHE E 2 -31.67 -18.02 5.39
CA PHE E 2 -31.50 -16.74 6.09
C PHE E 2 -31.63 -15.54 5.17
N GLU E 3 -32.59 -14.68 5.41
CA GLU E 3 -32.72 -13.50 4.55
C GLU E 3 -31.49 -12.62 4.71
N GLU E 4 -30.96 -12.03 3.63
CA GLU E 4 -29.72 -11.29 3.77
C GLU E 4 -29.52 -10.04 2.93
N LYS E 5 -29.70 -8.87 3.54
CA LYS E 5 -29.43 -7.58 2.87
C LYS E 5 -27.93 -7.38 2.56
N MET E 6 -27.62 -6.28 1.88
CA MET E 6 -26.22 -5.96 1.60
C MET E 6 -25.94 -4.48 1.79
N ILE E 7 -24.88 -4.20 2.55
CA ILE E 7 -24.54 -2.90 3.15
C ILE E 7 -23.73 -1.99 2.26
N LEU E 8 -22.62 -2.54 1.80
CA LEU E 8 -21.74 -1.79 0.96
C LEU E 8 -20.74 -2.69 0.27
N ILE E 9 -20.34 -2.21 -0.90
CA ILE E 9 -19.28 -2.83 -1.67
C ILE E 9 -18.19 -1.78 -1.92
N ARG E 10 -16.96 -2.25 -2.12
CA ARG E 10 -15.91 -1.38 -2.63
C ARG E 10 -14.81 -2.10 -3.43
N ARG E 11 -14.18 -1.32 -4.30
CA ARG E 11 -12.96 -1.73 -4.99
C ARG E 11 -11.79 -1.08 -4.32
N THR E 12 -10.82 -1.90 -3.97
CA THR E 12 -9.62 -1.44 -3.32
C THR E 12 -8.41 -1.71 -4.20
N ALA E 13 -7.37 -0.91 -4.04
CA ALA E 13 -6.15 -1.08 -4.81
C ALA E 13 -4.97 -1.73 -4.05
N ARG E 14 -4.37 -2.74 -4.69
CA ARG E 14 -2.96 -3.12 -4.53
C ARG E 14 -2.15 -2.30 -5.53
N MET E 15 -0.96 -2.78 -5.86
CA MET E 15 -0.14 -2.16 -6.89
C MET E 15 0.83 -3.21 -7.35
N GLN E 16 1.72 -2.81 -8.26
CA GLN E 16 2.66 -3.72 -8.89
C GLN E 16 3.49 -2.98 -9.92
N ALA E 17 4.46 -3.66 -10.51
CA ALA E 17 5.20 -3.17 -11.66
C ALA E 17 4.26 -3.20 -12.85
N GLY E 18 4.13 -2.08 -13.56
CA GLY E 18 3.15 -1.96 -14.64
C GLY E 18 1.70 -2.10 -14.16
N GLY E 19 0.98 -0.97 -14.13
CA GLY E 19 -0.41 -0.87 -13.67
C GLY E 19 -0.79 -1.43 -12.31
N ARG E 20 -1.94 -0.99 -11.79
CA ARG E 20 -2.45 -1.54 -10.54
C ARG E 20 -3.07 -2.94 -10.70
N ARG E 21 -3.48 -3.52 -9.57
CA ARG E 21 -4.19 -4.79 -9.53
C ARG E 21 -5.18 -4.61 -8.39
N PHE E 22 -6.20 -5.44 -8.31
CA PHE E 22 -7.23 -5.10 -7.35
C PHE E 22 -7.75 -6.31 -6.65
N ARG E 23 -8.97 -6.11 -6.18
CA ARG E 23 -9.61 -6.94 -5.19
C ARG E 23 -10.84 -6.12 -4.81
N PHE E 24 -11.93 -6.79 -4.45
CA PHE E 24 -13.15 -6.09 -4.06
C PHE E 24 -13.67 -6.62 -2.75
N GLY E 25 -14.36 -5.73 -2.04
CA GLY E 25 -14.78 -6.02 -0.68
C GLY E 25 -16.24 -5.72 -0.45
N ALA E 26 -16.94 -6.65 0.22
CA ALA E 26 -18.41 -6.63 0.30
C ALA E 26 -19.00 -6.74 1.71
N LEU E 27 -19.65 -5.67 2.16
CA LEU E 27 -20.25 -5.67 3.48
C LEU E 27 -21.66 -6.20 3.36
N VAL E 28 -21.98 -7.20 4.18
CA VAL E 28 -23.20 -8.01 4.03
C VAL E 28 -23.89 -8.17 5.40
N VAL E 29 -25.21 -8.18 5.45
CA VAL E 29 -25.87 -8.44 6.73
C VAL E 29 -26.38 -9.88 6.66
N VAL E 30 -27.34 -10.24 7.52
CA VAL E 30 -28.11 -11.51 7.52
C VAL E 30 -29.36 -11.25 8.43
N GLY E 31 -30.08 -12.28 8.90
CA GLY E 31 -31.02 -12.12 10.01
C GLY E 31 -32.49 -12.51 9.88
N ASP E 32 -32.93 -13.50 10.67
CA ASP E 32 -34.36 -13.67 10.86
C ASP E 32 -34.98 -12.60 11.75
N ARG E 33 -35.43 -11.52 11.14
CA ARG E 33 -36.12 -10.41 11.82
C ARG E 33 -36.83 -10.66 13.19
N GLN E 34 -36.89 -11.90 13.63
CA GLN E 34 -37.33 -12.21 14.97
C GLN E 34 -36.13 -12.79 15.68
N GLY E 35 -35.35 -11.91 16.33
CA GLY E 35 -34.15 -12.28 17.05
C GLY E 35 -32.89 -12.00 16.25
N ARG E 36 -32.31 -13.05 15.69
CA ARG E 36 -30.95 -13.10 15.13
C ARG E 36 -30.54 -12.22 13.92
N VAL E 37 -29.28 -12.37 13.47
CA VAL E 37 -28.55 -11.40 12.61
C VAL E 37 -27.01 -11.52 12.61
N GLY E 38 -26.43 -11.71 11.44
CA GLY E 38 -24.99 -11.73 11.32
C GLY E 38 -24.43 -10.58 10.50
N LEU E 39 -23.10 -10.50 10.39
CA LEU E 39 -22.43 -9.60 9.46
C LEU E 39 -21.22 -10.33 8.89
N GLY E 40 -20.82 -9.98 7.68
CA GLY E 40 -19.57 -10.47 7.14
C GLY E 40 -18.82 -9.30 6.54
N PHE E 41 -17.55 -9.51 6.24
CA PHE E 41 -16.85 -8.58 5.38
C PHE E 41 -16.00 -9.44 4.45
N GLY E 42 -16.28 -9.33 3.15
CA GLY E 42 -15.69 -10.25 2.20
C GLY E 42 -14.86 -9.60 1.12
N LYS E 43 -13.68 -10.16 0.90
CA LYS E 43 -12.75 -9.69 -0.11
C LYS E 43 -12.65 -10.83 -1.10
N ALA E 44 -12.59 -10.51 -2.39
CA ALA E 44 -12.30 -11.52 -3.40
C ALA E 44 -11.99 -10.92 -4.78
N PRO E 45 -11.38 -11.72 -5.70
CA PRO E 45 -10.87 -11.20 -6.98
C PRO E 45 -11.91 -10.54 -7.88
N GLU E 46 -13.03 -11.24 -8.15
CA GLU E 46 -14.18 -10.71 -8.89
C GLU E 46 -15.36 -10.53 -7.94
N VAL E 47 -16.10 -9.44 -8.15
CA VAL E 47 -17.10 -8.92 -7.23
C VAL E 47 -18.06 -9.88 -6.50
N PRO E 48 -18.97 -10.55 -7.24
CA PRO E 48 -20.04 -11.24 -6.51
C PRO E 48 -19.53 -12.56 -5.95
N LEU E 49 -18.27 -12.85 -6.24
CA LEU E 49 -17.52 -13.94 -5.64
C LEU E 49 -17.25 -13.55 -4.21
N ALA E 50 -17.24 -12.24 -4.00
CA ALA E 50 -16.96 -11.68 -2.69
C ALA E 50 -18.24 -11.48 -1.94
N VAL E 51 -19.18 -10.89 -2.64
CA VAL E 51 -20.47 -10.66 -2.08
C VAL E 51 -21.00 -12.00 -1.56
N GLN E 52 -20.75 -13.07 -2.31
CA GLN E 52 -21.08 -14.43 -1.87
C GLN E 52 -20.30 -14.85 -0.63
N LYS E 53 -19.01 -14.52 -0.61
CA LYS E 53 -18.12 -14.90 0.49
C LYS E 53 -18.52 -14.17 1.76
N ALA E 54 -18.74 -12.87 1.64
CA ALA E 54 -19.17 -12.03 2.76
C ALA E 54 -20.40 -12.60 3.47
N GLY E 55 -21.29 -13.20 2.69
CA GLY E 55 -22.44 -13.90 3.22
C GLY E 55 -21.98 -15.04 4.10
N TYR E 56 -20.89 -15.71 3.73
CA TYR E 56 -20.35 -16.81 4.56
C TYR E 56 -20.07 -16.34 5.98
N TYR E 57 -19.15 -15.37 6.12
CA TYR E 57 -18.61 -14.91 7.42
C TYR E 57 -19.74 -14.55 8.43
N ALA E 58 -20.77 -13.89 7.92
CA ALA E 58 -22.03 -13.62 8.61
C ALA E 58 -22.80 -14.80 9.25
N ARG E 59 -22.69 -15.98 8.64
CA ARG E 59 -23.39 -17.15 9.16
C ARG E 59 -22.79 -17.63 10.49
N ARG E 60 -21.47 -17.44 10.63
CA ARG E 60 -20.72 -17.82 11.83
C ARG E 60 -20.68 -16.67 12.81
N ASN E 61 -20.63 -15.47 12.26
CA ASN E 61 -20.58 -14.22 13.03
C ASN E 61 -21.95 -13.78 13.59
N MET E 62 -22.76 -14.77 13.96
CA MET E 62 -24.15 -14.52 14.34
C MET E 62 -24.33 -13.90 15.75
N VAL E 63 -25.33 -13.04 15.87
CA VAL E 63 -25.69 -12.51 17.19
C VAL E 63 -27.19 -12.60 17.46
N GLU E 64 -27.58 -13.60 18.26
CA GLU E 64 -28.92 -13.62 18.87
C GLU E 64 -29.11 -12.24 19.50
N VAL E 65 -30.35 -11.79 19.60
CA VAL E 65 -30.53 -10.47 20.11
C VAL E 65 -31.58 -10.52 21.19
N PRO E 66 -31.28 -9.94 22.36
CA PRO E 66 -32.48 -9.76 23.16
C PRO E 66 -33.45 -8.78 22.46
N LEU E 67 -34.65 -9.23 22.07
CA LEU E 67 -35.64 -8.35 21.42
C LEU E 67 -36.87 -8.20 22.29
N GLN E 68 -37.50 -7.03 22.32
CA GLN E 68 -38.61 -6.89 23.24
C GLN E 68 -39.69 -5.96 22.69
N ASN E 69 -40.78 -6.54 22.19
CA ASN E 69 -41.78 -5.79 21.45
C ASN E 69 -41.12 -5.03 20.30
N GLY E 70 -40.36 -5.77 19.50
CA GLY E 70 -39.69 -5.22 18.32
C GLY E 70 -38.68 -4.12 18.56
N THR E 71 -38.36 -3.86 19.84
CA THR E 71 -37.50 -2.73 20.25
C THR E 71 -36.35 -3.18 21.16
N ILE E 72 -35.55 -2.19 21.58
CA ILE E 72 -34.30 -2.34 22.33
C ILE E 72 -34.49 -2.20 23.85
N PRO E 73 -33.97 -3.19 24.60
CA PRO E 73 -34.40 -3.42 26.00
C PRO E 73 -34.20 -2.24 26.98
N HIS E 74 -33.00 -1.60 26.91
CA HIS E 74 -32.54 -0.42 27.71
C HIS E 74 -32.07 0.69 26.75
N GLU E 75 -31.35 1.72 27.21
CA GLU E 75 -30.63 2.60 26.25
C GLU E 75 -29.26 1.94 25.88
N ILE E 76 -28.41 2.56 25.04
CA ILE E 76 -27.01 2.08 24.88
C ILE E 76 -26.09 2.95 24.02
N GLU E 77 -24.79 2.89 24.31
CA GLU E 77 -23.76 3.55 23.48
C GLU E 77 -22.51 2.70 23.42
N VAL E 78 -21.83 2.64 22.27
CA VAL E 78 -20.46 2.06 22.18
C VAL E 78 -19.51 2.76 21.17
N GLU E 79 -18.24 2.88 21.56
CA GLU E 79 -17.18 3.32 20.64
C GLU E 79 -16.51 2.08 20.05
N PHE E 80 -15.90 2.28 18.90
CA PHE E 80 -15.04 1.28 18.26
C PHE E 80 -14.53 2.12 17.10
N GLY E 81 -13.21 2.39 17.15
CA GLY E 81 -12.59 3.40 16.29
C GLY E 81 -13.02 4.77 16.78
N ALA E 82 -12.93 5.78 15.92
CA ALA E 82 -13.45 7.10 16.29
C ALA E 82 -14.85 7.30 15.70
N SER E 83 -15.62 6.21 15.65
CA SER E 83 -16.99 6.19 15.13
C SER E 83 -17.96 5.77 16.27
N LYS E 84 -18.78 6.72 16.71
CA LYS E 84 -19.48 6.57 17.99
C LYS E 84 -20.95 6.31 17.84
N ILE E 85 -21.36 5.08 18.14
CA ILE E 85 -22.71 4.60 17.82
C ILE E 85 -23.73 4.63 18.96
N VAL E 86 -24.92 5.12 18.63
CA VAL E 86 -25.95 5.34 19.62
C VAL E 86 -27.17 4.52 19.25
N LEU E 87 -27.82 3.93 20.26
CA LEU E 87 -29.11 3.27 20.10
C LEU E 87 -29.89 3.69 21.33
N LYS E 88 -31.15 3.32 21.39
CA LYS E 88 -32.06 3.83 22.41
C LYS E 88 -33.40 3.35 21.96
N PRO E 89 -34.18 2.80 22.88
CA PRO E 89 -35.44 2.22 22.45
C PRO E 89 -36.43 3.31 22.01
N ALA E 90 -37.18 3.00 20.95
CA ALA E 90 -38.32 3.80 20.55
C ALA E 90 -39.60 3.03 20.90
N ALA E 91 -40.73 3.74 20.95
CA ALA E 91 -42.03 3.12 21.25
C ALA E 91 -42.65 2.58 19.96
N PRO E 92 -43.63 1.65 20.08
CA PRO E 92 -44.55 1.31 18.98
C PRO E 92 -45.02 2.51 18.12
N GLY E 93 -44.50 2.55 16.90
CA GLY E 93 -44.88 3.55 15.92
C GLY E 93 -43.78 4.53 15.52
N THR E 94 -42.58 4.40 16.09
CA THR E 94 -41.51 5.36 15.79
C THR E 94 -40.49 4.82 14.81
N GLY E 95 -40.20 3.52 14.92
CA GLY E 95 -39.57 2.72 13.87
C GLY E 95 -38.24 3.10 13.24
N VAL E 96 -37.45 2.09 12.88
CA VAL E 96 -36.08 2.24 12.35
C VAL E 96 -35.64 3.61 11.71
N ILE E 97 -35.60 4.61 12.63
CA ILE E 97 -34.87 5.88 12.49
C ILE E 97 -33.43 5.62 12.88
N ALA E 98 -32.55 5.79 11.91
CA ALA E 98 -31.16 5.36 11.96
C ALA E 98 -30.71 5.63 10.56
N GLY E 99 -29.48 6.09 10.40
CA GLY E 99 -29.00 6.32 9.06
C GLY E 99 -28.84 5.02 8.31
N ALA E 100 -28.34 5.17 7.10
CA ALA E 100 -27.99 4.07 6.21
C ALA E 100 -27.76 2.69 6.89
N VAL E 101 -26.68 2.58 7.65
CA VAL E 101 -26.18 1.28 8.05
C VAL E 101 -26.75 0.66 9.33
N PRO E 102 -27.20 1.48 10.29
CA PRO E 102 -27.85 0.72 11.36
C PRO E 102 -29.17 0.14 10.87
N ARG E 103 -29.88 0.91 10.04
CA ARG E 103 -31.15 0.51 9.44
C ARG E 103 -30.98 -0.90 8.89
N ALA E 104 -30.08 -1.02 7.93
CA ALA E 104 -29.74 -2.29 7.32
C ALA E 104 -29.52 -3.42 8.33
N ILE E 105 -28.92 -3.12 9.45
CA ILE E 105 -28.51 -4.18 10.34
C ILE E 105 -29.56 -4.39 11.41
N LEU E 106 -30.16 -3.29 11.87
CA LEU E 106 -31.20 -3.33 12.89
C LEU E 106 -32.49 -3.97 12.36
N GLU E 107 -32.94 -3.51 11.18
CA GLU E 107 -34.11 -4.06 10.48
C GLU E 107 -34.02 -5.57 10.45
N LEU E 108 -33.05 -6.06 9.67
CA LEU E 108 -32.82 -7.48 9.40
C LEU E 108 -32.63 -8.34 10.63
N ALA E 109 -32.25 -7.68 11.72
CA ALA E 109 -32.05 -8.30 13.03
C ALA E 109 -33.41 -8.30 13.70
N GLY E 110 -34.23 -7.37 13.25
CA GLY E 110 -35.57 -7.35 13.75
C GLY E 110 -35.65 -6.28 14.76
N VAL E 111 -35.86 -5.06 14.29
CA VAL E 111 -36.31 -4.03 15.15
C VAL E 111 -37.42 -3.37 14.39
N THR E 112 -38.51 -3.08 15.08
CA THR E 112 -39.53 -2.19 14.54
C THR E 112 -39.07 -0.76 14.82
N ASP E 113 -39.11 -0.43 16.10
CA ASP E 113 -38.78 0.92 16.55
C ASP E 113 -37.46 1.08 17.33
N ILE E 114 -36.81 2.22 17.07
CA ILE E 114 -35.50 2.46 17.59
C ILE E 114 -35.20 3.93 17.30
N LEU E 115 -34.38 4.55 18.14
CA LEU E 115 -33.77 5.84 17.83
C LEU E 115 -32.25 5.70 17.66
N THR E 116 -31.64 6.64 16.95
CA THR E 116 -30.24 6.48 16.52
C THR E 116 -29.53 7.71 15.88
N LYS E 117 -28.23 7.82 16.21
CA LYS E 117 -27.25 8.81 15.71
C LYS E 117 -25.86 8.20 15.38
N GLU E 118 -25.12 8.78 14.43
CA GLU E 118 -23.74 8.34 14.17
C GLU E 118 -22.71 9.45 14.43
N LEU E 119 -21.48 9.09 14.81
CA LEU E 119 -20.58 10.10 15.38
C LEU E 119 -19.08 10.16 15.04
N GLY E 120 -18.69 11.37 14.62
CA GLY E 120 -17.32 11.72 14.37
C GLY E 120 -16.80 11.18 13.06
N SER E 121 -16.33 9.93 13.11
CA SER E 121 -15.93 9.19 11.93
C SER E 121 -17.16 8.44 11.61
N ARG E 122 -17.42 8.27 10.31
CA ARG E 122 -18.66 7.69 9.86
C ARG E 122 -18.43 6.50 8.95
N ASN E 123 -17.17 6.22 8.62
CA ASN E 123 -16.85 5.03 7.85
C ASN E 123 -17.73 3.85 8.22
N PRO E 124 -18.37 3.29 7.18
CA PRO E 124 -19.43 2.27 7.30
C PRO E 124 -18.93 1.20 8.23
N ILE E 125 -17.75 0.71 7.89
CA ILE E 125 -17.26 -0.56 8.39
C ILE E 125 -17.08 -0.46 9.88
N ASN E 126 -16.67 0.70 10.36
CA ASN E 126 -16.54 0.81 11.79
C ASN E 126 -17.93 0.78 12.40
N ILE E 127 -18.79 1.69 11.93
CA ILE E 127 -20.17 1.73 12.40
C ILE E 127 -20.90 0.42 12.17
N ALA E 128 -20.38 -0.41 11.28
CA ALA E 128 -20.87 -1.79 11.12
C ALA E 128 -20.70 -2.57 12.42
N TYR E 129 -19.46 -2.97 12.72
CA TYR E 129 -19.21 -3.70 13.96
C TYR E 129 -19.06 -2.80 15.17
N ALA E 130 -19.16 -1.48 14.97
CA ALA E 130 -19.61 -0.63 16.07
C ALA E 130 -20.83 -1.27 16.72
N THR E 131 -21.79 -1.59 15.86
CA THR E 131 -23.15 -1.92 16.27
C THR E 131 -23.36 -3.40 16.40
N MET E 132 -22.56 -4.18 15.67
CA MET E 132 -22.50 -5.61 15.94
C MET E 132 -22.13 -5.83 17.39
N GLU E 133 -21.24 -4.96 17.89
CA GLU E 133 -20.85 -4.97 19.30
C GLU E 133 -21.88 -4.31 20.22
N ALA E 134 -22.52 -3.23 19.74
CA ALA E 134 -23.53 -2.55 20.53
C ALA E 134 -24.60 -3.54 20.92
N LEU E 135 -24.82 -4.50 20.01
CA LEU E 135 -25.86 -5.53 20.10
C LEU E 135 -25.40 -6.79 20.79
N ARG E 136 -24.08 -7.03 20.81
CA ARG E 136 -23.52 -8.19 21.49
C ARG E 136 -23.64 -7.96 22.99
N GLN E 137 -24.06 -6.75 23.33
CA GLN E 137 -23.87 -6.19 24.66
C GLN E 137 -25.19 -5.68 25.22
N LEU E 138 -26.26 -5.92 24.49
CA LEU E 138 -27.56 -5.64 25.06
C LEU E 138 -27.79 -6.66 26.20
N ARG E 139 -28.41 -6.21 27.29
CA ARG E 139 -28.69 -7.08 28.45
C ARG E 139 -30.13 -6.93 29.05
N THR E 140 -30.69 -8.04 29.49
CA THR E 140 -32.14 -8.22 29.73
C THR E 140 -32.63 -8.24 31.16
N LYS E 141 -33.74 -7.57 31.45
CA LYS E 141 -34.31 -7.53 32.81
C LYS E 141 -34.31 -8.85 33.60
N ALA E 142 -33.79 -9.92 33.02
CA ALA E 142 -33.69 -11.19 33.73
C ALA E 142 -32.28 -11.73 33.62
N ASP E 143 -31.66 -11.57 32.44
CA ASP E 143 -30.25 -11.92 32.20
C ASP E 143 -29.45 -11.18 33.25
N VAL E 144 -30.07 -10.10 33.73
CA VAL E 144 -29.46 -9.10 34.57
C VAL E 144 -29.71 -9.29 36.06
N GLU E 145 -30.92 -9.24 36.57
CA GLU E 145 -31.02 -9.52 38.00
C GLU E 145 -30.62 -10.98 38.33
N ARG E 146 -30.09 -11.68 37.32
CA ARG E 146 -29.36 -12.94 37.46
C ARG E 146 -28.02 -12.79 36.72
N LEU E 147 -27.38 -11.64 36.98
CA LEU E 147 -25.94 -11.40 36.85
C LEU E 147 -25.53 -10.93 38.23
N ARG E 148 -26.16 -9.84 38.67
CA ARG E 148 -26.04 -9.37 40.05
C ARG E 148 -26.73 -10.33 41.00
N LYS E 149 -27.47 -9.82 42.00
CA LYS E 149 -28.26 -10.63 42.93
C LYS E 149 -28.05 -12.16 42.88
N GLY E 150 -28.07 -12.73 41.67
CA GLY E 150 -28.01 -14.17 41.39
C GLY E 150 -26.94 -15.03 42.05
N GLU E 151 -26.08 -14.36 42.81
CA GLU E 151 -25.29 -14.94 43.89
C GLU E 151 -26.13 -16.01 44.61
N ALA E 152 -27.30 -15.60 45.12
CA ALA E 152 -28.21 -16.53 45.76
C ALA E 152 -29.56 -16.53 45.06
N HIS E 153 -29.58 -16.96 43.81
CA HIS E 153 -30.83 -16.94 43.06
C HIS E 153 -31.69 -18.13 43.39
N ALA E 154 -32.99 -17.98 43.12
CA ALA E 154 -34.02 -18.94 43.50
C ALA E 154 -34.21 -19.06 45.01
N GLN E 155 -33.61 -18.12 45.75
CA GLN E 155 -34.12 -17.76 47.07
C GLN E 155 -34.84 -16.43 46.88
N ALA E 156 -34.31 -15.61 45.99
CA ALA E 156 -34.96 -14.36 45.60
C ALA E 156 -36.20 -14.67 44.77
N GLN E 157 -36.03 -15.58 43.80
CA GLN E 157 -37.08 -15.93 42.83
C GLN E 157 -37.03 -17.43 42.35
N MET F 1 36.02 21.77 64.95
CA MET F 1 36.35 22.29 63.62
C MET F 1 36.82 21.21 62.62
N ARG F 2 36.93 21.62 61.37
CA ARG F 2 37.20 20.69 60.27
C ARG F 2 38.69 20.32 60.23
N ARG F 3 39.00 19.12 59.75
CA ARG F 3 40.16 18.43 60.26
C ARG F 3 41.14 17.79 59.19
N TYR F 4 41.53 18.63 58.25
CA TYR F 4 42.32 18.37 57.02
C TYR F 4 43.60 17.43 56.91
N GLU F 5 44.42 17.64 55.86
CA GLU F 5 45.72 16.94 55.62
C GLU F 5 46.64 17.73 54.65
N VAL F 6 47.87 18.05 55.05
CA VAL F 6 48.74 19.00 54.29
C VAL F 6 49.99 18.44 53.59
N ASN F 7 49.97 18.44 52.27
CA ASN F 7 51.01 17.78 51.52
C ASN F 7 51.99 18.71 50.85
N ILE F 8 53.26 18.53 51.19
CA ILE F 8 54.30 19.39 50.62
C ILE F 8 55.52 18.68 49.99
N VAL F 9 55.77 19.11 48.75
CA VAL F 9 56.96 18.78 47.97
C VAL F 9 58.05 19.86 48.07
N LEU F 10 59.26 19.47 48.48
CA LEU F 10 60.44 20.34 48.42
C LEU F 10 61.55 19.53 47.76
N ASN F 11 62.42 20.21 47.01
CA ASN F 11 63.43 19.48 46.23
C ASN F 11 64.29 18.52 47.05
N PRO F 12 64.93 17.55 46.38
CA PRO F 12 65.86 16.65 47.07
C PRO F 12 67.32 17.15 47.09
N ASN F 13 67.52 18.43 46.73
CA ASN F 13 68.84 19.10 46.72
C ASN F 13 69.09 20.07 47.92
N LEU F 14 68.47 19.73 49.06
CA LEU F 14 68.38 20.60 50.24
C LEU F 14 69.04 19.99 51.48
N ASP F 15 70.28 20.41 51.76
CA ASP F 15 71.09 19.92 52.88
C ASP F 15 70.36 20.10 54.20
N GLN F 16 70.57 19.18 55.15
CA GLN F 16 69.84 19.12 56.43
C GLN F 16 69.52 20.48 57.10
N SER F 17 70.27 21.51 56.71
CA SER F 17 69.96 22.89 57.03
C SER F 17 68.64 23.32 56.42
N GLN F 18 68.72 23.81 55.19
CA GLN F 18 67.60 24.45 54.49
C GLN F 18 66.31 23.62 54.51
N LEU F 19 66.43 22.31 54.65
CA LEU F 19 65.25 21.45 54.77
C LEU F 19 64.60 21.49 56.17
N ALA F 20 65.43 21.65 57.21
CA ALA F 20 64.89 21.84 58.55
C ALA F 20 64.70 23.34 58.79
N LEU F 21 65.19 24.15 57.83
CA LEU F 21 64.96 25.62 57.76
C LEU F 21 63.62 25.95 57.13
N GLU F 22 63.37 25.36 55.96
CA GLU F 22 62.07 25.46 55.31
C GLU F 22 61.07 24.94 56.32
N LYS F 23 61.29 23.73 56.80
CA LYS F 23 60.41 23.11 57.80
C LYS F 23 60.10 23.99 59.04
N GLU F 24 60.62 25.20 59.06
CA GLU F 24 60.33 26.15 60.14
C GLU F 24 59.29 27.14 59.69
N ILE F 25 59.54 27.67 58.49
CA ILE F 25 58.59 28.55 57.84
C ILE F 25 57.25 27.81 57.80
N ILE F 26 57.33 26.50 57.51
CA ILE F 26 56.20 25.59 57.56
C ILE F 26 55.51 25.56 58.93
N GLN F 27 56.28 25.36 59.99
CA GLN F 27 55.73 25.35 61.33
C GLN F 27 55.08 26.69 61.60
N ARG F 28 55.66 27.75 61.02
CA ARG F 28 55.26 29.14 61.28
C ARG F 28 53.91 29.57 60.67
N ALA F 29 53.46 28.85 59.66
CA ALA F 29 52.14 29.09 59.11
C ALA F 29 51.11 28.31 59.91
N LEU F 30 51.55 27.20 60.48
CA LEU F 30 50.67 26.33 61.24
C LEU F 30 50.08 27.05 62.43
N GLU F 31 50.87 27.92 63.03
CA GLU F 31 50.44 28.64 64.22
C GLU F 31 49.71 29.90 63.82
N ASN F 32 50.29 30.57 62.83
CA ASN F 32 49.74 31.79 62.25
C ASN F 32 48.22 31.61 62.05
N TYR F 33 47.86 30.49 61.43
CA TYR F 33 46.48 30.20 61.01
C TYR F 33 45.89 28.99 61.73
N GLY F 34 45.39 29.19 62.96
CA GLY F 34 44.68 28.20 63.80
C GLY F 34 44.99 26.69 63.85
N ALA F 35 46.04 26.27 63.15
CA ALA F 35 46.28 24.86 62.85
C ALA F 35 47.22 24.09 63.80
N ARG F 36 46.65 23.23 64.62
CA ARG F 36 47.45 22.26 65.38
C ARG F 36 47.91 21.15 64.44
N VAL F 37 48.86 20.31 64.86
CA VAL F 37 49.13 19.07 64.12
C VAL F 37 48.86 17.83 64.98
N GLU F 38 48.23 16.82 64.36
CA GLU F 38 47.87 15.58 65.04
C GLU F 38 48.72 14.40 64.63
N LYS F 39 49.53 14.60 63.59
CA LYS F 39 50.75 13.82 63.30
C LYS F 39 51.36 14.21 61.97
N VAL F 40 52.54 13.68 61.70
CA VAL F 40 53.22 13.88 60.43
C VAL F 40 53.95 12.60 60.06
N GLU F 41 54.10 12.40 58.75
CA GLU F 41 54.90 11.33 58.17
C GLU F 41 55.80 11.97 57.14
N GLU F 42 57.07 12.07 57.47
CA GLU F 42 58.02 12.42 56.46
C GLU F 42 58.20 11.14 55.66
N LEU F 43 57.78 11.18 54.40
CA LEU F 43 58.07 10.10 53.48
C LEU F 43 59.55 10.19 53.14
N GLY F 44 59.96 11.35 52.65
CA GLY F 44 61.31 11.54 52.17
C GLY F 44 61.33 11.84 50.68
N LEU F 45 62.47 11.57 50.06
CA LEU F 45 62.63 11.85 48.64
C LEU F 45 62.31 10.62 47.80
N ARG F 46 61.33 10.80 46.92
CA ARG F 46 61.00 9.82 45.91
C ARG F 46 61.58 10.33 44.61
N ARG F 47 61.37 9.55 43.55
CA ARG F 47 61.27 10.15 42.22
C ARG F 47 59.78 10.37 41.99
N LEU F 48 59.47 11.40 41.22
CA LEU F 48 58.12 11.65 40.79
C LEU F 48 57.68 10.62 39.72
N ALA F 49 57.26 11.14 38.57
CA ALA F 49 57.02 10.33 37.42
C ALA F 49 57.42 11.18 36.23
N TYR F 50 57.55 12.47 36.47
CA TYR F 50 57.87 13.45 35.44
C TYR F 50 58.78 14.61 35.98
N PRO F 51 59.27 15.50 35.09
CA PRO F 51 59.95 16.68 35.63
C PRO F 51 59.03 17.73 36.28
N ILE F 52 59.08 17.86 37.62
CA ILE F 52 58.54 19.03 38.31
C ILE F 52 59.59 20.18 38.45
N ALA F 53 59.49 21.19 37.58
CA ALA F 53 60.54 22.22 37.44
C ALA F 53 61.92 21.54 37.38
N LYS F 54 62.30 21.09 36.18
CA LYS F 54 63.54 20.32 35.88
C LYS F 54 63.99 19.16 36.82
N ASP F 55 63.46 19.16 38.05
CA ASP F 55 63.70 18.18 39.12
C ASP F 55 63.26 16.80 38.72
N PRO F 56 64.19 15.88 38.43
CA PRO F 56 63.57 14.57 38.22
C PRO F 56 63.32 13.74 39.51
N GLN F 57 63.52 14.35 40.68
CA GLN F 57 63.14 13.76 42.00
C GLN F 57 62.52 14.82 42.91
N GLY F 58 61.92 14.39 44.03
CA GLY F 58 61.21 15.29 44.93
C GLY F 58 61.04 14.71 46.32
N TYR F 59 60.91 15.59 47.32
CA TYR F 59 61.01 15.20 48.74
C TYR F 59 59.73 15.55 49.52
N PHE F 60 59.10 14.53 50.14
CA PHE F 60 57.68 14.65 50.56
C PHE F 60 57.41 14.66 52.06
N LEU F 61 56.50 15.54 52.48
CA LEU F 61 56.06 15.58 53.88
C LEU F 61 54.52 15.65 54.04
N TRP F 62 53.97 14.83 54.93
CA TRP F 62 52.52 14.83 55.14
C TRP F 62 52.05 15.28 56.52
N TYR F 63 51.21 16.31 56.57
CA TYR F 63 50.85 16.96 57.85
C TYR F 63 49.36 16.96 58.22
N GLN F 64 48.90 15.95 58.96
CA GLN F 64 47.48 15.85 59.34
C GLN F 64 47.02 16.91 60.35
N VAL F 65 46.72 18.09 59.85
CA VAL F 65 46.36 19.21 60.71
C VAL F 65 44.99 19.16 61.45
N GLU F 66 44.46 20.36 61.70
CA GLU F 66 43.11 20.69 62.18
C GLU F 66 43.05 22.17 61.79
N MET F 67 41.97 22.91 62.04
CA MET F 67 41.86 24.29 61.52
C MET F 67 40.53 25.03 61.68
N PRO F 68 40.61 26.35 61.89
CA PRO F 68 39.55 27.29 61.50
C PRO F 68 39.44 27.38 59.97
N GLU F 69 38.26 27.01 59.47
CA GLU F 69 37.93 26.89 58.06
C GLU F 69 38.51 27.97 57.14
N ASP F 70 38.18 29.23 57.43
CA ASP F 70 38.48 30.37 56.56
C ASP F 70 39.92 30.46 56.05
N ARG F 71 40.83 30.04 56.91
CA ARG F 71 42.22 30.39 56.81
C ARG F 71 42.97 29.41 55.94
N VAL F 72 42.32 28.29 55.63
CA VAL F 72 42.95 27.22 54.89
C VAL F 72 43.46 27.65 53.52
N ASN F 73 42.61 28.30 52.72
CA ASN F 73 43.00 28.69 51.36
C ASN F 73 44.25 29.59 51.39
N ASP F 74 44.42 30.37 52.47
CA ASP F 74 45.54 31.29 52.60
C ASP F 74 46.74 30.63 53.22
N LEU F 75 46.47 29.66 54.09
CA LEU F 75 47.55 28.94 54.75
C LEU F 75 48.45 28.38 53.64
N ALA F 76 47.83 27.71 52.68
CA ALA F 76 48.59 27.13 51.58
C ALA F 76 48.99 28.17 50.54
N ARG F 77 48.36 29.35 50.59
CA ARG F 77 48.76 30.46 49.71
C ARG F 77 50.18 30.81 50.11
N GLU F 78 50.45 30.61 51.40
CA GLU F 78 51.72 30.94 52.01
C GLU F 78 52.77 30.00 51.50
N LEU F 79 52.54 28.72 51.77
CA LEU F 79 53.59 27.73 51.63
C LEU F 79 54.10 27.66 50.18
N ARG F 80 53.37 28.30 49.27
CA ARG F 80 53.63 28.20 47.82
C ARG F 80 54.67 29.18 47.31
N ILE F 81 55.10 30.10 48.17
CA ILE F 81 55.99 31.19 47.75
C ILE F 81 57.48 30.84 47.89
N ARG F 82 57.79 29.95 48.84
CA ARG F 82 59.15 29.52 49.10
C ARG F 82 59.61 28.69 47.92
N ASP F 83 60.59 29.20 47.17
CA ASP F 83 61.07 28.58 45.92
C ASP F 83 61.41 27.10 46.06
N ASN F 84 61.51 26.64 47.31
CA ASN F 84 61.78 25.24 47.65
C ASN F 84 60.52 24.36 47.62
N VAL F 85 59.43 24.88 48.18
CA VAL F 85 58.12 24.24 48.07
C VAL F 85 57.67 24.25 46.61
N ARG F 86 57.96 23.15 45.93
CA ARG F 86 57.55 22.91 44.55
C ARG F 86 56.01 22.91 44.46
N ARG F 87 55.34 22.09 45.28
CA ARG F 87 53.86 22.06 45.33
C ARG F 87 53.21 21.66 46.65
N VAL F 88 52.01 22.19 46.86
CA VAL F 88 51.23 21.90 48.06
C VAL F 88 49.80 21.49 47.78
N MET F 89 49.23 20.67 48.67
CA MET F 89 47.83 20.28 48.58
C MET F 89 47.20 20.04 49.95
N VAL F 90 46.22 20.86 50.33
CA VAL F 90 45.35 20.48 51.44
C VAL F 90 44.19 19.63 50.91
N VAL F 91 43.78 18.71 51.76
CA VAL F 91 42.73 17.75 51.49
C VAL F 91 41.91 17.81 52.77
N LYS F 92 40.66 17.39 52.74
CA LYS F 92 39.92 17.26 53.99
C LYS F 92 40.15 15.87 54.58
N SER F 93 39.62 15.59 55.75
CA SER F 93 39.89 14.27 56.33
C SER F 93 38.66 13.43 56.16
N GLN F 94 38.85 12.26 55.55
CA GLN F 94 37.75 11.38 55.18
C GLN F 94 38.10 9.92 55.37
N GLU F 95 37.21 9.21 56.07
CA GLU F 95 37.40 7.81 56.39
C GLU F 95 37.83 6.99 55.18
N PRO F 96 38.74 6.04 55.38
CA PRO F 96 39.23 5.21 54.26
C PRO F 96 38.11 4.34 53.65
N PHE F 97 38.37 3.82 52.46
CA PHE F 97 37.39 3.02 51.72
C PHE F 97 38.01 1.70 51.27
N LEU F 98 37.68 0.64 51.99
CA LEU F 98 38.39 -0.62 51.81
C LEU F 98 37.97 -1.39 50.57
N ALA F 99 38.87 -1.42 49.59
CA ALA F 99 38.68 -2.17 48.35
C ALA F 99 39.48 -3.48 48.38
N ASN F 100 38.81 -4.59 48.68
CA ASN F 100 39.48 -5.86 48.90
C ASN F 100 39.54 -6.79 47.68
N ALA F 101 39.68 -8.09 47.96
CA ALA F 101 39.57 -9.17 46.99
C ALA F 101 38.89 -10.39 47.62
N ALA G 1 33.48 -17.09 -15.43
CA ALA G 1 33.00 -17.76 -14.20
C ALA G 1 32.08 -16.89 -13.35
N ARG G 2 31.37 -17.55 -12.44
CA ARG G 2 30.55 -16.91 -11.44
C ARG G 2 29.72 -17.99 -10.82
N ARG G 3 30.18 -19.22 -10.97
CA ARG G 3 29.51 -20.36 -10.38
C ARG G 3 30.57 -21.29 -9.81
N ARG G 4 31.78 -21.17 -10.38
CA ARG G 4 33.03 -21.80 -9.90
C ARG G 4 34.14 -21.57 -10.94
N ARG G 5 35.36 -21.96 -10.59
CA ARG G 5 36.47 -21.90 -11.52
C ARG G 5 36.32 -23.02 -12.50
N ALA G 6 36.78 -22.80 -13.72
CA ALA G 6 36.78 -23.85 -14.71
C ALA G 6 37.85 -24.87 -14.32
N GLU G 7 37.60 -26.13 -14.67
CA GLU G 7 38.69 -27.07 -14.80
C GLU G 7 39.31 -26.65 -16.12
N VAL G 8 40.61 -26.84 -16.26
CA VAL G 8 41.27 -26.37 -17.46
C VAL G 8 41.38 -27.48 -18.52
N ARG G 9 41.34 -27.10 -19.78
CA ARG G 9 41.23 -28.07 -20.87
C ARG G 9 42.31 -29.15 -20.91
N GLN G 10 41.90 -30.40 -20.68
CA GLN G 10 42.83 -31.54 -20.64
C GLN G 10 43.22 -31.99 -22.05
N LEU G 11 44.38 -31.55 -22.52
CA LEU G 11 44.77 -31.72 -23.91
C LEU G 11 45.25 -33.15 -24.23
N GLN G 12 45.29 -33.47 -25.52
CA GLN G 12 45.91 -34.68 -26.03
C GLN G 12 47.42 -34.52 -25.89
N PRO G 13 48.09 -35.40 -25.13
CA PRO G 13 49.55 -35.28 -25.12
C PRO G 13 50.11 -35.45 -26.53
N ASP G 14 51.24 -34.80 -26.81
CA ASP G 14 51.86 -34.81 -28.13
C ASP G 14 51.89 -36.21 -28.75
N LEU G 15 51.64 -36.28 -30.06
CA LEU G 15 51.62 -37.54 -30.78
C LEU G 15 53.05 -38.11 -30.98
N VAL G 16 54.00 -37.23 -31.29
CA VAL G 16 55.40 -37.62 -31.53
C VAL G 16 56.20 -37.74 -30.23
N TYR G 17 56.56 -36.60 -29.65
CA TYR G 17 57.36 -36.57 -28.44
C TYR G 17 56.52 -37.05 -27.24
N GLY G 18 55.57 -36.24 -26.78
CA GLY G 18 54.66 -36.68 -25.74
C GLY G 18 54.35 -35.65 -24.68
N ASP G 19 54.93 -34.46 -24.81
CA ASP G 19 54.72 -33.41 -23.83
C ASP G 19 53.37 -32.72 -24.08
N VAL G 20 52.62 -32.52 -23.00
CA VAL G 20 51.34 -31.82 -23.06
C VAL G 20 51.56 -30.34 -23.38
N LEU G 21 52.78 -29.86 -23.13
CA LEU G 21 53.17 -28.51 -23.46
C LEU G 21 53.29 -28.36 -24.97
N VAL G 22 53.82 -29.40 -25.61
CA VAL G 22 54.02 -29.45 -27.07
C VAL G 22 52.70 -29.29 -27.78
N THR G 23 51.71 -30.00 -27.26
CA THR G 23 50.35 -29.83 -27.69
C THR G 23 50.03 -28.35 -27.70
N ALA G 24 49.71 -27.81 -26.52
CA ALA G 24 49.22 -26.45 -26.38
C ALA G 24 49.96 -25.43 -27.23
N PHE G 25 51.23 -25.68 -27.49
CA PHE G 25 51.96 -24.82 -28.41
C PHE G 25 51.37 -25.00 -29.82
N ILE G 26 51.30 -26.24 -30.30
CA ILE G 26 50.83 -26.48 -31.67
C ILE G 26 49.48 -25.80 -31.95
N ASN G 27 48.55 -25.95 -31.01
CA ASN G 27 47.29 -25.25 -31.07
C ASN G 27 47.52 -23.75 -31.05
N LYS G 28 48.52 -23.33 -30.27
CA LYS G 28 48.79 -21.90 -30.07
C LYS G 28 49.59 -21.31 -31.25
N ILE G 29 50.08 -22.18 -32.13
CA ILE G 29 50.50 -21.73 -33.44
C ILE G 29 49.26 -21.55 -34.27
N MET G 30 48.54 -22.67 -34.38
CA MET G 30 47.39 -22.87 -35.26
C MET G 30 46.48 -21.67 -35.39
N ARG G 31 46.05 -21.39 -36.60
CA ARG G 31 44.98 -20.43 -36.79
C ARG G 31 43.84 -21.06 -37.57
N ASP G 32 42.61 -20.70 -37.22
CA ASP G 32 41.44 -21.17 -37.94
C ASP G 32 41.39 -22.68 -37.99
N GLY G 33 41.80 -23.31 -36.90
CA GLY G 33 41.74 -24.75 -36.77
C GLY G 33 42.65 -25.56 -37.67
N LYS G 34 43.25 -24.92 -38.68
CA LYS G 34 44.08 -25.60 -39.68
C LYS G 34 45.28 -26.36 -39.07
N LYS G 35 44.96 -27.30 -38.18
CA LYS G 35 45.95 -27.96 -37.32
C LYS G 35 46.98 -28.84 -38.02
N ASN G 36 46.69 -29.37 -39.21
CA ASN G 36 47.72 -30.20 -39.85
C ASN G 36 48.80 -29.34 -40.45
N LEU G 37 48.54 -28.04 -40.53
CA LEU G 37 49.61 -27.13 -40.86
C LEU G 37 50.55 -26.94 -39.65
N ALA G 38 50.03 -26.36 -38.58
CA ALA G 38 50.82 -26.05 -37.39
C ALA G 38 51.56 -27.25 -36.78
N ALA G 39 51.17 -28.46 -37.15
CA ALA G 39 51.90 -29.63 -36.70
C ALA G 39 53.19 -29.73 -37.47
N ARG G 40 53.11 -29.44 -38.78
CA ARG G 40 54.28 -29.39 -39.67
C ARG G 40 55.14 -28.18 -39.34
N ILE G 41 54.50 -27.04 -39.11
CA ILE G 41 55.20 -25.83 -38.64
C ILE G 41 56.08 -26.22 -37.45
N PHE G 42 55.56 -27.08 -36.57
CA PHE G 42 56.31 -27.46 -35.38
C PHE G 42 57.41 -28.42 -35.70
N TYR G 43 57.06 -29.46 -36.45
CA TYR G 43 57.98 -30.55 -36.68
C TYR G 43 58.96 -30.29 -37.81
N ASP G 44 59.04 -29.03 -38.26
CA ASP G 44 60.11 -28.60 -39.15
C ASP G 44 61.05 -27.69 -38.35
N ALA G 45 60.50 -27.11 -37.29
CA ALA G 45 61.29 -26.31 -36.36
C ALA G 45 62.18 -27.23 -35.53
N CYS G 46 61.84 -28.52 -35.47
CA CYS G 46 62.66 -29.49 -34.77
C CYS G 46 63.70 -30.11 -35.69
N LYS G 47 63.52 -29.93 -37.00
CA LYS G 47 64.51 -30.36 -37.97
C LYS G 47 65.60 -29.29 -38.03
N ILE G 48 65.17 -28.02 -37.98
CA ILE G 48 66.10 -26.87 -37.98
C ILE G 48 66.94 -26.78 -36.70
N ILE G 49 66.27 -26.93 -35.56
CA ILE G 49 66.89 -26.77 -34.25
C ILE G 49 67.80 -27.94 -33.87
N GLN G 50 67.41 -29.16 -34.23
CA GLN G 50 68.26 -30.32 -34.00
C GLN G 50 69.51 -30.25 -34.89
N GLU G 51 69.47 -29.39 -35.91
CA GLU G 51 70.51 -29.37 -36.92
C GLU G 51 71.24 -28.02 -37.04
N LYS G 52 70.76 -27.00 -36.34
CA LYS G 52 71.48 -25.72 -36.28
C LYS G 52 72.25 -25.52 -34.97
N THR G 53 71.69 -26.00 -33.85
CA THR G 53 72.43 -26.09 -32.59
C THR G 53 72.32 -27.50 -32.01
N GLY G 54 72.50 -28.48 -32.89
CA GLY G 54 72.65 -29.89 -32.57
C GLY G 54 72.60 -30.37 -31.12
N GLN G 55 71.44 -30.21 -30.51
CA GLN G 55 71.11 -30.97 -29.33
C GLN G 55 69.67 -31.43 -29.49
N GLU G 56 69.00 -31.70 -28.39
CA GLU G 56 67.61 -32.12 -28.42
C GLU G 56 66.69 -30.93 -28.59
N PRO G 57 66.04 -30.80 -29.76
CA PRO G 57 65.12 -29.69 -29.98
C PRO G 57 64.08 -29.60 -28.86
N LEU G 58 63.62 -30.74 -28.37
CA LEU G 58 62.65 -30.79 -27.27
C LEU G 58 63.09 -30.10 -25.95
N LYS G 59 64.36 -30.27 -25.59
CA LYS G 59 64.90 -29.65 -24.38
C LYS G 59 64.89 -28.12 -24.49
N VAL G 60 65.17 -27.58 -25.69
CA VAL G 60 65.22 -26.12 -25.93
C VAL G 60 63.87 -25.47 -25.75
N PHE G 61 62.84 -26.21 -26.16
CA PHE G 61 61.50 -25.77 -25.99
C PHE G 61 61.22 -25.54 -24.50
N LYS G 62 61.34 -26.59 -23.70
CA LYS G 62 61.22 -26.53 -22.23
C LYS G 62 61.90 -25.30 -21.63
N GLN G 63 63.11 -25.03 -22.10
CA GLN G 63 63.91 -23.88 -21.68
C GLN G 63 63.43 -22.58 -22.34
N ALA G 64 63.15 -22.60 -23.64
CA ALA G 64 62.62 -21.41 -24.32
C ALA G 64 61.29 -20.93 -23.71
N VAL G 65 60.73 -21.74 -22.82
CA VAL G 65 59.49 -21.40 -22.11
C VAL G 65 59.74 -20.84 -20.71
N GLU G 66 60.54 -21.55 -19.91
CA GLU G 66 60.97 -21.06 -18.61
C GLU G 66 61.47 -19.62 -18.66
N ASN G 67 62.02 -19.24 -19.81
CA ASN G 67 62.71 -17.96 -19.99
C ASN G 67 61.84 -16.81 -20.47
N VAL G 68 60.57 -17.09 -20.78
CA VAL G 68 59.63 -16.02 -21.13
C VAL G 68 58.49 -15.97 -20.11
N LYS G 69 58.42 -16.99 -19.26
CA LYS G 69 57.43 -17.11 -18.19
C LYS G 69 57.58 -16.00 -17.15
N PRO G 70 56.69 -14.98 -17.18
CA PRO G 70 56.82 -13.92 -16.19
C PRO G 70 56.44 -14.39 -14.77
N ARG G 71 56.86 -13.65 -13.74
CA ARG G 71 56.63 -14.08 -12.36
C ARG G 71 55.79 -13.06 -11.59
N MET G 72 55.82 -11.81 -12.05
CA MET G 72 54.94 -10.75 -11.55
C MET G 72 54.26 -10.03 -12.72
N GLU G 73 53.07 -9.49 -12.48
CA GLU G 73 52.31 -8.82 -13.53
C GLU G 73 51.48 -7.65 -12.98
N VAL G 74 51.00 -6.79 -13.88
CA VAL G 74 50.17 -5.65 -13.47
C VAL G 74 48.67 -5.95 -13.50
N ARG G 75 48.17 -6.56 -12.42
CA ARG G 75 46.73 -6.84 -12.26
C ARG G 75 45.96 -5.57 -11.84
N SER G 76 45.78 -4.65 -12.80
CA SER G 76 45.18 -3.30 -12.57
C SER G 76 43.93 -3.29 -11.67
N ARG G 77 43.61 -2.13 -11.08
CA ARG G 77 42.40 -1.98 -10.27
C ARG G 77 42.09 -0.51 -9.93
N ARG G 78 41.08 -0.29 -9.10
CA ARG G 78 40.54 1.04 -8.79
C ARG G 78 40.20 1.19 -7.30
N VAL G 79 40.28 2.42 -6.79
CA VAL G 79 39.88 2.73 -5.41
C VAL G 79 38.42 3.19 -5.38
N GLY G 80 38.22 4.46 -5.68
CA GLY G 80 36.88 5.05 -5.73
C GLY G 80 36.89 6.38 -6.47
N GLY G 81 38.08 6.92 -6.75
CA GLY G 81 38.23 8.23 -7.38
C GLY G 81 39.23 8.28 -8.52
N ALA G 82 40.11 7.29 -8.57
CA ALA G 82 41.00 7.08 -9.70
C ALA G 82 41.55 5.66 -9.59
N ASN G 83 42.09 5.13 -10.68
CA ASN G 83 42.52 3.73 -10.67
C ASN G 83 44.03 3.51 -10.88
N TYR G 84 44.55 2.52 -10.15
CA TYR G 84 45.99 2.28 -10.08
C TYR G 84 46.39 1.00 -10.82
N GLN G 85 47.40 1.11 -11.68
CA GLN G 85 48.08 -0.07 -12.19
C GLN G 85 48.77 -0.74 -11.02
N VAL G 86 48.62 -2.05 -10.84
CA VAL G 86 49.04 -2.67 -9.57
C VAL G 86 49.83 -3.98 -9.69
N PRO G 87 50.99 -4.05 -9.00
CA PRO G 87 51.76 -5.30 -8.98
C PRO G 87 51.02 -6.50 -8.38
N MET G 88 51.20 -7.63 -9.04
CA MET G 88 50.58 -8.88 -8.63
C MET G 88 51.47 -10.03 -9.08
N GLU G 89 51.51 -11.07 -8.27
CA GLU G 89 52.23 -12.31 -8.58
C GLU G 89 51.39 -13.12 -9.59
N VAL G 90 51.93 -14.24 -10.09
CA VAL G 90 51.27 -14.97 -11.19
C VAL G 90 51.00 -16.49 -10.94
N SER G 91 49.91 -17.00 -11.51
CA SER G 91 49.52 -18.41 -11.39
C SER G 91 50.50 -19.37 -12.09
N PRO G 92 50.43 -20.69 -11.79
CA PRO G 92 51.30 -21.64 -12.49
C PRO G 92 51.01 -21.73 -13.99
N ARG G 93 49.74 -21.87 -14.32
CA ARG G 93 49.30 -22.07 -15.70
C ARG G 93 49.40 -20.80 -16.53
N ARG G 94 49.10 -19.65 -15.91
CA ARG G 94 49.09 -18.32 -16.56
C ARG G 94 50.42 -18.04 -17.26
N GLN G 95 51.46 -18.59 -16.67
CA GLN G 95 52.77 -18.58 -17.27
C GLN G 95 52.65 -19.29 -18.60
N GLN G 96 52.36 -20.58 -18.53
CA GLN G 96 52.40 -21.51 -19.66
C GLN G 96 51.67 -21.06 -20.93
N SER G 97 50.77 -20.10 -20.78
CA SER G 97 50.04 -19.54 -21.90
C SER G 97 50.84 -18.39 -22.51
N LEU G 98 50.98 -17.33 -21.69
CA LEU G 98 51.75 -16.14 -22.03
C LEU G 98 53.14 -16.49 -22.53
N ALA G 99 53.66 -17.61 -22.04
CA ALA G 99 54.91 -18.16 -22.55
C ALA G 99 54.75 -18.39 -24.05
N LEU G 100 53.90 -19.36 -24.37
CA LEU G 100 53.71 -19.83 -25.74
C LEU G 100 53.10 -18.74 -26.60
N ARG G 101 52.16 -18.02 -26.00
CA ARG G 101 51.50 -16.87 -26.62
C ARG G 101 52.56 -15.96 -27.20
N TRP G 102 53.43 -15.49 -26.32
CA TRP G 102 54.46 -14.54 -26.71
C TRP G 102 55.50 -15.16 -27.66
N LEU G 103 55.86 -16.43 -27.43
CA LEU G 103 56.79 -17.12 -28.31
C LEU G 103 56.34 -17.03 -29.75
N VAL G 104 55.09 -17.43 -29.98
CA VAL G 104 54.46 -17.19 -31.27
C VAL G 104 54.51 -15.71 -31.63
N GLN G 105 53.75 -14.88 -30.92
CA GLN G 105 53.55 -13.47 -31.27
C GLN G 105 54.80 -12.76 -31.74
N ALA G 106 55.94 -13.25 -31.29
CA ALA G 106 57.24 -12.74 -31.72
C ALA G 106 57.61 -13.31 -33.07
N ALA G 107 57.40 -14.62 -33.20
CA ALA G 107 57.76 -15.36 -34.40
C ALA G 107 57.06 -14.80 -35.63
N ASN G 108 55.82 -14.33 -35.46
CA ASN G 108 55.11 -13.64 -36.53
C ASN G 108 55.65 -12.22 -36.72
N GLN G 109 56.17 -11.62 -35.64
CA GLN G 109 56.79 -10.29 -35.70
C GLN G 109 58.25 -10.40 -36.14
N ARG G 110 58.76 -11.63 -36.24
CA ARG G 110 60.07 -11.86 -36.86
C ARG G 110 60.05 -11.51 -38.35
N PRO G 111 61.23 -11.26 -38.94
CA PRO G 111 61.23 -10.72 -40.29
C PRO G 111 61.40 -11.78 -41.38
N GLU G 112 61.89 -12.97 -41.03
CA GLU G 112 62.16 -14.02 -42.02
C GLU G 112 60.97 -14.33 -42.95
N ARG G 113 61.24 -15.03 -44.05
CA ARG G 113 60.23 -15.34 -45.05
C ARG G 113 59.41 -16.61 -44.74
N ARG G 114 59.93 -17.47 -43.85
CA ARG G 114 59.39 -18.83 -43.67
C ARG G 114 58.72 -19.11 -42.31
N ALA G 115 57.79 -20.08 -42.28
CA ALA G 115 56.96 -20.34 -41.10
C ALA G 115 57.70 -20.97 -39.93
N ALA G 116 58.09 -22.23 -40.10
CA ALA G 116 58.80 -23.00 -39.06
C ALA G 116 60.18 -22.42 -38.78
N VAL G 117 60.60 -21.50 -39.65
CA VAL G 117 61.85 -20.79 -39.50
C VAL G 117 61.73 -19.79 -38.36
N ARG G 118 60.75 -18.90 -38.43
CA ARG G 118 60.60 -17.88 -37.40
C ARG G 118 60.13 -18.49 -36.09
N ILE G 119 59.86 -19.79 -36.08
CA ILE G 119 59.67 -20.49 -34.83
C ILE G 119 61.02 -21.00 -34.33
N ALA G 120 61.80 -21.57 -35.25
CA ALA G 120 63.10 -22.13 -34.90
C ALA G 120 64.04 -21.09 -34.26
N HIS G 121 64.12 -19.91 -34.88
CA HIS G 121 64.96 -18.83 -34.41
C HIS G 121 64.42 -18.28 -33.10
N GLU G 122 63.15 -17.88 -33.09
CA GLU G 122 62.51 -17.45 -31.84
C GLU G 122 62.29 -18.61 -30.85
N LEU G 123 63.03 -19.71 -31.02
CA LEU G 123 63.08 -20.80 -30.04
C LEU G 123 64.50 -20.91 -29.44
N MET G 124 65.50 -20.70 -30.29
CA MET G 124 66.86 -20.51 -29.81
C MET G 124 66.88 -19.15 -29.11
N ASP G 125 66.50 -18.10 -29.85
CA ASP G 125 66.52 -16.71 -29.35
C ASP G 125 65.72 -16.50 -28.04
N ALA G 126 64.69 -17.32 -27.83
CA ALA G 126 64.02 -17.33 -26.55
C ALA G 126 64.95 -17.93 -25.49
N ALA G 127 65.45 -19.14 -25.75
CA ALA G 127 66.29 -19.89 -24.80
C ALA G 127 67.75 -19.40 -24.69
N GLU G 128 68.01 -18.24 -25.29
CA GLU G 128 69.24 -17.47 -25.06
C GLU G 128 68.94 -16.49 -23.94
N GLY G 129 68.23 -15.42 -24.31
CA GLY G 129 67.83 -14.39 -23.38
C GLY G 129 67.46 -13.13 -24.15
N LYS G 130 67.65 -13.18 -25.46
CA LYS G 130 67.32 -12.06 -26.35
C LYS G 130 66.04 -12.37 -27.13
N GLY G 131 65.88 -11.72 -28.28
CA GLY G 131 64.66 -11.84 -29.07
C GLY G 131 63.44 -11.21 -28.40
N GLY G 132 62.40 -10.91 -29.19
CA GLY G 132 61.20 -10.26 -28.65
C GLY G 132 60.50 -11.02 -27.54
N ALA G 133 60.74 -12.32 -27.48
CA ALA G 133 60.12 -13.23 -26.49
C ALA G 133 60.39 -12.79 -25.07
N VAL G 134 61.65 -12.95 -24.68
CA VAL G 134 62.12 -12.61 -23.35
C VAL G 134 62.08 -11.08 -23.04
N LYS G 135 62.28 -10.24 -24.06
CA LYS G 135 62.20 -8.76 -23.93
C LYS G 135 60.94 -8.28 -23.21
N LYS G 136 59.80 -8.87 -23.59
CA LYS G 136 58.50 -8.56 -23.00
C LYS G 136 58.37 -9.17 -21.59
N LYS G 137 58.86 -10.40 -21.40
CA LYS G 137 58.88 -11.01 -20.06
C LYS G 137 59.53 -10.09 -19.03
N GLU G 138 60.76 -9.68 -19.35
CA GLU G 138 61.54 -8.76 -18.53
C GLU G 138 60.96 -7.35 -18.61
N ASP G 139 59.89 -7.19 -19.38
CA ASP G 139 59.25 -5.88 -19.52
C ASP G 139 58.05 -5.73 -18.58
N VAL G 140 57.36 -6.83 -18.26
CA VAL G 140 56.30 -6.78 -17.24
C VAL G 140 56.75 -7.43 -15.91
N GLU G 141 58.07 -7.49 -15.72
CA GLU G 141 58.68 -7.61 -14.40
C GLU G 141 59.34 -6.27 -14.10
N ARG G 142 59.48 -5.48 -15.17
CA ARG G 142 60.02 -4.11 -15.15
C ARG G 142 58.93 -3.11 -14.85
N MET G 143 57.70 -3.41 -15.30
CA MET G 143 56.52 -2.63 -14.94
C MET G 143 55.88 -3.25 -13.70
N ALA G 144 56.56 -4.26 -13.16
CA ALA G 144 56.22 -4.81 -11.85
C ALA G 144 56.95 -3.99 -10.80
N GLU G 145 58.15 -3.54 -11.16
CA GLU G 145 59.05 -2.82 -10.25
C GLU G 145 59.04 -1.30 -10.40
N ALA G 146 59.15 -0.78 -11.63
CA ALA G 146 59.07 0.67 -11.87
C ALA G 146 57.66 1.21 -11.66
N ASN G 147 56.84 0.41 -10.98
CA ASN G 147 55.46 0.71 -10.64
C ASN G 147 55.10 0.07 -9.30
N ARG G 148 56.15 -0.28 -8.55
CA ARG G 148 56.01 -0.88 -7.22
C ARG G 148 55.46 0.12 -6.21
N ALA G 149 55.19 1.34 -6.67
CA ALA G 149 54.81 2.45 -5.79
C ALA G 149 53.45 2.25 -5.13
N TYR G 150 52.71 1.22 -5.55
CA TYR G 150 51.38 0.96 -5.00
C TYR G 150 51.16 -0.52 -4.73
N ALA G 151 52.16 -1.18 -4.13
CA ALA G 151 52.03 -2.59 -3.75
C ALA G 151 51.37 -2.77 -2.37
N HIS G 152 50.35 -1.94 -2.14
CA HIS G 152 49.50 -2.03 -0.95
C HIS G 152 48.05 -2.11 -1.41
N TYR G 153 47.85 -1.86 -2.70
CA TYR G 153 46.55 -1.99 -3.37
C TYR G 153 46.48 -3.32 -4.14
N ARG G 154 47.45 -4.20 -3.89
CA ARG G 154 47.56 -5.50 -4.55
C ARG G 154 46.59 -6.53 -3.97
N TRP G 155 45.99 -7.37 -4.83
CA TRP G 155 45.04 -8.39 -4.38
C TRP G 155 45.35 -9.84 -4.78
N MET H 1 -2.07 16.69 45.45
CA MET H 1 -2.76 16.38 46.70
C MET H 1 -3.96 15.46 46.44
N LEU H 2 -4.54 14.86 47.47
CA LEU H 2 -5.75 14.02 47.26
C LEU H 2 -7.09 14.78 47.34
N THR H 3 -7.91 14.70 46.28
CA THR H 3 -9.08 15.59 46.15
C THR H 3 -10.46 14.97 46.37
N ASP H 4 -10.69 13.81 45.76
CA ASP H 4 -12.02 13.22 45.77
C ASP H 4 -12.00 11.91 46.52
N PRO H 5 -12.55 11.92 47.75
CA PRO H 5 -12.64 10.68 48.53
C PRO H 5 -13.37 9.65 47.69
N ILE H 6 -14.51 10.11 47.14
CA ILE H 6 -15.54 9.31 46.48
C ILE H 6 -15.12 8.70 45.15
N ALA H 7 -14.82 9.60 44.21
CA ALA H 7 -14.50 9.23 42.86
C ALA H 7 -13.38 8.22 42.90
N ASP H 8 -12.53 8.40 43.90
CA ASP H 8 -11.42 7.50 44.12
C ASP H 8 -11.89 6.03 44.32
N MET H 9 -12.84 5.83 45.22
CA MET H 9 -13.33 4.51 45.51
C MET H 9 -13.70 3.78 44.23
N LEU H 10 -14.50 4.46 43.39
CA LEU H 10 -15.11 3.93 42.15
C LEU H 10 -14.07 3.40 41.25
N THR H 11 -12.93 4.05 41.33
CA THR H 11 -11.82 3.87 40.42
C THR H 11 -10.88 2.80 40.91
N ARG H 12 -10.92 2.59 42.21
CA ARG H 12 -10.28 1.42 42.77
C ARG H 12 -11.08 0.24 42.27
N ILE H 13 -12.32 0.15 42.74
CA ILE H 13 -13.26 -0.92 42.35
C ILE H 13 -13.42 -1.05 40.83
N ARG H 14 -13.26 0.04 40.12
CA ARG H 14 -13.21 -0.06 38.67
C ARG H 14 -11.96 -0.88 38.32
N ASN H 15 -10.78 -0.32 38.61
CA ASN H 15 -9.53 -0.89 38.12
C ASN H 15 -9.24 -2.24 38.73
N ALA H 16 -9.90 -2.46 39.87
CA ALA H 16 -9.81 -3.66 40.72
C ALA H 16 -10.32 -4.87 40.00
N THR H 17 -11.60 -4.72 39.68
CA THR H 17 -12.40 -5.60 38.85
C THR H 17 -11.71 -5.92 37.56
N ARG H 18 -11.59 -4.95 36.67
CA ARG H 18 -11.14 -5.19 35.31
C ARG H 18 -9.74 -5.82 35.25
N VAL H 19 -9.55 -6.87 36.04
CA VAL H 19 -8.28 -7.49 36.41
C VAL H 19 -8.73 -8.80 37.04
N TYR H 20 -9.95 -8.71 37.57
CA TYR H 20 -10.64 -9.78 38.27
C TYR H 20 -9.84 -10.08 39.51
N LYS H 21 -9.82 -9.09 40.40
CA LYS H 21 -9.24 -9.25 41.73
C LYS H 21 -10.36 -9.65 42.68
N GLU H 22 -10.13 -10.69 43.47
CA GLU H 22 -11.19 -11.16 44.36
C GLU H 22 -11.74 -10.13 45.38
N SER H 23 -10.84 -9.29 45.90
CA SER H 23 -11.09 -8.33 47.00
C SER H 23 -10.36 -7.02 46.75
N THR H 24 -10.89 -5.91 47.25
CA THR H 24 -10.08 -4.68 47.28
C THR H 24 -10.49 -3.62 48.32
N ASP H 25 -9.50 -2.82 48.72
CA ASP H 25 -9.50 -2.07 49.99
C ASP H 25 -9.40 -0.54 49.85
N VAL H 26 -10.25 0.15 50.61
CA VAL H 26 -10.55 1.57 50.37
C VAL H 26 -10.69 2.32 51.72
N PRO H 27 -10.03 3.50 51.85
CA PRO H 27 -9.86 4.43 53.00
C PRO H 27 -11.06 4.83 53.83
N ALA H 28 -11.44 4.02 54.84
CA ALA H 28 -12.69 4.17 55.64
C ALA H 28 -13.36 5.54 55.93
N SER H 29 -14.39 5.89 55.15
CA SER H 29 -15.26 7.04 55.45
C SER H 29 -16.52 6.61 56.16
N ARG H 30 -17.39 7.59 56.36
CA ARG H 30 -18.76 7.31 56.75
C ARG H 30 -19.55 7.23 55.44
N PHE H 31 -19.17 8.09 54.50
CA PHE H 31 -19.82 8.14 53.21
C PHE H 31 -19.62 6.82 52.54
N LYS H 32 -18.34 6.54 52.27
CA LYS H 32 -17.90 5.36 51.57
C LYS H 32 -18.50 4.11 52.18
N GLU H 33 -18.86 4.14 53.46
CA GLU H 33 -19.60 3.04 54.04
C GLU H 33 -21.09 2.99 53.62
N GLU H 34 -21.76 4.14 53.57
CA GLU H 34 -23.20 4.17 53.27
C GLU H 34 -23.52 4.04 51.78
N ILE H 35 -22.61 4.54 50.96
CA ILE H 35 -22.64 4.26 49.54
C ILE H 35 -22.42 2.78 49.37
N LEU H 36 -21.58 2.18 50.20
CA LEU H 36 -21.28 0.79 49.99
C LEU H 36 -22.45 -0.15 50.36
N ARG H 37 -23.17 0.17 51.44
CA ARG H 37 -24.32 -0.66 51.84
C ARG H 37 -25.41 -0.74 50.75
N ILE H 38 -25.57 0.34 49.98
CA ILE H 38 -26.33 0.33 48.73
C ILE H 38 -25.76 -0.74 47.79
N LEU H 39 -24.50 -0.60 47.41
CA LEU H 39 -23.88 -1.44 46.41
C LEU H 39 -23.98 -2.92 46.70
N ALA H 40 -24.48 -3.28 47.88
CA ALA H 40 -24.79 -4.67 48.10
C ALA H 40 -26.26 -4.91 48.35
N ARG H 41 -27.00 -3.90 48.84
CA ARG H 41 -28.47 -3.94 48.82
C ARG H 41 -28.91 -4.30 47.39
N GLU H 42 -28.19 -3.70 46.44
CA GLU H 42 -28.42 -3.93 45.03
C GLU H 42 -27.33 -4.77 44.41
N GLY H 43 -27.01 -5.92 45.02
CA GLY H 43 -26.03 -6.89 44.51
C GLY H 43 -24.92 -6.62 43.47
N PHE H 44 -24.36 -5.41 43.35
CA PHE H 44 -23.21 -5.15 42.43
C PHE H 44 -21.91 -5.72 43.01
N ILE H 45 -21.89 -5.77 44.33
CA ILE H 45 -20.76 -6.20 45.15
C ILE H 45 -21.26 -7.27 46.11
N LYS H 46 -20.41 -8.24 46.44
CA LYS H 46 -20.81 -9.18 47.48
C LYS H 46 -21.08 -8.39 48.77
N GLY H 47 -20.10 -7.59 49.21
CA GLY H 47 -20.15 -6.80 50.44
C GLY H 47 -18.81 -6.21 50.93
N TYR H 48 -18.90 -5.19 51.78
CA TYR H 48 -17.72 -4.57 52.40
C TYR H 48 -17.56 -5.03 53.86
N GLU H 49 -16.32 -5.26 54.24
CA GLU H 49 -15.98 -5.51 55.63
C GLU H 49 -15.05 -4.42 56.14
N ARG H 50 -15.23 -3.98 57.39
CA ARG H 50 -14.26 -3.09 58.02
C ARG H 50 -13.02 -3.87 58.43
N VAL H 51 -11.89 -3.49 57.88
CA VAL H 51 -10.62 -4.12 58.20
C VAL H 51 -9.62 -3.01 58.37
N ASP H 52 -8.69 -3.20 59.32
CA ASP H 52 -7.58 -2.28 59.58
C ASP H 52 -6.33 -2.74 58.83
N VAL H 53 -5.91 -1.93 57.86
CA VAL H 53 -4.68 -2.17 57.11
C VAL H 53 -3.61 -1.32 57.79
N ASP H 54 -2.64 -2.00 58.38
CA ASP H 54 -1.52 -1.37 59.07
C ASP H 54 -2.00 -0.43 60.19
N GLY H 55 -2.90 -0.92 61.04
CA GLY H 55 -3.41 -0.17 62.16
C GLY H 55 -4.12 1.11 61.74
N LYS H 56 -4.39 1.21 60.45
CA LYS H 56 -5.12 2.34 59.89
C LYS H 56 -6.51 1.87 59.50
N PRO H 57 -7.50 2.78 59.55
CA PRO H 57 -8.91 2.39 59.41
C PRO H 57 -9.21 2.18 57.94
N TYR H 58 -9.98 1.16 57.61
CA TYR H 58 -10.15 0.85 56.22
C TYR H 58 -11.39 0.02 56.04
N LEU H 59 -11.82 0.00 54.76
CA LEU H 59 -12.92 -0.83 54.25
C LEU H 59 -12.43 -1.83 53.20
N ARG H 60 -12.72 -3.10 53.44
CA ARG H 60 -12.42 -4.19 52.53
C ARG H 60 -13.71 -4.56 51.79
N VAL H 61 -13.77 -4.18 50.52
CA VAL H 61 -14.89 -4.54 49.65
C VAL H 61 -14.55 -5.76 48.83
N TYR H 62 -15.43 -6.74 48.91
CA TYR H 62 -15.30 -7.93 48.08
C TYR H 62 -16.01 -7.75 46.74
N LEU H 63 -15.43 -8.35 45.71
CA LEU H 63 -15.83 -8.05 44.35
C LEU H 63 -16.77 -9.08 43.76
N LYS H 64 -17.90 -8.61 43.21
CA LYS H 64 -18.79 -9.48 42.49
C LYS H 64 -18.47 -9.48 40.99
N TYR H 65 -18.58 -10.68 40.42
CA TYR H 65 -18.38 -10.87 39.00
C TYR H 65 -19.44 -11.74 38.29
N GLY H 66 -19.29 -11.83 36.96
CA GLY H 66 -20.01 -12.75 36.11
C GLY H 66 -19.63 -14.20 36.40
N PRO H 67 -20.01 -15.12 35.50
CA PRO H 67 -19.69 -16.53 35.69
C PRO H 67 -18.73 -16.95 34.62
N ARG H 68 -17.97 -18.02 34.84
CA ARG H 68 -16.97 -18.37 33.84
C ARG H 68 -17.58 -18.43 32.41
N ARG H 69 -17.37 -17.37 31.63
CA ARG H 69 -17.76 -17.37 30.23
C ARG H 69 -16.85 -18.31 29.43
N GLN H 70 -17.26 -18.77 28.24
CA GLN H 70 -16.34 -19.50 27.37
C GLN H 70 -15.82 -18.62 26.21
N GLY H 71 -15.53 -19.22 25.06
CA GLY H 71 -15.04 -18.47 23.94
C GLY H 71 -13.55 -18.66 23.82
N PRO H 72 -12.83 -17.62 23.36
CA PRO H 72 -11.37 -17.50 23.52
C PRO H 72 -10.92 -16.41 24.57
N ASP H 73 -11.87 -15.64 25.11
CA ASP H 73 -11.62 -14.75 26.27
C ASP H 73 -12.52 -15.14 27.49
N PRO H 74 -12.22 -16.27 28.15
CA PRO H 74 -13.08 -16.74 29.25
C PRO H 74 -13.30 -15.84 30.49
N ARG H 75 -13.34 -14.52 30.28
CA ARG H 75 -13.37 -13.54 31.36
C ARG H 75 -14.74 -12.95 31.48
N PRO H 76 -15.48 -13.29 32.55
CA PRO H 76 -16.82 -12.79 32.89
C PRO H 76 -17.19 -11.31 32.74
N GLU H 77 -18.01 -10.85 33.66
CA GLU H 77 -18.73 -9.66 33.34
C GLU H 77 -18.89 -8.94 34.61
N GLN H 78 -18.29 -7.77 34.71
CA GLN H 78 -18.42 -7.08 35.99
C GLN H 78 -19.89 -6.76 36.06
N VAL H 79 -20.54 -7.41 37.01
CA VAL H 79 -21.76 -6.93 37.60
C VAL H 79 -21.77 -5.38 37.69
N ILE H 80 -20.57 -4.80 37.81
CA ILE H 80 -20.28 -3.36 37.66
C ILE H 80 -19.68 -2.99 36.27
N HIS H 81 -20.55 -2.88 35.27
CA HIS H 81 -20.15 -2.69 33.87
C HIS H 81 -19.65 -1.29 33.60
N HIS H 82 -20.08 -0.38 34.46
CA HIS H 82 -19.70 1.01 34.36
C HIS H 82 -20.23 1.57 35.64
N ILE H 83 -19.29 2.20 36.34
CA ILE H 83 -19.51 2.99 37.54
C ILE H 83 -18.73 4.29 37.38
N ARG H 84 -19.37 5.41 37.69
CA ARG H 84 -18.78 6.70 37.44
C ARG H 84 -19.66 7.80 38.05
N ARG H 85 -19.00 8.88 38.49
CA ARG H 85 -19.53 9.85 39.44
C ARG H 85 -19.92 11.07 38.66
N ILE H 86 -21.02 11.71 39.09
CA ILE H 86 -21.56 12.88 38.39
C ILE H 86 -21.31 14.21 39.10
N SER H 87 -21.76 14.35 40.34
CA SER H 87 -21.37 15.56 41.05
C SER H 87 -19.86 15.48 41.17
N LYS H 88 -19.19 16.21 40.30
CA LYS H 88 -17.75 16.37 40.42
C LYS H 88 -17.54 17.60 41.29
N PRO H 89 -16.36 17.72 41.95
CA PRO H 89 -16.21 18.77 42.94
C PRO H 89 -15.75 20.07 42.29
N GLY H 90 -16.42 21.17 42.65
CA GLY H 90 -16.34 22.39 41.87
C GLY H 90 -16.86 22.08 40.47
N ARG H 91 -18.20 21.95 40.40
CA ARG H 91 -19.05 21.35 39.34
C ARG H 91 -20.08 20.42 40.00
N ARG H 92 -20.90 20.93 40.89
CA ARG H 92 -21.84 20.04 41.58
C ARG H 92 -23.24 19.92 40.98
N VAL H 93 -23.96 18.92 41.47
CA VAL H 93 -25.07 18.34 40.76
C VAL H 93 -26.23 18.04 41.72
N TYR H 94 -27.17 18.98 41.79
CA TYR H 94 -28.33 18.81 42.66
C TYR H 94 -29.65 18.75 41.86
N VAL H 95 -30.32 17.62 42.02
CA VAL H 95 -31.52 17.32 41.30
C VAL H 95 -32.66 17.29 42.33
N GLY H 96 -33.81 17.84 41.96
CA GLY H 96 -35.00 17.74 42.81
C GLY H 96 -35.51 16.31 42.89
N VAL H 97 -36.76 16.10 42.46
CA VAL H 97 -37.30 14.75 42.24
C VAL H 97 -37.62 14.72 40.78
N LYS H 98 -38.13 15.87 40.35
CA LYS H 98 -38.52 16.07 38.99
C LYS H 98 -37.25 15.74 38.23
N GLU H 99 -36.17 16.38 38.67
CA GLU H 99 -34.90 16.27 37.98
C GLU H 99 -34.12 14.94 38.19
N ILE H 100 -34.58 14.07 39.10
CA ILE H 100 -33.94 12.75 39.28
C ILE H 100 -34.12 11.94 38.03
N PRO H 101 -33.01 11.54 37.39
CA PRO H 101 -33.08 10.73 36.19
C PRO H 101 -33.17 9.27 36.57
N ARG H 102 -33.44 8.44 35.58
CA ARG H 102 -33.43 7.00 35.75
C ARG H 102 -32.22 6.52 34.98
N VAL H 103 -31.69 5.35 35.30
CA VAL H 103 -30.49 4.89 34.63
C VAL H 103 -30.74 3.60 33.85
N ARG H 104 -29.99 3.40 32.75
CA ARG H 104 -30.20 2.32 31.76
C ARG H 104 -31.64 1.80 31.67
N ARG H 105 -32.55 2.72 31.37
CA ARG H 105 -33.95 2.43 31.13
C ARG H 105 -34.58 1.61 32.28
N GLY H 106 -34.11 1.88 33.50
CA GLY H 106 -34.59 1.19 34.69
C GLY H 106 -33.75 0.00 35.10
N LEU H 107 -32.85 -0.44 34.22
CA LEU H 107 -31.97 -1.56 34.53
C LEU H 107 -30.86 -1.17 35.50
N GLY H 108 -30.75 0.13 35.76
CA GLY H 108 -29.63 0.64 36.52
C GLY H 108 -29.97 1.62 37.63
N ILE H 109 -28.88 2.05 38.27
CA ILE H 109 -28.96 2.81 39.50
C ILE H 109 -28.24 4.16 39.48
N ALA H 110 -28.93 5.16 39.99
CA ALA H 110 -28.30 6.42 40.29
C ALA H 110 -28.29 6.57 41.82
N ILE H 111 -27.15 7.05 42.36
CA ILE H 111 -26.96 7.24 43.82
C ILE H 111 -27.02 8.68 44.28
N LEU H 112 -27.78 8.89 45.36
CA LEU H 112 -28.08 10.22 45.81
C LEU H 112 -27.68 10.49 47.28
N SER H 113 -27.38 11.76 47.55
CA SER H 113 -27.33 12.25 48.92
C SER H 113 -28.43 13.27 49.11
N THR H 114 -29.21 13.02 50.14
CA THR H 114 -30.50 13.60 50.31
C THR H 114 -30.58 14.03 51.74
N SER H 115 -31.66 14.70 52.12
CA SER H 115 -31.82 15.00 53.54
C SER H 115 -32.13 13.77 54.42
N LYS H 116 -32.41 12.64 53.77
CA LYS H 116 -32.62 11.37 54.45
C LYS H 116 -31.53 10.35 54.05
N GLY H 117 -30.53 10.84 53.31
CA GLY H 117 -29.25 10.16 53.24
C GLY H 117 -28.76 9.53 51.97
N VAL H 118 -28.69 8.21 52.02
CA VAL H 118 -27.98 7.44 51.02
C VAL H 118 -28.98 6.59 50.19
N LEU H 119 -29.23 7.08 48.98
CA LEU H 119 -30.44 6.76 48.26
C LEU H 119 -30.26 6.42 46.80
N THR H 120 -31.15 5.57 46.32
CA THR H 120 -31.18 5.15 44.94
C THR H 120 -32.41 5.83 44.36
N ASP H 121 -32.40 6.17 43.07
CA ASP H 121 -33.52 6.84 42.40
C ASP H 121 -34.88 6.20 42.72
N ARG H 122 -34.85 4.88 42.87
CA ARG H 122 -36.01 4.10 43.27
C ARG H 122 -36.42 4.46 44.71
N GLU H 123 -35.57 4.09 45.67
CA GLU H 123 -35.68 4.53 47.07
C GLU H 123 -35.86 6.10 47.12
N ALA H 124 -35.21 6.85 46.21
CA ALA H 124 -35.22 8.34 46.14
C ALA H 124 -36.57 9.00 45.97
N ARG H 125 -37.11 8.64 44.81
CA ARG H 125 -38.44 9.03 44.30
C ARG H 125 -39.57 8.41 45.12
N LYS H 126 -39.42 7.15 45.48
CA LYS H 126 -40.37 6.54 46.41
C LYS H 126 -40.54 7.43 47.67
N LEU H 127 -39.43 8.09 48.06
CA LEU H 127 -39.38 8.92 49.27
C LEU H 127 -39.81 10.34 49.06
N GLY H 128 -39.49 10.87 47.88
CA GLY H 128 -40.10 12.11 47.44
C GLY H 128 -39.26 13.29 47.82
N VAL H 129 -37.95 13.12 47.65
CA VAL H 129 -36.98 14.16 47.95
C VAL H 129 -35.81 13.93 47.02
N GLY H 130 -34.79 14.78 47.12
CA GLY H 130 -33.57 14.63 46.33
C GLY H 130 -32.39 15.42 46.85
N GLY H 131 -31.37 15.56 46.00
CA GLY H 131 -30.17 16.30 46.37
C GLY H 131 -28.95 16.05 45.51
N GLU H 132 -27.77 16.01 46.12
CA GLU H 132 -26.56 15.84 45.35
C GLU H 132 -26.56 14.48 44.65
N LEU H 133 -26.46 14.57 43.32
CA LEU H 133 -26.37 13.41 42.46
C LEU H 133 -24.92 12.96 42.30
N ILE H 134 -24.68 11.71 42.66
CA ILE H 134 -23.37 11.21 43.01
C ILE H 134 -22.64 10.33 41.99
N CYS H 135 -23.16 9.13 41.76
CA CYS H 135 -22.64 8.24 40.71
C CYS H 135 -23.71 7.44 39.96
N GLU H 136 -23.35 6.27 39.44
CA GLU H 136 -24.12 5.71 38.35
C GLU H 136 -23.63 4.30 37.95
N VAL H 137 -24.32 3.28 38.43
CA VAL H 137 -23.88 1.90 38.19
C VAL H 137 -24.79 1.06 37.30
N TRP H 138 -24.20 0.02 36.70
CA TRP H 138 -24.97 -0.97 35.94
C TRP H 138 -24.17 -2.21 35.47
N GLU I 1 40.44 -67.11 -39.46
CA GLU I 1 40.27 -66.40 -38.18
C GLU I 1 40.15 -64.89 -38.38
N GLN I 2 39.15 -64.26 -37.75
CA GLN I 2 39.01 -62.79 -37.72
C GLN I 2 38.19 -62.20 -36.53
N TYR I 3 38.77 -61.19 -35.86
CA TYR I 3 38.12 -60.44 -34.77
C TYR I 3 37.72 -59.06 -35.27
N TYR I 4 36.49 -58.67 -35.01
CA TYR I 4 35.96 -57.43 -35.58
C TYR I 4 35.38 -56.49 -34.55
N GLY I 5 35.51 -55.21 -34.85
CA GLY I 5 34.99 -54.17 -33.98
C GLY I 5 34.16 -53.15 -34.73
N THR I 6 33.30 -52.49 -33.98
CA THR I 6 32.38 -51.50 -34.51
C THR I 6 32.87 -50.08 -34.12
N GLY I 7 33.34 -49.31 -35.11
CA GLY I 7 33.91 -48.00 -34.88
C GLY I 7 33.15 -46.86 -35.56
N ARG I 8 32.74 -45.89 -34.75
CA ARG I 8 31.83 -44.83 -35.19
C ARG I 8 32.11 -43.51 -34.46
N ARG I 9 32.07 -42.40 -35.20
CA ARG I 9 32.35 -41.08 -34.64
C ARG I 9 31.94 -39.95 -35.59
N LYS I 10 30.92 -39.19 -35.20
CA LYS I 10 30.61 -37.92 -35.85
C LYS I 10 30.44 -38.05 -37.39
N GLU I 11 29.23 -38.42 -37.82
CA GLU I 11 28.83 -38.72 -39.22
C GLU I 11 29.88 -39.44 -40.10
N ALA I 12 30.56 -40.41 -39.49
CA ALA I 12 31.57 -41.22 -40.15
C ALA I 12 31.64 -42.58 -39.47
N VAL I 13 31.73 -43.64 -40.26
CA VAL I 13 31.64 -44.99 -39.73
C VAL I 13 32.78 -45.88 -40.22
N ALA I 14 33.37 -46.66 -39.32
CA ALA I 14 34.57 -47.42 -39.66
C ALA I 14 34.56 -48.87 -39.20
N ARG I 15 35.04 -49.78 -40.06
CA ARG I 15 35.00 -51.22 -39.79
C ARG I 15 36.39 -51.87 -39.70
N VAL I 16 36.62 -52.64 -38.63
CA VAL I 16 37.95 -53.14 -38.28
C VAL I 16 38.08 -54.68 -38.27
N PHE I 17 39.19 -55.21 -38.81
CA PHE I 17 39.41 -56.65 -38.82
C PHE I 17 40.80 -57.06 -38.37
N LEU I 18 40.86 -57.81 -37.27
CA LEU I 18 42.12 -58.12 -36.60
C LEU I 18 42.60 -59.56 -36.74
N ARG I 19 43.42 -59.82 -37.76
CA ARG I 19 44.00 -61.14 -37.97
C ARG I 19 45.38 -61.21 -37.35
N PRO I 20 45.82 -62.41 -36.94
CA PRO I 20 47.19 -62.60 -36.42
C PRO I 20 48.26 -62.64 -37.52
N GLY I 21 49.29 -61.82 -37.39
CA GLY I 21 50.36 -61.75 -38.38
C GLY I 21 51.29 -60.56 -38.23
N ASN I 22 51.26 -59.68 -39.23
CA ASN I 22 52.16 -58.53 -39.31
C ASN I 22 51.64 -57.29 -38.60
N GLY I 23 51.69 -56.17 -39.33
CA GLY I 23 51.24 -54.88 -38.84
C GLY I 23 50.93 -53.98 -40.02
N LYS I 24 50.64 -54.62 -41.16
CA LYS I 24 50.16 -53.91 -42.34
C LYS I 24 48.68 -53.54 -42.17
N VAL I 25 48.32 -52.34 -42.61
CA VAL I 25 46.96 -51.82 -42.47
C VAL I 25 46.37 -51.46 -43.83
N THR I 26 45.36 -52.19 -44.23
CA THR I 26 44.62 -51.82 -45.43
C THR I 26 43.33 -51.14 -45.03
N VAL I 27 43.24 -49.88 -45.40
CA VAL I 27 42.07 -49.07 -45.19
C VAL I 27 41.53 -48.77 -46.56
N ASN I 28 40.40 -49.40 -46.91
CA ASN I 28 39.85 -49.28 -48.26
C ASN I 28 40.93 -49.60 -49.28
N GLY I 29 41.49 -50.79 -49.15
CA GLY I 29 42.49 -51.28 -50.08
C GLY I 29 43.88 -50.71 -49.85
N GLN I 30 43.95 -49.40 -49.61
CA GLN I 30 45.21 -48.70 -49.59
C GLN I 30 45.97 -48.83 -48.27
N ASP I 31 47.29 -48.69 -48.35
CA ASP I 31 48.15 -48.81 -47.19
C ASP I 31 47.80 -47.70 -46.22
N PHE I 32 48.30 -47.82 -44.99
CA PHE I 32 47.93 -46.91 -43.94
C PHE I 32 48.38 -45.49 -44.23
N ASN I 33 49.43 -45.37 -45.05
CA ASN I 33 49.98 -44.07 -45.40
C ASN I 33 49.48 -43.56 -46.74
N GLU I 34 49.25 -44.47 -47.68
CA GLU I 34 48.71 -44.05 -48.98
C GLU I 34 47.22 -43.66 -48.88
N TYR I 35 46.72 -43.53 -47.65
CA TYR I 35 45.38 -43.01 -47.41
C TYR I 35 45.38 -41.96 -46.29
N PHE I 36 46.46 -41.88 -45.54
CA PHE I 36 46.56 -40.92 -44.45
C PHE I 36 47.90 -40.20 -44.51
N GLN I 37 48.11 -39.49 -45.61
CA GLN I 37 49.43 -39.03 -46.04
C GLN I 37 50.17 -38.08 -45.08
N GLY I 38 50.26 -36.82 -45.46
CA GLY I 38 50.95 -35.82 -44.66
C GLY I 38 50.13 -35.38 -43.44
N LEU I 39 49.35 -36.32 -42.91
CA LEU I 39 48.41 -36.07 -41.81
C LEU I 39 48.86 -36.75 -40.52
N VAL I 40 48.81 -36.01 -39.42
CA VAL I 40 49.55 -36.37 -38.20
C VAL I 40 48.76 -37.16 -37.18
N ARG I 41 47.49 -36.83 -37.03
CA ARG I 41 46.61 -37.62 -36.19
C ARG I 41 46.58 -39.05 -36.72
N ALA I 42 47.09 -39.22 -37.95
CA ALA I 42 47.10 -40.50 -38.66
C ALA I 42 47.59 -41.64 -37.79
N VAL I 43 48.90 -41.61 -37.54
CA VAL I 43 49.57 -42.69 -36.81
C VAL I 43 49.03 -42.82 -35.36
N ALA I 44 48.19 -41.88 -34.94
CA ALA I 44 47.59 -41.88 -33.60
C ALA I 44 46.47 -42.92 -33.45
N ALA I 45 45.87 -43.30 -34.57
CA ALA I 45 44.74 -44.22 -34.56
C ALA I 45 45.11 -45.56 -33.95
N LEU I 46 46.41 -45.85 -33.97
CA LEU I 46 46.90 -47.15 -33.55
C LEU I 46 47.13 -47.20 -32.05
N GLU I 47 47.02 -46.05 -31.41
CA GLU I 47 47.30 -45.96 -29.98
C GLU I 47 46.65 -47.06 -29.11
N PRO I 48 45.33 -47.32 -29.28
CA PRO I 48 44.67 -48.34 -28.45
C PRO I 48 45.24 -49.74 -28.61
N LEU I 49 46.16 -49.89 -29.54
CA LEU I 49 46.82 -51.17 -29.77
C LEU I 49 48.07 -51.25 -28.91
N ARG I 50 48.79 -50.13 -28.80
CA ARG I 50 50.11 -50.15 -28.21
C ARG I 50 50.14 -50.00 -26.69
N ALA I 51 48.98 -50.04 -26.05
CA ALA I 51 48.92 -50.02 -24.59
C ALA I 51 48.57 -51.40 -24.03
N VAL I 52 48.94 -52.43 -24.79
CA VAL I 52 48.81 -53.83 -24.38
C VAL I 52 49.89 -54.69 -25.04
N ASP I 53 50.76 -54.04 -25.82
CA ASP I 53 51.90 -54.68 -26.51
C ASP I 53 51.51 -55.59 -27.68
N ALA I 54 51.16 -55.00 -28.82
CA ALA I 54 50.75 -55.80 -29.98
C ALA I 54 50.72 -55.08 -31.34
N LEU I 55 51.67 -54.17 -31.60
CA LEU I 55 51.84 -53.64 -32.96
C LEU I 55 52.88 -54.47 -33.70
N GLY I 56 52.39 -55.43 -34.48
CA GLY I 56 53.23 -56.44 -35.11
C GLY I 56 52.68 -57.81 -34.76
N HIS I 57 51.70 -57.83 -33.86
CA HIS I 57 50.99 -59.05 -33.48
C HIS I 57 49.78 -59.29 -34.39
N PHE I 58 49.18 -58.22 -34.90
CA PHE I 58 47.98 -58.39 -35.70
C PHE I 58 47.93 -57.56 -36.97
N ASP I 59 47.20 -58.06 -37.96
CA ASP I 59 47.02 -57.35 -39.20
C ASP I 59 45.80 -56.48 -39.07
N ALA I 60 45.57 -55.65 -40.08
CA ALA I 60 44.51 -54.67 -40.00
C ALA I 60 43.75 -54.56 -41.30
N TYR I 61 42.55 -55.15 -41.35
CA TYR I 61 41.66 -54.89 -42.49
C TYR I 61 40.61 -53.87 -42.10
N ILE I 62 40.49 -52.83 -42.92
CA ILE I 62 39.74 -51.61 -42.58
C ILE I 62 38.75 -51.18 -43.67
N THR I 63 37.68 -50.53 -43.24
CA THR I 63 36.73 -49.91 -44.15
C THR I 63 36.02 -48.73 -43.49
N VAL I 64 35.91 -47.63 -44.25
CA VAL I 64 35.35 -46.39 -43.76
C VAL I 64 34.50 -45.67 -44.80
N ARG I 65 33.50 -44.95 -44.33
CA ARG I 65 32.63 -44.21 -45.21
C ARG I 65 32.14 -43.07 -44.37
N GLY I 66 32.14 -41.88 -44.93
CA GLY I 66 31.60 -40.74 -44.22
C GLY I 66 32.63 -39.97 -43.41
N GLY I 67 32.27 -38.74 -43.08
CA GLY I 67 33.14 -37.85 -42.34
C GLY I 67 34.42 -37.47 -43.07
N GLY I 68 35.34 -36.84 -42.33
CA GLY I 68 36.69 -36.57 -42.80
C GLY I 68 37.68 -37.46 -42.09
N LYS I 69 38.89 -37.53 -42.63
CA LYS I 69 39.85 -38.54 -42.20
C LYS I 69 40.20 -38.49 -40.69
N SER I 70 40.02 -37.33 -40.05
CA SER I 70 40.17 -37.23 -38.60
C SER I 70 39.07 -38.03 -37.93
N GLY I 71 37.83 -37.66 -38.29
CA GLY I 71 36.61 -38.28 -37.77
C GLY I 71 36.51 -39.75 -38.14
N GLN I 72 37.24 -40.11 -39.19
CA GLN I 72 37.43 -41.52 -39.51
C GLN I 72 38.49 -42.12 -38.57
N ILE I 73 39.63 -41.43 -38.45
CA ILE I 73 40.76 -41.88 -37.61
C ILE I 73 40.42 -42.06 -36.13
N ASP I 74 39.52 -41.23 -35.64
CA ASP I 74 38.92 -41.39 -34.32
C ASP I 74 38.11 -42.69 -34.29
N ALA I 75 37.40 -42.94 -35.38
CA ALA I 75 36.57 -44.14 -35.46
C ALA I 75 37.40 -45.39 -35.69
N ILE I 76 38.41 -45.28 -36.56
CA ILE I 76 39.37 -46.35 -36.79
C ILE I 76 39.92 -46.77 -35.44
N LYS I 77 40.44 -45.79 -34.71
CA LYS I 77 40.98 -45.96 -33.37
C LYS I 77 39.94 -46.59 -32.41
N LEU I 78 38.69 -46.15 -32.52
CA LEU I 78 37.65 -46.68 -31.65
C LEU I 78 37.25 -48.07 -32.10
N GLY I 79 37.65 -48.43 -33.31
CA GLY I 79 37.47 -49.77 -33.85
C GLY I 79 38.49 -50.80 -33.38
N ILE I 80 39.79 -50.44 -33.43
CA ILE I 80 40.85 -51.29 -32.88
C ILE I 80 40.65 -51.42 -31.37
N ALA I 81 40.05 -50.37 -30.79
CA ALA I 81 39.64 -50.34 -29.40
C ALA I 81 38.67 -51.47 -29.09
N ARG I 82 37.44 -51.35 -29.60
CA ARG I 82 36.45 -52.39 -29.36
C ARG I 82 36.95 -53.78 -29.76
N ALA I 83 37.70 -53.85 -30.86
CA ALA I 83 38.14 -55.11 -31.45
C ALA I 83 38.91 -56.03 -30.48
N LEU I 84 39.52 -55.44 -29.47
CA LEU I 84 40.40 -56.18 -28.57
C LEU I 84 39.66 -56.84 -27.39
N VAL I 85 38.38 -56.52 -27.19
CA VAL I 85 37.60 -57.20 -26.15
C VAL I 85 36.97 -58.47 -26.72
N GLN I 86 36.85 -58.51 -28.04
CA GLN I 86 36.38 -59.70 -28.74
C GLN I 86 37.48 -60.75 -28.82
N TYR I 87 38.73 -60.33 -28.62
CA TYR I 87 39.87 -61.25 -28.56
C TYR I 87 40.14 -61.59 -27.11
N ASN I 88 40.26 -60.54 -26.31
CA ASN I 88 40.50 -60.67 -24.87
C ASN I 88 39.44 -59.87 -24.11
N PRO I 89 38.36 -60.54 -23.65
CA PRO I 89 37.46 -59.85 -22.72
C PRO I 89 38.13 -59.52 -21.39
N ASP I 90 39.47 -59.68 -21.32
CA ASP I 90 40.30 -59.25 -20.19
C ASP I 90 41.06 -57.94 -20.53
N TYR I 91 41.26 -57.63 -21.81
CA TYR I 91 41.88 -56.34 -22.19
C TYR I 91 41.04 -55.14 -21.80
N ARG I 92 39.79 -55.43 -21.42
CA ARG I 92 38.83 -54.42 -20.99
C ARG I 92 39.33 -53.67 -19.76
N ALA I 93 40.02 -54.39 -18.87
CA ALA I 93 40.62 -53.75 -17.71
C ALA I 93 41.54 -52.61 -18.12
N LYS I 94 42.40 -52.86 -19.10
CA LYS I 94 43.48 -51.93 -19.45
C LYS I 94 43.07 -50.68 -20.23
N LEU I 95 42.05 -50.80 -21.08
CA LEU I 95 41.73 -49.71 -22.02
C LEU I 95 40.42 -48.96 -21.76
N LYS I 96 39.94 -48.96 -20.52
CA LYS I 96 38.83 -48.08 -20.15
C LYS I 96 39.30 -46.97 -19.20
N PRO I 97 40.01 -47.33 -18.12
CA PRO I 97 40.51 -46.17 -17.39
C PRO I 97 41.65 -45.51 -18.15
N LEU I 98 42.07 -46.11 -19.27
CA LEU I 98 42.94 -45.43 -20.24
C LEU I 98 42.08 -44.71 -21.30
N GLY I 99 40.77 -44.97 -21.29
CA GLY I 99 39.79 -44.16 -22.01
C GLY I 99 39.43 -44.48 -23.45
N PHE I 100 39.92 -45.60 -23.99
CA PHE I 100 39.81 -45.88 -25.41
C PHE I 100 38.50 -46.57 -25.84
N LEU I 101 37.66 -46.85 -24.86
CA LEU I 101 36.35 -47.40 -25.14
C LEU I 101 35.27 -46.39 -24.92
N THR I 102 35.18 -45.38 -25.77
CA THR I 102 34.05 -44.47 -25.66
C THR I 102 33.70 -43.74 -26.96
N ARG I 103 32.41 -43.70 -27.24
CA ARG I 103 31.91 -42.91 -28.36
C ARG I 103 32.06 -41.45 -28.01
N ASP I 104 32.92 -40.75 -28.75
CA ASP I 104 33.02 -39.31 -28.58
C ASP I 104 31.67 -38.73 -28.96
N ALA I 105 30.80 -38.63 -27.95
CA ALA I 105 29.39 -38.24 -28.06
C ALA I 105 29.21 -36.84 -28.64
N ARG I 106 30.34 -36.24 -29.00
CA ARG I 106 30.41 -34.90 -29.54
C ARG I 106 30.09 -34.86 -31.05
N VAL I 107 29.40 -33.78 -31.40
CA VAL I 107 28.58 -33.75 -32.57
C VAL I 107 28.41 -32.33 -33.02
N VAL I 108 28.40 -32.15 -34.34
CA VAL I 108 28.20 -30.82 -34.92
C VAL I 108 26.79 -30.28 -34.66
N GLU I 109 26.64 -29.46 -33.63
CA GLU I 109 25.35 -28.88 -33.26
C GLU I 109 24.62 -28.22 -34.44
N ARG I 110 23.29 -28.19 -34.30
CA ARG I 110 22.39 -27.60 -35.28
C ARG I 110 22.56 -26.10 -35.45
N LYS I 111 22.61 -25.64 -36.70
CA LYS I 111 22.45 -24.22 -37.04
C LYS I 111 21.08 -23.67 -36.57
N LYS I 112 21.07 -22.55 -35.85
CA LYS I 112 19.80 -22.00 -35.35
C LYS I 112 19.35 -20.79 -36.16
N TYR I 113 18.04 -20.52 -36.08
CA TYR I 113 17.41 -19.42 -36.81
C TYR I 113 17.70 -18.15 -36.04
N GLY I 114 18.12 -17.12 -36.77
CA GLY I 114 18.51 -15.85 -36.16
C GLY I 114 19.99 -15.71 -35.85
N LYS I 115 20.72 -16.83 -35.99
CA LYS I 115 22.11 -16.90 -35.57
C LYS I 115 22.99 -17.49 -36.66
N HIS I 116 23.47 -16.62 -37.55
CA HIS I 116 24.51 -16.90 -38.55
C HIS I 116 25.12 -18.29 -38.64
N LYS I 117 25.30 -18.95 -37.49
CA LYS I 117 25.84 -20.30 -37.46
C LYS I 117 25.64 -21.05 -36.14
N ALA I 118 24.45 -20.98 -35.56
CA ALA I 118 24.05 -21.64 -34.28
C ALA I 118 24.23 -20.77 -33.05
N ARG I 119 25.50 -20.55 -32.69
CA ARG I 119 25.93 -19.78 -31.51
C ARG I 119 26.24 -18.32 -31.83
N ARG I 120 27.08 -18.10 -32.84
CA ARG I 120 27.34 -16.76 -33.39
C ARG I 120 26.06 -15.93 -33.72
N ALA I 121 26.02 -14.67 -33.31
CA ALA I 121 24.85 -13.81 -33.50
C ALA I 121 25.24 -12.63 -34.41
N PRO I 122 24.34 -11.63 -34.60
CA PRO I 122 24.81 -10.53 -35.46
C PRO I 122 25.36 -9.28 -34.72
N GLN I 123 26.51 -8.79 -35.18
CA GLN I 123 27.14 -7.56 -34.65
C GLN I 123 26.19 -6.35 -34.73
N TYR I 124 26.29 -5.41 -33.78
CA TYR I 124 25.44 -4.21 -33.78
C TYR I 124 26.00 -3.03 -32.96
N SER I 125 26.53 -2.01 -33.64
CA SER I 125 26.87 -0.73 -32.99
C SER I 125 25.55 0.01 -32.77
N LYS I 126 25.62 1.26 -32.33
CA LYS I 126 24.41 2.07 -32.12
C LYS I 126 23.39 1.38 -31.19
N ARG I 127 23.90 0.41 -30.41
CA ARG I 127 23.14 -0.50 -29.52
C ARG I 127 21.96 0.12 -28.79
N LYS J 1 8.82 -61.79 -56.87
CA LYS J 1 7.97 -61.62 -58.05
C LYS J 1 7.23 -60.30 -58.06
N ILE J 2 6.14 -60.20 -57.29
CA ILE J 2 5.37 -58.96 -57.22
C ILE J 2 5.78 -58.09 -56.05
N ARG J 3 6.11 -56.82 -56.34
CA ARG J 3 6.67 -55.88 -55.37
C ARG J 3 5.70 -54.73 -55.13
N ILE J 4 5.56 -54.33 -53.87
CA ILE J 4 4.65 -53.24 -53.52
C ILE J 4 5.41 -52.04 -52.98
N LYS J 5 4.86 -50.86 -53.19
CA LYS J 5 5.51 -49.63 -52.75
C LYS J 5 4.49 -48.75 -52.05
N LEU J 6 4.62 -48.62 -50.74
CA LEU J 6 3.70 -47.80 -49.94
C LEU J 6 4.31 -46.44 -49.60
N ARG J 7 3.63 -45.39 -50.02
CA ARG J 7 4.10 -44.03 -49.80
C ARG J 7 3.01 -43.23 -49.08
N GLY J 8 3.18 -42.98 -47.78
CA GLY J 8 2.18 -42.29 -46.99
C GLY J 8 2.71 -41.17 -46.10
N PHE J 9 1.96 -40.84 -45.03
CA PHE J 9 2.32 -39.72 -44.16
C PHE J 9 2.63 -40.05 -42.69
N ASP J 10 1.84 -40.95 -42.10
CA ASP J 10 2.07 -41.44 -40.71
C ASP J 10 3.34 -42.25 -40.66
N HIS J 11 3.67 -42.75 -39.48
CA HIS J 11 4.57 -43.90 -39.43
C HIS J 11 3.76 -45.07 -38.92
N LYS J 12 2.49 -44.76 -38.63
CA LYS J 12 1.60 -45.65 -37.92
C LYS J 12 0.81 -46.50 -38.90
N THR J 13 -0.04 -45.84 -39.68
CA THR J 13 -0.80 -46.53 -40.71
C THR J 13 0.18 -47.20 -41.65
N LEU J 14 1.20 -46.48 -42.07
CA LEU J 14 2.18 -46.99 -43.04
C LEU J 14 2.89 -48.26 -42.57
N ASP J 15 2.93 -48.47 -41.26
CA ASP J 15 3.46 -49.72 -40.71
C ASP J 15 2.33 -50.73 -40.56
N ALA J 16 1.19 -50.23 -40.07
CA ALA J 16 -0.03 -51.03 -39.95
C ALA J 16 -0.42 -51.60 -41.31
N SER J 17 -0.72 -50.70 -42.25
CA SER J 17 -1.12 -51.03 -43.62
C SER J 17 -0.28 -52.12 -44.26
N ALA J 18 1.02 -52.09 -44.00
CA ALA J 18 1.93 -53.01 -44.65
C ALA J 18 2.11 -54.29 -43.87
N GLN J 19 1.55 -54.36 -42.67
CA GLN J 19 1.62 -55.61 -41.90
C GLN J 19 0.34 -56.48 -41.94
N LYS J 20 -0.76 -55.90 -42.40
CA LYS J 20 -1.96 -56.65 -42.81
C LYS J 20 -1.63 -57.38 -44.12
N ILE J 21 -1.14 -56.59 -45.07
CA ILE J 21 -0.59 -57.11 -46.32
C ILE J 21 0.43 -58.24 -46.09
N VAL J 22 1.26 -58.12 -45.06
CA VAL J 22 2.31 -59.12 -44.85
C VAL J 22 1.82 -60.45 -44.24
N GLU J 23 0.55 -60.52 -43.87
CA GLU J 23 0.02 -61.77 -43.34
C GLU J 23 -0.69 -62.63 -44.39
N ALA J 24 -1.42 -61.98 -45.29
CA ALA J 24 -2.15 -62.68 -46.34
C ALA J 24 -1.30 -62.85 -47.60
N ALA J 25 0.01 -62.84 -47.41
CA ALA J 25 0.96 -63.27 -48.43
C ALA J 25 1.88 -64.34 -47.82
N ARG J 26 1.39 -64.95 -46.74
CA ARG J 26 2.09 -66.05 -46.07
C ARG J 26 1.13 -67.24 -45.94
N ARG J 27 -0.05 -66.94 -45.42
CA ARG J 27 -1.14 -67.92 -45.35
C ARG J 27 -1.57 -68.35 -46.76
N SER J 28 -1.64 -67.38 -47.68
CA SER J 28 -2.25 -67.61 -49.01
C SER J 28 -1.34 -68.30 -50.02
N GLY J 29 -0.13 -68.63 -49.61
CA GLY J 29 0.78 -69.33 -50.50
C GLY J 29 1.85 -68.42 -51.07
N ALA J 30 2.79 -68.03 -50.21
CA ALA J 30 3.96 -67.26 -50.61
C ALA J 30 4.95 -67.18 -49.46
N GLN J 31 6.20 -67.45 -49.77
CA GLN J 31 7.29 -67.07 -48.89
C GLN J 31 7.46 -65.57 -49.16
N VAL J 32 7.96 -64.81 -48.18
CA VAL J 32 8.12 -63.35 -48.33
C VAL J 32 9.37 -62.79 -47.63
N SER J 33 10.14 -61.96 -48.35
CA SER J 33 11.21 -61.15 -47.74
C SER J 33 10.56 -59.90 -47.11
N GLY J 34 10.73 -59.78 -45.79
CA GLY J 34 9.87 -58.97 -44.92
C GLY J 34 9.56 -57.51 -45.22
N PRO J 35 8.91 -56.83 -44.25
CA PRO J 35 8.55 -55.41 -44.38
C PRO J 35 9.83 -54.55 -44.50
N ILE J 36 9.95 -53.73 -45.55
CA ILE J 36 11.20 -52.97 -45.75
C ILE J 36 11.13 -51.46 -45.53
N PRO J 37 11.84 -50.99 -44.49
CA PRO J 37 12.04 -49.57 -44.17
C PRO J 37 12.96 -48.94 -45.20
N LEU J 38 12.55 -47.80 -45.74
CA LEU J 38 13.33 -47.17 -46.78
C LEU J 38 13.66 -45.69 -46.47
N PRO J 39 14.75 -45.19 -47.09
CA PRO J 39 15.15 -43.80 -47.31
C PRO J 39 14.01 -42.75 -47.35
N THR J 40 13.48 -42.45 -46.17
CA THR J 40 12.43 -41.45 -46.00
C THR J 40 12.96 -40.08 -46.48
N ARG J 41 12.06 -39.20 -46.89
CA ARG J 41 12.47 -37.91 -47.46
C ARG J 41 11.78 -36.78 -46.72
N VAL J 42 12.51 -35.70 -46.45
CA VAL J 42 11.93 -34.61 -45.68
C VAL J 42 11.79 -33.35 -46.49
N ARG J 43 10.58 -32.81 -46.54
CA ARG J 43 10.41 -31.46 -47.06
C ARG J 43 9.98 -30.51 -45.96
N ARG J 44 10.90 -29.62 -45.58
CA ARG J 44 10.73 -28.68 -44.47
C ARG J 44 10.40 -27.25 -44.91
N PHE J 45 9.74 -26.52 -44.01
CA PHE J 45 9.26 -25.17 -44.29
C PHE J 45 9.54 -24.24 -43.12
N THR J 46 10.47 -23.33 -43.34
CA THR J 46 10.88 -22.40 -42.31
C THR J 46 10.17 -21.08 -42.55
N VAL J 47 9.39 -20.60 -41.58
CA VAL J 47 8.55 -19.44 -41.82
C VAL J 47 8.49 -18.41 -40.70
N ILE J 48 8.44 -17.14 -41.10
CA ILE J 48 8.28 -16.01 -40.19
C ILE J 48 7.01 -16.04 -39.36
N ARG J 49 7.12 -16.38 -38.07
CA ARG J 49 5.97 -16.43 -37.15
C ARG J 49 5.07 -15.21 -37.25
N GLY J 50 5.67 -14.08 -37.59
CA GLY J 50 4.98 -12.82 -37.57
C GLY J 50 4.36 -12.44 -38.89
N PRO J 51 3.15 -11.89 -38.83
CA PRO J 51 2.56 -11.05 -39.86
C PRO J 51 3.55 -10.06 -40.46
N PHE J 52 4.13 -9.19 -39.63
CA PHE J 52 4.92 -8.07 -40.15
C PHE J 52 6.44 -8.15 -40.05
N LYS J 53 7.02 -7.30 -39.21
CA LYS J 53 8.46 -6.99 -39.25
C LYS J 53 9.36 -7.97 -38.51
N HIS J 54 8.77 -8.64 -37.52
CA HIS J 54 9.51 -9.45 -36.59
C HIS J 54 10.10 -10.73 -37.18
N LYS J 55 11.10 -10.55 -38.02
CA LYS J 55 11.67 -11.63 -38.82
C LYS J 55 12.36 -12.75 -38.08
N ASP J 56 13.31 -12.41 -37.22
CA ASP J 56 14.23 -13.43 -36.72
C ASP J 56 13.59 -14.44 -35.73
N SER J 57 12.26 -14.37 -35.58
CA SER J 57 11.46 -15.39 -34.86
C SER J 57 10.70 -16.32 -35.81
N ARG J 58 11.08 -17.58 -35.85
CA ARG J 58 10.63 -18.43 -36.94
C ARG J 58 10.12 -19.82 -36.55
N GLU J 59 9.13 -20.29 -37.31
CA GLU J 59 8.47 -21.58 -37.09
C GLU J 59 8.92 -22.69 -38.03
N HIS J 60 8.85 -23.92 -37.52
CA HIS J 60 9.40 -25.07 -38.21
C HIS J 60 8.45 -26.27 -38.40
N PHE J 61 8.19 -26.58 -39.68
CA PHE J 61 7.33 -27.69 -40.14
C PHE J 61 8.06 -28.69 -41.03
N GLU J 62 7.84 -29.99 -40.78
CA GLU J 62 8.43 -31.04 -41.60
C GLU J 62 7.43 -32.08 -42.11
N LEU J 63 7.30 -32.16 -43.43
CA LEU J 63 6.44 -33.14 -44.10
C LEU J 63 7.25 -34.37 -44.49
N ARG J 64 6.92 -35.47 -43.83
CA ARG J 64 7.74 -36.66 -43.85
C ARG J 64 7.14 -37.74 -44.77
N THR J 65 7.73 -37.87 -45.97
CA THR J 65 7.40 -38.91 -46.94
C THR J 65 7.97 -40.23 -46.48
N HIS J 66 7.11 -41.20 -46.19
CA HIS J 66 7.56 -42.47 -45.64
C HIS J 66 7.44 -43.60 -46.64
N ASN J 67 8.57 -44.23 -46.94
CA ASN J 67 8.64 -45.22 -48.00
C ASN J 67 8.79 -46.65 -47.47
N ARG J 68 7.84 -47.50 -47.84
CA ARG J 68 7.85 -48.90 -47.46
C ARG J 68 7.85 -49.77 -48.74
N LEU J 69 8.34 -51.00 -48.64
CA LEU J 69 8.45 -51.85 -49.83
C LEU J 69 8.52 -53.35 -49.52
N VAL J 70 7.46 -54.10 -49.84
CA VAL J 70 7.47 -55.54 -49.59
C VAL J 70 7.43 -56.42 -50.86
N ASP J 71 8.27 -57.44 -50.84
CA ASP J 71 8.47 -58.38 -51.95
C ASP J 71 7.71 -59.69 -51.70
N ILE J 72 6.93 -60.13 -52.70
CA ILE J 72 6.26 -61.44 -52.66
C ILE J 72 6.91 -62.45 -53.60
N ILE J 73 7.62 -63.42 -53.01
CA ILE J 73 8.18 -64.57 -53.75
C ILE J 73 7.20 -65.78 -53.71
N ASN J 74 6.97 -66.39 -54.87
CA ASN J 74 5.91 -67.38 -55.10
C ASN J 74 4.49 -66.85 -54.86
N PRO J 75 3.97 -66.04 -55.81
CA PRO J 75 2.64 -65.43 -55.74
C PRO J 75 1.57 -66.35 -56.32
N ASN J 76 0.75 -66.94 -55.47
CA ASN J 76 -0.26 -67.90 -55.92
C ASN J 76 -1.52 -67.23 -56.48
N ARG J 77 -2.38 -68.03 -57.11
CA ARG J 77 -3.74 -67.58 -57.46
C ARG J 77 -4.66 -67.86 -56.28
N LYS J 78 -4.05 -68.34 -55.19
CA LYS J 78 -4.69 -68.46 -53.88
C LYS J 78 -4.41 -67.15 -53.16
N THR J 79 -3.40 -66.45 -53.69
CA THR J 79 -2.87 -65.22 -53.13
C THR J 79 -3.52 -63.98 -53.74
N ILE J 80 -3.05 -63.59 -54.91
CA ILE J 80 -3.32 -62.27 -55.52
C ILE J 80 -4.67 -61.61 -55.21
N GLU J 81 -5.71 -62.42 -55.03
CA GLU J 81 -7.04 -61.93 -54.70
C GLU J 81 -7.20 -61.68 -53.19
N GLN J 82 -6.43 -62.41 -52.38
CA GLN J 82 -6.43 -62.23 -50.92
C GLN J 82 -5.91 -60.84 -50.50
N LEU J 83 -5.21 -60.17 -51.41
CA LEU J 83 -4.61 -58.86 -51.15
C LEU J 83 -5.36 -57.72 -51.89
N MET J 84 -6.44 -58.08 -52.58
CA MET J 84 -7.38 -57.09 -53.09
C MET J 84 -8.69 -57.27 -52.32
N THR J 85 -8.63 -58.19 -51.36
CA THR J 85 -9.65 -58.36 -50.32
C THR J 85 -9.03 -58.14 -48.92
N LEU J 86 -8.00 -57.30 -48.88
CA LEU J 86 -7.32 -56.91 -47.65
C LEU J 86 -7.27 -55.37 -47.54
N ASP J 87 -7.20 -54.71 -48.70
CA ASP J 87 -7.16 -53.25 -48.86
C ASP J 87 -8.09 -52.49 -47.88
N LEU J 88 -7.48 -51.70 -46.99
CA LEU J 88 -8.23 -50.94 -45.98
C LEU J 88 -7.53 -49.69 -45.31
N PRO J 89 -6.22 -49.42 -45.55
CA PRO J 89 -5.67 -48.20 -44.93
C PRO J 89 -6.00 -46.89 -45.68
N THR J 90 -6.16 -45.80 -44.94
CA THR J 90 -6.80 -44.58 -45.48
C THR J 90 -5.89 -43.44 -46.02
N GLY J 91 -4.77 -43.18 -45.35
CA GLY J 91 -3.88 -42.11 -45.77
C GLY J 91 -2.74 -42.60 -46.63
N VAL J 92 -2.76 -43.89 -46.91
CA VAL J 92 -1.69 -44.53 -47.64
C VAL J 92 -2.00 -44.49 -49.15
N GLU J 93 -0.95 -44.53 -49.98
CA GLU J 93 -1.08 -44.80 -51.42
C GLU J 93 -0.25 -46.03 -51.78
N ILE J 94 -0.89 -47.03 -52.37
CA ILE J 94 -0.24 -48.28 -52.69
C ILE J 94 0.10 -48.34 -54.17
N GLU J 95 1.19 -49.04 -54.48
CA GLU J 95 1.49 -49.35 -55.87
C GLU J 95 2.12 -50.72 -56.03
N ILE J 96 1.92 -51.29 -57.22
CA ILE J 96 2.20 -52.70 -57.46
C ILE J 96 3.14 -52.91 -58.67
N LYS J 97 4.33 -53.42 -58.38
CA LYS J 97 5.36 -53.65 -59.39
C LYS J 97 5.42 -55.14 -59.75
N THR J 98 6.09 -55.47 -60.85
CA THR J 98 6.42 -56.87 -61.18
C THR J 98 7.47 -56.99 -62.27
N VAL J 99 8.65 -57.46 -61.85
CA VAL J 99 9.68 -57.97 -62.77
C VAL J 99 10.05 -59.34 -62.18
N LYS K 1 81.63 14.69 8.37
CA LYS K 1 82.10 15.36 9.57
C LYS K 1 82.52 14.36 10.68
N ARG K 2 81.92 14.48 11.87
CA ARG K 2 82.25 13.66 13.03
C ARG K 2 81.74 12.22 12.90
N GLN K 3 82.04 11.40 13.90
CA GLN K 3 81.55 10.03 13.96
C GLN K 3 80.65 9.85 15.18
N VAL K 4 79.64 8.98 15.07
CA VAL K 4 78.70 8.69 16.18
C VAL K 4 78.19 7.24 16.24
N ALA K 5 78.44 6.59 17.36
CA ALA K 5 78.05 5.20 17.55
C ALA K 5 76.55 5.06 17.63
N SER K 6 76.01 5.27 18.84
CA SER K 6 74.58 5.24 19.08
C SER K 6 73.90 6.53 18.62
N GLY K 7 72.78 6.39 17.93
CA GLY K 7 71.98 7.52 17.52
C GLY K 7 70.51 7.12 17.50
N ARG K 8 69.61 8.10 17.55
CA ARG K 8 68.18 7.79 17.69
C ARG K 8 67.35 8.23 16.48
N ALA K 9 66.39 7.41 16.08
CA ALA K 9 65.66 7.64 14.85
C ALA K 9 64.29 8.23 15.09
N TYR K 10 64.08 9.45 14.59
CA TYR K 10 62.76 10.09 14.63
C TYR K 10 61.96 9.87 13.31
N ILE K 11 60.73 9.37 13.44
CA ILE K 11 59.84 9.16 12.30
C ILE K 11 58.52 9.90 12.44
N HIS K 12 58.25 10.80 11.48
CA HIS K 12 57.03 11.63 11.47
C HIS K 12 56.13 11.29 10.29
N ALA K 13 55.15 10.43 10.52
CA ALA K 13 54.26 9.97 9.45
C ALA K 13 52.93 10.74 9.37
N SER K 14 52.83 11.62 8.37
CA SER K 14 51.59 12.34 8.09
C SER K 14 50.85 11.55 7.06
N TYR K 15 50.10 12.25 6.23
CA TYR K 15 49.37 11.61 5.14
C TYR K 15 49.94 12.09 3.82
N ASN K 16 50.26 13.37 3.73
CA ASN K 16 50.85 13.96 2.53
C ASN K 16 52.36 13.76 2.48
N ASN K 17 52.90 13.12 3.53
CA ASN K 17 54.33 12.85 3.66
C ASN K 17 54.67 11.97 4.85
N THR K 18 55.92 11.50 4.88
CA THR K 18 56.46 10.75 6.00
C THR K 18 57.94 11.17 6.13
N ILE K 19 58.32 11.63 7.34
CA ILE K 19 59.62 12.30 7.57
C ILE K 19 60.51 11.63 8.62
N VAL K 20 61.74 11.31 8.23
CA VAL K 20 62.70 10.71 9.16
C VAL K 20 63.91 11.60 9.45
N THR K 21 63.94 12.23 10.62
CA THR K 21 65.15 12.93 11.08
C THR K 21 65.89 12.08 12.11
N ILE K 22 67.10 11.70 11.79
CA ILE K 22 67.86 10.86 12.72
C ILE K 22 68.87 11.72 13.50
N THR K 23 69.09 11.36 14.77
CA THR K 23 69.87 12.19 15.70
C THR K 23 70.80 11.37 16.61
N ASP K 24 71.37 12.07 17.60
CA ASP K 24 72.27 11.52 18.62
C ASP K 24 71.53 11.51 19.97
N PRO K 25 71.92 10.62 20.90
CA PRO K 25 71.30 10.41 22.24
C PRO K 25 70.78 11.66 23.00
N ASP K 26 71.03 12.85 22.47
CA ASP K 26 70.43 14.09 22.99
C ASP K 26 69.14 14.36 22.25
N GLY K 27 69.22 14.22 20.94
CA GLY K 27 68.16 14.65 20.06
C GLY K 27 68.71 15.74 19.16
N ASN K 28 69.93 15.56 18.67
CA ASN K 28 70.46 16.51 17.74
C ASN K 28 70.64 16.04 16.31
N PRO K 29 69.87 16.67 15.41
CA PRO K 29 69.72 16.45 13.98
C PRO K 29 71.02 16.17 13.27
N ILE K 30 71.39 14.90 13.17
CA ILE K 30 72.49 14.49 12.34
C ILE K 30 72.15 14.67 10.86
N THR K 31 71.27 13.78 10.38
CA THR K 31 70.70 13.83 9.04
C THR K 31 69.19 13.67 9.11
N TRP K 32 68.50 14.34 8.20
CA TRP K 32 67.05 14.30 8.12
C TRP K 32 66.66 14.04 6.66
N SER K 33 65.49 13.43 6.47
CA SER K 33 64.93 13.19 5.14
C SER K 33 63.45 12.81 5.18
N SER K 34 62.72 13.24 4.15
CA SER K 34 61.33 12.86 3.95
C SER K 34 61.17 12.45 2.49
N GLY K 35 59.96 12.05 2.13
CA GLY K 35 59.71 11.56 0.79
C GLY K 35 59.89 12.63 -0.28
N GLY K 36 59.63 13.87 0.11
CA GLY K 36 59.66 14.97 -0.83
C GLY K 36 61.09 15.33 -1.21
N VAL K 37 62.03 14.81 -0.44
CA VAL K 37 63.42 14.98 -0.81
C VAL K 37 63.88 13.87 -1.74
N ILE K 38 63.27 12.69 -1.62
CA ILE K 38 63.61 11.53 -2.47
C ILE K 38 63.36 11.77 -3.97
N GLY K 39 62.39 12.63 -4.29
CA GLY K 39 62.06 12.94 -5.67
C GLY K 39 60.55 13.03 -5.88
N TYR K 40 59.81 12.79 -4.81
CA TYR K 40 58.35 12.74 -4.89
C TYR K 40 57.74 14.12 -4.73
N LYS K 41 56.78 14.42 -5.60
CA LYS K 41 56.38 15.80 -5.87
C LYS K 41 55.07 16.30 -5.23
N GLY K 42 54.02 15.48 -5.26
CA GLY K 42 52.73 15.88 -4.72
C GLY K 42 52.11 14.84 -3.80
N SER K 43 51.03 14.22 -4.25
CA SER K 43 50.40 13.15 -3.47
C SER K 43 51.24 11.90 -3.52
N ARG K 44 52.25 11.93 -4.38
CA ARG K 44 53.20 10.86 -4.52
C ARG K 44 53.84 10.60 -3.16
N LYS K 45 54.11 11.69 -2.45
CA LYS K 45 54.96 11.68 -1.27
C LYS K 45 54.50 10.79 -0.10
N GLY K 46 53.20 10.61 0.05
CA GLY K 46 52.70 9.91 1.23
C GLY K 46 52.69 8.40 1.15
N THR K 47 52.93 7.87 -0.03
CA THR K 47 52.92 6.43 -0.25
C THR K 47 53.82 5.73 0.75
N PRO K 48 53.44 4.51 1.15
CA PRO K 48 54.25 3.62 1.97
C PRO K 48 55.58 3.23 1.31
N TYR K 49 55.70 3.50 0.02
CA TYR K 49 56.95 3.25 -0.68
C TYR K 49 57.82 4.50 -0.64
N ALA K 50 57.24 5.60 -0.18
CA ALA K 50 58.02 6.81 0.06
C ALA K 50 58.59 6.78 1.49
N ALA K 51 57.77 6.34 2.43
CA ALA K 51 58.22 6.12 3.81
C ALA K 51 59.35 5.09 3.87
N GLN K 52 59.25 4.04 3.07
CA GLN K 52 60.32 3.05 2.97
C GLN K 52 61.59 3.70 2.42
N LEU K 53 61.41 4.76 1.62
CA LEU K 53 62.50 5.43 0.88
C LEU K 53 63.24 6.53 1.66
N ALA K 54 62.48 7.35 2.38
CA ALA K 54 63.06 8.31 3.30
C ALA K 54 63.91 7.60 4.38
N ALA K 55 63.32 6.60 5.02
CA ALA K 55 64.06 5.73 5.93
C ALA K 55 65.04 4.82 5.20
N LEU K 56 65.59 5.33 4.10
CA LEU K 56 66.73 4.74 3.44
C LEU K 56 67.73 5.85 3.24
N ASP K 57 67.34 6.82 2.42
CA ASP K 57 68.17 7.99 2.09
C ASP K 57 68.54 8.83 3.33
N ALA K 58 67.79 8.68 4.41
CA ALA K 58 68.13 9.33 5.67
C ALA K 58 69.04 8.43 6.49
N ALA K 59 68.81 7.13 6.40
CA ALA K 59 69.65 6.18 7.12
C ALA K 59 70.93 5.92 6.32
N LYS K 60 70.98 6.39 5.07
CA LYS K 60 72.21 6.29 4.27
C LYS K 60 73.14 7.49 4.48
N LYS K 61 72.58 8.69 4.61
CA LYS K 61 73.35 9.86 5.02
C LYS K 61 73.92 9.65 6.43
N ALA K 62 73.30 8.75 7.20
CA ALA K 62 73.66 8.50 8.60
C ALA K 62 74.72 7.43 8.82
N MET K 63 74.85 6.48 7.88
CA MET K 63 76.02 5.57 7.91
C MET K 63 77.24 6.28 7.35
N ALA K 64 76.98 7.33 6.56
CA ALA K 64 78.03 8.19 6.03
C ALA K 64 78.83 8.81 7.16
N TYR K 65 78.17 8.94 8.32
CA TYR K 65 78.80 9.41 9.55
C TYR K 65 79.06 8.21 10.46
N GLY K 66 79.11 7.02 9.87
CA GLY K 66 79.30 5.78 10.61
C GLY K 66 78.27 5.58 11.71
N MET K 67 77.06 5.16 11.33
CA MET K 67 76.03 4.89 12.33
C MET K 67 76.01 3.39 12.68
N GLN K 68 75.94 3.11 13.97
CA GLN K 68 75.99 1.73 14.44
C GLN K 68 74.64 1.27 14.98
N SER K 69 74.18 1.92 16.04
CA SER K 69 72.93 1.53 16.68
C SER K 69 71.87 2.59 16.50
N VAL K 70 70.61 2.18 16.51
CA VAL K 70 69.49 3.12 16.54
C VAL K 70 68.45 2.71 17.59
N ASP K 71 67.84 3.71 18.20
CA ASP K 71 66.54 3.54 18.86
C ASP K 71 65.53 4.30 18.01
N VAL K 72 64.32 3.79 17.89
CA VAL K 72 63.33 4.48 17.06
C VAL K 72 62.21 5.11 17.83
N ILE K 73 61.80 6.25 17.32
CA ILE K 73 60.68 7.01 17.85
C ILE K 73 59.81 7.25 16.63
N VAL K 74 58.48 7.24 16.81
CA VAL K 74 57.55 7.55 15.72
C VAL K 74 56.44 8.52 16.13
N ARG K 75 56.21 9.50 15.28
CA ARG K 75 55.18 10.51 15.55
C ARG K 75 54.02 10.48 14.55
N GLY K 76 52.94 9.81 14.93
CA GLY K 76 51.72 9.78 14.13
C GLY K 76 51.15 8.42 13.77
N THR K 77 49.99 8.45 13.13
CA THR K 77 49.46 7.32 12.36
C THR K 77 49.32 7.83 10.93
N GLY K 78 50.12 7.26 10.03
CA GLY K 78 50.22 7.79 8.70
C GLY K 78 50.60 6.72 7.72
N ALA K 79 50.54 7.08 6.44
CA ALA K 79 50.73 6.12 5.38
C ALA K 79 52.14 5.55 5.41
N GLY K 80 52.22 4.25 5.66
CA GLY K 80 53.48 3.55 5.73
C GLY K 80 54.22 3.91 6.98
N ARG K 81 53.47 4.10 8.06
CA ARG K 81 54.06 4.50 9.31
C ARG K 81 55.09 3.46 9.66
N GLU K 82 54.66 2.22 9.87
CA GLU K 82 55.62 1.18 10.20
C GLU K 82 56.39 0.67 8.99
N GLN K 83 56.04 1.13 7.80
CA GLN K 83 56.78 0.73 6.61
C GLN K 83 58.18 1.34 6.60
N ALA K 84 58.35 2.40 7.36
CA ALA K 84 59.68 2.98 7.49
C ALA K 84 60.39 2.29 8.63
N ILE K 85 59.67 2.02 9.70
CA ILE K 85 60.18 1.26 10.83
C ILE K 85 60.85 0.00 10.34
N ARG K 86 60.14 -0.72 9.47
CA ARG K 86 60.70 -1.90 8.86
C ARG K 86 61.87 -1.48 7.96
N ALA K 87 61.68 -0.39 7.20
CA ALA K 87 62.70 0.10 6.26
C ALA K 87 64.04 0.47 6.92
N LEU K 88 64.08 0.39 8.25
CA LEU K 88 65.29 0.67 9.04
C LEU K 88 65.93 -0.62 9.55
N GLN K 89 65.10 -1.60 9.93
CA GLN K 89 65.61 -2.92 10.28
C GLN K 89 66.20 -3.54 9.02
N ALA K 90 65.74 -3.03 7.89
CA ALA K 90 66.12 -3.55 6.58
C ALA K 90 67.23 -2.74 5.89
N SER K 91 67.81 -1.78 6.59
CA SER K 91 68.85 -0.95 5.98
C SER K 91 70.25 -1.34 6.45
N GLY K 92 70.33 -2.05 7.56
CA GLY K 92 71.59 -2.43 8.15
C GLY K 92 71.89 -1.57 9.35
N LEU K 93 71.01 -1.64 10.34
CA LEU K 93 71.13 -0.83 11.53
C LEU K 93 70.39 -1.47 12.68
N GLN K 94 71.14 -1.83 13.72
CA GLN K 94 70.58 -2.40 14.94
C GLN K 94 69.44 -1.50 15.39
N VAL K 95 68.23 -2.06 15.43
CA VAL K 95 67.10 -1.34 15.97
C VAL K 95 66.98 -1.65 17.46
N LYS K 96 67.40 -0.70 18.31
CA LYS K 96 67.30 -0.87 19.76
C LYS K 96 65.85 -1.00 20.14
N SER K 97 65.32 0.08 20.67
CA SER K 97 63.95 0.10 21.14
C SER K 97 63.08 0.94 20.19
N ILE K 98 61.78 0.60 20.13
CA ILE K 98 60.82 1.28 19.25
C ILE K 98 59.62 1.84 20.02
N VAL K 99 59.43 3.15 19.88
CA VAL K 99 58.54 3.92 20.74
C VAL K 99 57.57 4.80 19.95
N ASP K 100 56.31 4.85 20.38
CA ASP K 100 55.38 5.81 19.79
C ASP K 100 54.99 6.86 20.81
N ASP K 101 54.99 8.11 20.36
CA ASP K 101 54.69 9.27 21.19
C ASP K 101 53.97 10.28 20.34
N THR K 102 52.68 10.06 20.14
CA THR K 102 51.92 10.91 19.25
C THR K 102 51.39 12.10 20.05
N PRO K 103 51.49 13.32 19.46
CA PRO K 103 50.82 14.50 20.03
C PRO K 103 49.34 14.24 20.39
N VAL K 104 49.04 14.29 21.67
CA VAL K 104 47.73 13.91 22.16
C VAL K 104 47.27 15.01 23.10
N PRO K 105 46.41 15.93 22.62
CA PRO K 105 45.88 16.90 23.59
C PRO K 105 45.18 16.25 24.80
N HIS K 106 44.76 17.08 25.75
CA HIS K 106 43.89 16.62 26.81
C HIS K 106 42.75 17.57 26.68
N ASN K 107 42.56 17.92 25.40
CA ASN K 107 41.46 18.71 24.88
C ASN K 107 41.62 20.22 25.09
N GLY K 108 42.50 20.81 24.31
CA GLY K 108 42.74 22.23 24.43
C GLY K 108 42.25 23.05 23.26
N CYS K 109 42.78 22.73 22.08
CA CYS K 109 42.47 23.50 20.89
C CYS K 109 41.30 22.91 20.06
N ARG K 110 40.30 23.73 19.75
CA ARG K 110 39.25 23.36 18.80
C ARG K 110 39.92 23.12 17.45
N PRO K 111 39.89 21.87 16.95
CA PRO K 111 40.43 21.59 15.62
C PRO K 111 39.71 22.41 14.57
N LYS K 112 40.29 22.49 13.38
CA LYS K 112 39.64 23.17 12.26
C LYS K 112 38.27 22.51 11.96
N LYS K 113 37.51 23.13 11.07
CA LYS K 113 36.23 22.61 10.53
C LYS K 113 36.44 21.14 10.23
N LYS K 114 37.26 20.90 9.22
CA LYS K 114 37.77 19.59 8.85
C LYS K 114 38.38 18.90 10.07
N PHE K 115 37.52 18.31 10.91
CA PHE K 115 37.92 17.71 12.19
C PHE K 115 39.04 16.67 12.16
N PRO L 1 -11.59 22.14 28.60
CA PRO L 1 -10.91 22.82 29.70
C PRO L 1 -11.25 22.25 31.08
N THR L 2 -11.29 23.10 32.09
CA THR L 2 -11.97 22.74 33.31
C THR L 2 -13.22 23.53 33.20
N ILE L 3 -14.17 23.18 34.06
CA ILE L 3 -15.40 23.95 34.21
C ILE L 3 -15.03 25.42 34.43
N ASN L 4 -14.22 25.63 35.46
CA ASN L 4 -13.81 26.96 35.91
C ASN L 4 -13.15 27.78 34.82
N GLN L 5 -12.24 27.15 34.06
CA GLN L 5 -11.58 27.82 32.95
C GLN L 5 -12.66 28.48 32.12
N LEU L 6 -13.70 27.72 31.82
CA LEU L 6 -14.80 28.16 30.97
C LEU L 6 -15.65 29.17 31.66
N VAL L 7 -15.98 28.89 32.90
CA VAL L 7 -16.71 29.86 33.69
C VAL L 7 -15.99 31.20 33.60
N ARG L 8 -14.67 31.18 33.84
CA ARG L 8 -13.86 32.38 33.66
C ARG L 8 -13.82 32.80 32.19
N LYS L 9 -13.41 31.89 31.31
CA LYS L 9 -13.13 32.20 29.88
C LYS L 9 -14.29 32.00 28.88
N GLY L 10 -14.78 30.76 28.77
CA GLY L 10 -15.99 30.51 28.00
C GLY L 10 -15.87 30.26 26.51
N ARG L 11 -16.98 29.80 25.92
CA ARG L 11 -17.04 29.36 24.52
C ARG L 11 -17.50 30.43 23.54
N GLU L 12 -16.61 30.75 22.62
CA GLU L 12 -16.71 31.91 21.75
C GLU L 12 -17.55 31.61 20.54
N LYS L 13 -18.84 31.97 20.61
CA LYS L 13 -19.81 31.75 19.53
C LYS L 13 -19.22 32.07 18.16
N VAL L 14 -19.22 31.09 17.26
CA VAL L 14 -18.59 31.26 15.95
C VAL L 14 -19.22 32.40 15.13
N ARG L 15 -18.43 33.00 14.24
CA ARG L 15 -18.91 34.13 13.44
C ARG L 15 -19.08 33.79 11.96
N LYS L 16 -20.16 34.31 11.36
CA LYS L 16 -20.56 33.97 9.98
C LYS L 16 -20.28 35.09 8.95
N LYS L 17 -19.57 34.74 7.88
CA LYS L 17 -19.17 35.71 6.88
C LYS L 17 -19.75 35.35 5.53
N SER L 18 -20.56 36.28 5.03
CA SER L 18 -21.38 36.05 3.85
C SER L 18 -20.52 36.00 2.60
N LYS L 19 -20.45 34.84 1.97
CA LYS L 19 -19.66 34.67 0.75
C LYS L 19 -20.11 35.58 -0.40
N VAL L 20 -21.18 36.33 -0.14
CA VAL L 20 -21.66 37.38 -1.03
C VAL L 20 -21.74 38.73 -0.34
N PRO L 21 -20.81 39.62 -0.67
CA PRO L 21 -20.88 40.96 -0.10
C PRO L 21 -22.01 41.78 -0.72
N ALA L 22 -21.72 42.28 -1.92
CA ALA L 22 -22.33 43.46 -2.51
C ALA L 22 -23.80 43.77 -2.14
N LEU L 23 -24.60 42.72 -2.14
CA LEU L 23 -26.03 42.86 -1.90
C LEU L 23 -26.18 43.23 -0.45
N LYS L 24 -26.14 44.52 -0.18
CA LYS L 24 -26.39 45.00 1.15
C LYS L 24 -27.75 44.45 1.57
N GLY L 25 -27.73 43.26 2.17
CA GLY L 25 -28.95 42.59 2.59
C GLY L 25 -29.75 41.98 1.45
N ALA L 26 -29.79 42.71 0.34
CA ALA L 26 -30.58 42.38 -0.85
C ALA L 26 -30.36 40.94 -1.38
N PRO L 27 -31.29 40.43 -2.26
CA PRO L 27 -31.12 39.18 -3.01
C PRO L 27 -30.72 39.43 -4.49
N PHE L 28 -31.11 40.60 -4.98
CA PHE L 28 -30.70 41.12 -6.29
C PHE L 28 -30.24 42.57 -6.09
N ARG L 29 -29.39 43.06 -6.98
CA ARG L 29 -29.10 44.50 -7.04
C ARG L 29 -28.80 44.91 -8.48
N ARG L 30 -29.51 45.92 -8.96
CA ARG L 30 -29.31 46.44 -10.32
C ARG L 30 -28.09 47.36 -10.37
N GLY L 31 -27.29 47.17 -11.41
CA GLY L 31 -26.23 48.10 -11.69
C GLY L 31 -26.16 48.28 -13.18
N VAL L 32 -25.30 49.20 -13.60
CA VAL L 32 -25.01 49.38 -15.00
C VAL L 32 -23.72 48.62 -15.29
N CYS L 33 -23.57 48.10 -16.52
CA CYS L 33 -22.33 47.43 -16.88
C CYS L 33 -21.18 48.43 -17.09
N THR L 34 -19.95 47.95 -16.88
CA THR L 34 -18.76 48.76 -17.11
C THR L 34 -17.93 48.08 -18.20
N VAL L 35 -17.35 46.93 -17.86
CA VAL L 35 -16.62 46.14 -18.84
C VAL L 35 -17.51 44.98 -19.29
N VAL L 36 -17.47 44.64 -20.56
CA VAL L 36 -18.14 43.46 -21.06
C VAL L 36 -17.06 42.63 -21.75
N ARG L 37 -16.65 41.51 -21.15
CA ARG L 37 -15.50 40.75 -21.64
C ARG L 37 -15.71 39.24 -21.50
N THR L 38 -14.66 38.50 -21.84
CA THR L 38 -14.60 37.07 -21.61
C THR L 38 -13.20 36.72 -21.09
N VAL L 39 -13.15 35.88 -20.07
CA VAL L 39 -11.89 35.46 -19.48
C VAL L 39 -11.77 33.93 -19.55
N THR L 40 -10.62 33.44 -20.01
CA THR L 40 -10.40 32.00 -20.05
C THR L 40 -10.32 31.45 -18.61
N PRO L 41 -10.70 30.18 -18.43
CA PRO L 41 -10.96 29.59 -17.10
C PRO L 41 -9.77 29.13 -16.22
N LYS L 42 -10.12 28.35 -15.19
CA LYS L 42 -9.20 27.81 -14.18
C LYS L 42 -8.31 26.70 -14.70
N LYS L 43 -8.22 25.61 -13.96
CA LYS L 43 -7.13 24.70 -14.28
C LYS L 43 -7.46 23.45 -15.10
N PRO L 44 -8.37 22.58 -14.62
CA PRO L 44 -8.57 21.43 -15.52
C PRO L 44 -9.33 21.84 -16.81
N ASN L 45 -9.86 23.07 -16.81
CA ASN L 45 -10.78 23.54 -17.84
C ASN L 45 -10.17 24.24 -19.04
N SER L 46 -11.09 24.76 -19.83
CA SER L 46 -10.81 25.37 -21.12
C SER L 46 -12.11 25.85 -21.75
N ALA L 47 -12.20 27.16 -21.97
CA ALA L 47 -13.36 27.76 -22.62
C ALA L 47 -13.05 29.18 -23.06
N LEU L 48 -13.94 30.09 -22.68
CA LEU L 48 -13.89 31.52 -23.01
C LEU L 48 -15.15 32.13 -22.42
N ARG L 49 -15.47 31.72 -21.19
CA ARG L 49 -16.70 32.10 -20.49
C ARG L 49 -16.96 33.60 -20.52
N LYS L 50 -18.23 33.97 -20.49
CA LYS L 50 -18.63 35.35 -20.80
C LYS L 50 -19.03 36.17 -19.55
N VAL L 51 -18.42 37.34 -19.38
CA VAL L 51 -18.61 38.09 -18.14
C VAL L 51 -18.73 39.61 -18.27
N ALA L 52 -19.20 40.23 -17.21
CA ALA L 52 -19.31 41.67 -17.19
C ALA L 52 -19.14 42.28 -15.81
N LYS L 53 -18.15 43.16 -15.70
CA LYS L 53 -17.90 43.94 -14.50
C LYS L 53 -18.90 45.09 -14.43
N VAL L 54 -19.67 45.12 -13.33
CA VAL L 54 -20.86 45.96 -13.24
C VAL L 54 -20.84 46.92 -12.06
N ARG L 55 -20.87 48.22 -12.32
CA ARG L 55 -21.00 49.20 -11.22
C ARG L 55 -22.37 49.03 -10.60
N LEU L 56 -22.52 49.36 -9.32
CA LEU L 56 -23.75 48.98 -8.62
C LEU L 56 -24.57 50.13 -8.04
N THR L 57 -25.61 49.75 -7.30
CA THR L 57 -26.41 50.67 -6.48
C THR L 57 -26.22 50.39 -4.98
N SER L 58 -25.14 49.67 -4.65
CA SER L 58 -24.68 49.52 -3.27
C SER L 58 -23.32 50.20 -3.13
N GLY L 59 -22.89 50.86 -4.21
CA GLY L 59 -21.60 51.54 -4.25
C GLY L 59 -20.54 50.78 -5.03
N TYR L 60 -20.56 49.45 -4.89
CA TYR L 60 -19.49 48.58 -5.38
C TYR L 60 -19.24 48.61 -6.88
N GLU L 61 -18.31 47.76 -7.31
CA GLU L 61 -17.95 47.59 -8.71
C GLU L 61 -17.61 46.13 -8.97
N VAL L 62 -18.59 45.24 -8.81
CA VAL L 62 -18.35 43.79 -8.88
C VAL L 62 -18.55 43.15 -10.26
N THR L 63 -17.84 42.05 -10.47
CA THR L 63 -17.89 41.36 -11.75
C THR L 63 -18.84 40.19 -11.68
N ALA L 64 -19.48 39.94 -12.83
CA ALA L 64 -20.67 39.10 -12.95
C ALA L 64 -20.63 38.16 -14.13
N TYR L 65 -21.14 36.95 -13.91
CA TYR L 65 -21.26 35.97 -14.96
C TYR L 65 -22.56 36.16 -15.72
N ILE L 66 -22.50 35.95 -17.04
CA ILE L 66 -23.66 35.93 -17.92
C ILE L 66 -24.10 34.48 -18.23
N PRO L 67 -25.16 33.99 -17.55
CA PRO L 67 -25.53 32.59 -17.77
C PRO L 67 -26.16 32.40 -19.14
N GLY L 68 -25.56 31.53 -19.97
CA GLY L 68 -26.21 31.19 -21.22
C GLY L 68 -25.45 31.25 -22.52
N GLU L 69 -26.17 30.92 -23.59
CA GLU L 69 -25.64 30.90 -24.93
C GLU L 69 -25.44 32.31 -25.42
N GLY L 70 -26.50 32.89 -25.97
CA GLY L 70 -26.46 34.25 -26.48
C GLY L 70 -26.63 35.29 -25.38
N HIS L 71 -26.29 36.54 -25.69
CA HIS L 71 -26.41 37.64 -24.74
C HIS L 71 -26.69 38.92 -25.54
N ASN L 72 -27.00 40.01 -24.86
CA ASN L 72 -27.20 41.30 -25.54
C ASN L 72 -26.46 42.46 -24.87
N LEU L 73 -25.48 42.14 -24.03
CA LEU L 73 -24.90 43.09 -23.09
C LEU L 73 -23.85 44.03 -23.66
N GLN L 74 -24.18 45.32 -23.60
CA GLN L 74 -23.29 46.37 -24.04
C GLN L 74 -22.89 47.20 -22.83
N GLU L 75 -22.00 48.16 -23.05
CA GLU L 75 -21.36 48.90 -21.96
C GLU L 75 -22.33 49.64 -21.02
N HIS L 76 -23.58 49.86 -21.43
CA HIS L 76 -24.50 50.64 -20.59
C HIS L 76 -25.85 49.96 -20.34
N SER L 77 -25.94 48.69 -20.68
CA SER L 77 -27.13 47.91 -20.41
C SER L 77 -27.35 47.72 -18.91
N VAL L 78 -28.45 48.24 -18.38
CA VAL L 78 -28.85 47.96 -17.00
C VAL L 78 -28.92 46.45 -16.77
N VAL L 79 -28.71 45.99 -15.55
CA VAL L 79 -28.83 44.55 -15.28
C VAL L 79 -29.44 44.18 -13.93
N LEU L 80 -29.42 42.89 -13.63
CA LEU L 80 -29.82 42.39 -12.31
C LEU L 80 -28.93 41.23 -11.85
N ILE L 81 -28.62 41.22 -10.53
CA ILE L 81 -27.54 40.38 -9.97
C ILE L 81 -27.88 39.53 -8.75
N ARG L 82 -27.70 38.22 -8.88
CA ARG L 82 -28.06 37.26 -7.83
C ARG L 82 -26.82 36.50 -7.40
N GLY L 83 -26.91 35.78 -6.28
CA GLY L 83 -25.81 34.97 -5.77
C GLY L 83 -25.32 33.85 -6.66
N GLY L 84 -24.60 32.89 -6.08
CA GLY L 84 -24.14 31.72 -6.81
C GLY L 84 -22.85 31.89 -7.60
N ARG L 85 -21.74 31.56 -6.95
CA ARG L 85 -20.37 31.72 -7.46
C ARG L 85 -20.02 30.79 -8.68
N VAL L 86 -18.74 30.73 -9.08
CA VAL L 86 -18.24 29.96 -10.23
C VAL L 86 -16.90 29.20 -9.99
N LYS L 87 -16.94 27.87 -9.86
CA LYS L 87 -15.74 27.06 -9.55
C LYS L 87 -14.80 26.97 -10.74
N ASP L 88 -15.07 27.77 -11.76
CA ASP L 88 -14.15 27.81 -12.87
C ASP L 88 -13.42 29.12 -12.94
N LEU L 89 -14.07 30.18 -12.50
CA LEU L 89 -13.43 31.48 -12.57
C LEU L 89 -13.48 32.25 -11.25
N PRO L 90 -12.32 32.78 -10.86
CA PRO L 90 -12.08 33.39 -9.56
C PRO L 90 -12.30 34.89 -9.63
N GLY L 91 -12.92 35.44 -8.59
CA GLY L 91 -13.26 36.84 -8.59
C GLY L 91 -14.68 37.08 -9.07
N VAL L 92 -15.33 36.03 -9.61
CA VAL L 92 -16.73 36.10 -10.01
C VAL L 92 -17.55 35.22 -9.09
N ARG L 93 -18.56 35.81 -8.47
CA ARG L 93 -19.22 35.16 -7.36
C ARG L 93 -20.70 35.42 -7.36
N TYR L 94 -21.14 36.30 -8.26
CA TYR L 94 -22.57 36.52 -8.53
C TYR L 94 -22.89 36.44 -10.04
N HIS L 95 -24.10 36.02 -10.38
CA HIS L 95 -24.52 35.93 -11.78
C HIS L 95 -25.39 37.12 -12.17
N ILE L 96 -25.76 37.19 -13.45
CA ILE L 96 -26.77 38.15 -13.94
C ILE L 96 -28.07 37.44 -14.40
N VAL L 97 -29.21 37.85 -13.84
CA VAL L 97 -30.48 37.19 -14.13
C VAL L 97 -30.84 37.51 -15.56
N ARG L 98 -31.12 36.48 -16.35
CA ARG L 98 -31.54 36.72 -17.72
C ARG L 98 -32.95 37.25 -17.73
N GLY L 99 -33.19 38.23 -18.59
CA GLY L 99 -34.56 38.61 -18.90
C GLY L 99 -35.10 39.83 -18.20
N VAL L 100 -34.50 40.21 -17.08
CA VAL L 100 -34.90 41.45 -16.44
C VAL L 100 -34.01 42.58 -16.87
N TYR L 101 -34.64 43.73 -17.09
CA TYR L 101 -33.97 44.95 -17.54
C TYR L 101 -33.26 44.72 -18.89
N ASP L 102 -32.45 45.68 -19.32
CA ASP L 102 -31.74 45.55 -20.58
C ASP L 102 -30.81 44.33 -20.65
N ALA L 103 -31.36 43.18 -20.29
CA ALA L 103 -30.68 41.92 -20.34
C ALA L 103 -31.61 40.97 -21.09
N ALA L 104 -31.05 40.18 -22.01
CA ALA L 104 -31.87 39.29 -22.82
C ALA L 104 -32.33 38.04 -22.08
N GLY L 105 -33.42 37.45 -22.59
CA GLY L 105 -33.78 36.07 -22.32
C GLY L 105 -33.17 35.33 -23.48
N VAL L 106 -32.78 34.08 -23.29
CA VAL L 106 -32.16 33.33 -24.37
C VAL L 106 -33.22 32.70 -25.26
N LYS L 107 -33.13 32.99 -26.56
CA LYS L 107 -34.02 32.41 -27.55
C LYS L 107 -33.57 30.96 -27.75
N ASP L 108 -34.47 30.14 -28.30
CA ASP L 108 -34.19 28.71 -28.56
C ASP L 108 -34.05 27.84 -27.29
N ARG L 109 -34.88 28.12 -26.30
CA ARG L 109 -34.81 27.42 -25.03
C ARG L 109 -36.14 26.74 -24.72
N LYS L 110 -36.17 25.41 -24.78
CA LYS L 110 -37.40 24.69 -24.49
C LYS L 110 -37.50 24.21 -23.01
N LYS L 111 -36.40 23.65 -22.52
CA LYS L 111 -36.32 22.91 -21.26
C LYS L 111 -36.13 23.76 -19.99
N SER L 112 -34.88 23.89 -19.54
CA SER L 112 -34.57 24.77 -18.43
C SER L 112 -35.01 26.16 -18.90
N ARG L 113 -36.07 26.69 -18.34
CA ARG L 113 -36.50 27.98 -18.83
C ARG L 113 -36.60 29.04 -17.76
N SER L 114 -37.42 28.79 -16.73
CA SER L 114 -37.74 29.81 -15.72
C SER L 114 -36.52 30.59 -15.23
N LYS L 115 -35.35 29.93 -15.22
CA LYS L 115 -34.09 30.58 -14.88
C LYS L 115 -33.71 31.57 -15.96
N TYR L 116 -33.93 31.16 -17.21
CA TYR L 116 -33.38 31.83 -18.39
C TYR L 116 -34.31 32.90 -18.97
N GLY L 117 -35.40 33.19 -18.27
CA GLY L 117 -36.24 34.34 -18.56
C GLY L 117 -36.96 34.27 -19.89
N THR L 118 -36.92 33.07 -20.45
CA THR L 118 -37.54 32.69 -21.73
C THR L 118 -38.94 32.13 -21.50
N LYS L 119 -39.93 32.68 -22.21
CA LYS L 119 -41.33 32.29 -22.01
C LYS L 119 -41.70 30.92 -22.65
N LYS L 120 -42.98 30.68 -22.97
CA LYS L 120 -43.38 29.42 -23.63
C LYS L 120 -43.64 29.60 -25.14
N PRO L 121 -43.00 28.75 -25.99
CA PRO L 121 -43.14 28.81 -27.45
C PRO L 121 -44.09 27.76 -28.08
N LYS L 122 -45.35 27.67 -27.67
CA LYS L 122 -46.31 26.73 -28.25
C LYS L 122 -47.02 27.34 -29.45
N GLU L 123 -47.52 26.45 -30.31
CA GLU L 123 -47.60 26.63 -31.75
C GLU L 123 -46.19 26.36 -32.27
N ALA L 124 -45.59 25.27 -31.78
CA ALA L 124 -44.19 24.95 -32.05
C ALA L 124 -43.98 23.98 -33.21
N ALA M 1 63.92 -7.12 -72.23
CA ALA M 1 64.33 -6.29 -73.37
C ALA M 1 63.37 -5.12 -73.59
N ARG M 2 63.08 -4.82 -74.84
CA ARG M 2 62.13 -3.75 -75.13
C ARG M 2 61.15 -4.16 -76.23
N ILE M 3 59.88 -3.89 -75.99
CA ILE M 3 58.80 -4.23 -76.91
C ILE M 3 57.67 -3.25 -76.75
N ALA M 4 56.80 -3.18 -77.75
CA ALA M 4 55.60 -2.33 -77.72
C ALA M 4 55.87 -0.84 -77.40
N GLY M 5 57.15 -0.48 -77.33
CA GLY M 5 57.55 0.86 -76.96
C GLY M 5 57.89 0.98 -75.48
N VAL M 6 58.00 -0.17 -74.80
CA VAL M 6 58.28 -0.20 -73.36
C VAL M 6 59.39 -1.21 -73.01
N GLU M 7 60.28 -0.84 -72.07
CA GLU M 7 61.30 -1.74 -71.56
C GLU M 7 60.72 -2.64 -70.48
N ILE M 8 60.52 -3.90 -70.83
CA ILE M 8 59.90 -4.88 -69.95
C ILE M 8 60.82 -5.27 -68.78
N PRO M 9 60.21 -5.61 -67.63
CA PRO M 9 60.96 -6.02 -66.43
C PRO M 9 61.98 -7.12 -66.66
N ARG M 10 63.25 -6.73 -66.85
CA ARG M 10 64.39 -7.64 -66.85
C ARG M 10 64.42 -8.40 -65.52
N ASN M 11 65.32 -9.37 -65.36
CA ASN M 11 65.40 -10.19 -64.14
C ASN M 11 64.15 -11.03 -63.79
N LYS M 12 62.99 -10.67 -64.33
CA LYS M 12 61.71 -11.36 -64.08
C LYS M 12 61.31 -12.39 -65.17
N ARG M 13 60.39 -13.29 -64.81
CA ARG M 13 59.86 -14.30 -65.73
C ARG M 13 59.25 -13.62 -66.97
N VAL M 14 59.26 -14.34 -68.09
CA VAL M 14 58.77 -13.78 -69.35
C VAL M 14 57.29 -13.45 -69.29
N ASP M 15 56.51 -14.46 -68.93
CA ASP M 15 55.05 -14.37 -68.89
C ASP M 15 54.54 -13.20 -68.05
N VAL M 16 55.10 -13.05 -66.86
CA VAL M 16 54.73 -11.95 -65.99
C VAL M 16 55.10 -10.65 -66.71
N ALA M 17 56.33 -10.60 -67.24
CA ALA M 17 56.92 -9.37 -67.78
C ALA M 17 56.16 -8.72 -68.93
N LEU M 18 55.30 -9.48 -69.60
CA LEU M 18 54.55 -8.96 -70.73
C LEU M 18 53.20 -8.37 -70.32
N THR M 19 52.70 -8.77 -69.14
CA THR M 19 51.49 -8.17 -68.55
C THR M 19 51.69 -6.68 -68.44
N TYR M 20 52.95 -6.33 -68.20
CA TYR M 20 53.43 -4.98 -67.94
C TYR M 20 53.37 -4.11 -69.21
N ILE M 21 52.52 -4.52 -70.16
CA ILE M 21 52.23 -3.69 -71.31
C ILE M 21 50.73 -3.42 -71.32
N TYR M 22 50.32 -2.36 -72.02
CA TYR M 22 48.90 -1.93 -72.04
C TYR M 22 48.06 -2.70 -73.08
N GLY M 23 48.69 -3.64 -73.78
CA GLY M 23 47.95 -4.48 -74.70
C GLY M 23 47.84 -5.91 -74.24
N ILE M 24 48.48 -6.26 -73.13
CA ILE M 24 48.58 -7.66 -72.73
C ILE M 24 48.19 -7.95 -71.28
N GLY M 25 47.47 -9.06 -71.10
CA GLY M 25 47.19 -9.60 -69.80
C GLY M 25 47.73 -11.02 -69.64
N LYS M 26 47.15 -11.76 -68.68
CA LYS M 26 47.65 -13.07 -68.29
C LYS M 26 47.64 -14.05 -69.45
N ALA M 27 46.59 -13.94 -70.26
CA ALA M 27 46.30 -14.90 -71.33
C ALA M 27 47.03 -14.56 -72.62
N ARG M 28 46.73 -13.39 -73.20
CA ARG M 28 47.35 -12.93 -74.45
C ARG M 28 48.89 -13.07 -74.40
N ALA M 29 49.42 -13.13 -73.18
CA ALA M 29 50.83 -13.35 -72.93
C ALA M 29 51.24 -14.81 -73.17
N LYS M 30 50.85 -15.69 -72.24
CA LYS M 30 51.32 -17.08 -72.24
C LYS M 30 50.93 -17.82 -73.52
N GLU M 31 50.18 -17.13 -74.38
CA GLU M 31 49.78 -17.60 -75.71
C GLU M 31 50.72 -17.03 -76.77
N ALA M 32 51.45 -16.00 -76.41
CA ALA M 32 52.49 -15.50 -77.28
C ALA M 32 53.82 -16.18 -76.96
N LEU M 33 53.80 -17.09 -75.99
CA LEU M 33 54.95 -17.97 -75.78
C LEU M 33 54.66 -19.35 -76.32
N GLU M 34 53.37 -19.64 -76.43
CA GLU M 34 52.87 -20.76 -77.22
C GLU M 34 53.33 -20.47 -78.65
N LYS M 35 52.84 -19.36 -79.21
CA LYS M 35 53.01 -19.03 -80.62
C LYS M 35 54.37 -18.42 -81.03
N THR M 36 55.34 -18.44 -80.10
CA THR M 36 56.76 -18.20 -80.41
C THR M 36 57.69 -19.17 -79.68
N GLY M 37 57.08 -20.16 -79.01
CA GLY M 37 57.80 -21.32 -78.50
C GLY M 37 59.12 -21.07 -77.78
N ILE M 38 59.08 -20.21 -76.79
CA ILE M 38 60.21 -20.05 -75.92
C ILE M 38 59.71 -20.38 -74.53
N ASN M 39 60.52 -21.09 -73.75
CA ASN M 39 60.17 -21.49 -72.37
C ASN M 39 59.72 -20.32 -71.49
N PRO M 40 58.41 -20.25 -71.17
CA PRO M 40 57.87 -19.13 -70.36
C PRO M 40 58.47 -19.05 -68.95
N ALA M 41 59.01 -20.17 -68.47
CA ALA M 41 59.55 -20.29 -67.11
C ALA M 41 60.79 -19.43 -66.89
N THR M 42 61.60 -19.29 -67.93
CA THR M 42 62.87 -18.58 -67.78
C THR M 42 62.71 -17.06 -67.71
N ARG M 43 63.84 -16.40 -67.50
CA ARG M 43 63.90 -14.98 -67.24
C ARG M 43 64.05 -14.17 -68.53
N VAL M 44 63.63 -12.91 -68.49
CA VAL M 44 63.81 -11.94 -69.59
C VAL M 44 65.29 -11.58 -69.84
N LYS M 45 66.14 -11.81 -68.83
CA LYS M 45 67.56 -11.47 -68.89
C LYS M 45 68.47 -12.56 -69.54
N ASP M 46 67.93 -13.76 -69.71
CA ASP M 46 68.71 -14.94 -70.13
C ASP M 46 68.46 -15.41 -71.57
N LEU M 47 67.57 -14.71 -72.27
CA LEU M 47 67.22 -15.01 -73.66
C LEU M 47 68.39 -15.14 -74.63
N THR M 48 68.05 -15.30 -75.90
CA THR M 48 68.98 -15.01 -76.96
C THR M 48 68.46 -13.71 -77.55
N GLU M 49 69.28 -13.05 -78.35
CA GLU M 49 68.80 -11.96 -79.18
C GLU M 49 67.92 -12.56 -80.26
N ALA M 50 68.29 -13.75 -80.74
CA ALA M 50 67.49 -14.52 -81.68
C ALA M 50 66.05 -14.63 -81.18
N GLU M 51 65.91 -15.08 -79.93
CA GLU M 51 64.61 -15.27 -79.29
C GLU M 51 63.96 -13.97 -78.83
N VAL M 52 64.68 -12.87 -78.98
CA VAL M 52 64.13 -11.55 -78.69
C VAL M 52 63.22 -11.10 -79.84
N VAL M 53 63.81 -10.92 -81.02
CA VAL M 53 63.07 -10.41 -82.18
C VAL M 53 61.81 -11.23 -82.40
N ARG M 54 61.96 -12.54 -82.26
CA ARG M 54 60.91 -13.48 -82.63
C ARG M 54 59.62 -13.27 -81.83
N LEU M 55 59.73 -12.65 -80.67
CA LEU M 55 58.54 -12.34 -79.92
C LEU M 55 58.16 -10.90 -80.21
N ARG M 56 59.15 -10.11 -80.64
CA ARG M 56 58.94 -8.70 -80.93
C ARG M 56 57.94 -8.48 -82.08
N GLU M 57 58.16 -9.17 -83.20
CA GLU M 57 57.32 -8.99 -84.39
C GLU M 57 55.89 -9.43 -84.13
N TYR M 58 55.76 -10.65 -83.62
CA TYR M 58 54.47 -11.25 -83.34
C TYR M 58 53.65 -10.39 -82.39
N VAL M 59 54.26 -10.03 -81.26
CA VAL M 59 53.59 -9.22 -80.26
C VAL M 59 53.19 -7.86 -80.82
N GLU M 60 54.14 -7.18 -81.45
CA GLU M 60 53.88 -5.83 -81.96
C GLU M 60 52.86 -5.83 -83.10
N ASN M 61 53.13 -6.58 -84.16
CA ASN M 61 52.31 -6.48 -85.37
C ASN M 61 50.86 -6.97 -85.21
N THR M 62 50.66 -8.08 -84.51
CA THR M 62 49.35 -8.73 -84.44
C THR M 62 48.28 -7.90 -83.71
N TRP M 63 48.36 -7.91 -82.37
CA TRP M 63 47.41 -7.19 -81.50
C TRP M 63 47.51 -5.67 -81.68
N LYS M 64 46.60 -4.95 -81.03
CA LYS M 64 46.81 -3.51 -80.83
C LYS M 64 47.11 -3.31 -79.34
N LEU M 65 48.20 -2.60 -79.04
CA LEU M 65 48.70 -2.44 -77.68
C LEU M 65 49.03 -0.98 -77.33
N GLU M 66 49.61 -0.80 -76.15
CA GLU M 66 50.15 0.48 -75.68
C GLU M 66 49.42 1.74 -76.13
N GLY M 67 50.20 2.76 -76.47
CA GLY M 67 49.68 4.09 -76.79
C GLY M 67 48.49 4.08 -77.71
N GLU M 68 48.46 3.15 -78.63
CA GLU M 68 47.38 3.08 -79.60
C GLU M 68 46.08 2.61 -78.97
N LEU M 69 46.18 1.84 -77.88
CA LEU M 69 44.98 1.21 -77.34
C LEU M 69 44.22 2.06 -76.33
N ARG M 70 44.92 2.70 -75.41
CA ARG M 70 44.24 3.67 -74.55
C ARG M 70 43.76 4.79 -75.46
N ALA M 71 44.53 5.07 -76.50
CA ALA M 71 44.09 6.03 -77.51
C ALA M 71 42.77 5.61 -78.16
N GLU M 72 42.70 4.36 -78.62
CA GLU M 72 41.46 3.88 -79.21
C GLU M 72 40.34 3.89 -78.17
N VAL M 73 40.64 3.36 -76.99
CA VAL M 73 39.64 3.32 -75.93
C VAL M 73 39.26 4.73 -75.47
N ALA M 74 40.24 5.62 -75.28
CA ALA M 74 39.94 7.02 -74.90
C ALA M 74 39.29 7.80 -76.04
N ALA M 75 39.12 7.14 -77.19
CA ALA M 75 38.36 7.67 -78.30
C ALA M 75 37.01 6.97 -78.35
N ASN M 76 37.03 5.66 -78.20
CA ASN M 76 35.81 4.84 -78.28
C ASN M 76 34.72 5.31 -77.29
N ILE M 77 35.15 6.02 -76.25
CA ILE M 77 34.25 6.60 -75.28
C ILE M 77 33.91 8.02 -75.72
N LYS M 78 34.94 8.69 -76.23
CA LYS M 78 34.84 10.02 -76.79
C LYS M 78 33.75 9.90 -77.85
N ARG M 79 33.70 8.73 -78.47
CA ARG M 79 32.58 8.33 -79.30
C ARG M 79 31.32 8.43 -78.45
N LEU M 80 31.19 7.54 -77.49
CA LEU M 80 29.95 7.40 -76.73
C LEU M 80 29.54 8.69 -76.05
N MET M 81 30.48 9.63 -75.97
CA MET M 81 30.20 10.98 -75.52
C MET M 81 29.18 11.67 -76.45
N ASP M 82 29.67 12.32 -77.52
CA ASP M 82 28.82 13.18 -78.36
C ASP M 82 27.56 12.50 -78.90
N ILE M 83 27.50 11.17 -78.77
CA ILE M 83 26.36 10.36 -79.22
C ILE M 83 25.02 10.86 -78.66
N GLY M 84 25.03 11.35 -77.44
CA GLY M 84 23.83 11.85 -76.77
C GLY M 84 23.22 10.78 -75.89
N CYS M 85 23.81 9.59 -75.98
CA CYS M 85 23.26 8.41 -75.33
C CYS M 85 23.44 8.41 -73.82
N TYR M 86 22.83 7.41 -73.18
CA TYR M 86 22.86 7.22 -71.73
C TYR M 86 24.30 7.11 -71.24
N ARG M 87 25.02 6.16 -71.81
CA ARG M 87 26.36 5.79 -71.35
C ARG M 87 27.36 6.93 -71.42
N GLY M 88 27.26 7.76 -72.46
CA GLY M 88 28.17 8.88 -72.62
C GLY M 88 28.01 9.97 -71.57
N LEU M 89 26.76 10.19 -71.17
CA LEU M 89 26.42 11.22 -70.19
C LEU M 89 27.02 10.86 -68.84
N ARG M 90 27.35 9.58 -68.69
CA ARG M 90 27.94 9.09 -67.46
C ARG M 90 29.47 9.26 -67.45
N HIS M 91 30.13 8.92 -68.55
CA HIS M 91 31.59 9.01 -68.64
C HIS M 91 32.06 10.46 -68.50
N ARG M 92 31.09 11.34 -68.74
CA ARG M 92 31.24 12.79 -68.64
C ARG M 92 31.12 13.26 -67.19
N ARG M 93 29.98 12.93 -66.58
CA ARG M 93 29.72 13.31 -65.20
C ARG M 93 30.48 12.44 -64.20
N GLY M 94 31.15 11.41 -64.71
CA GLY M 94 31.93 10.52 -63.88
C GLY M 94 31.09 9.70 -62.91
N LEU M 95 29.86 9.37 -63.32
CA LEU M 95 29.06 8.40 -62.61
C LEU M 95 29.24 7.05 -63.27
N PRO M 96 29.14 5.96 -62.49
CA PRO M 96 29.19 4.62 -63.08
C PRO M 96 28.25 4.49 -64.29
N VAL M 97 28.66 3.65 -65.23
CA VAL M 97 27.99 3.48 -66.50
C VAL M 97 27.29 2.11 -66.53
N ARG M 98 27.78 1.19 -65.71
CA ARG M 98 27.26 -0.17 -65.71
C ARG M 98 26.10 -0.35 -64.73
N GLY M 99 25.36 0.73 -64.52
CA GLY M 99 24.07 0.69 -63.86
C GLY M 99 24.04 0.43 -62.36
N GLN M 100 25.21 0.27 -61.75
CA GLN M 100 25.31 0.03 -60.30
C GLN M 100 24.55 1.10 -59.50
N ARG M 101 24.12 0.74 -58.28
CA ARG M 101 23.42 1.70 -57.42
C ARG M 101 24.33 2.87 -57.11
N THR M 102 23.75 4.02 -56.76
CA THR M 102 24.58 5.21 -56.59
C THR M 102 24.28 6.02 -55.34
N ARG M 103 23.29 5.58 -54.57
CA ARG M 103 22.99 6.21 -53.28
C ARG M 103 24.21 6.07 -52.39
N THR M 104 24.30 4.91 -51.75
CA THR M 104 25.49 4.51 -51.03
C THR M 104 26.58 4.17 -52.01
N ASN M 105 27.81 4.08 -51.54
CA ASN M 105 28.91 3.49 -52.32
C ASN M 105 29.07 4.04 -53.73
N ALA M 106 29.74 3.26 -54.58
CA ALA M 106 30.14 3.65 -55.95
C ALA M 106 31.30 4.64 -55.98
N ARG M 107 32.30 4.38 -55.17
CA ARG M 107 33.37 5.34 -54.90
C ARG M 107 34.38 5.49 -56.02
N THR M 108 35.09 4.41 -56.36
CA THR M 108 36.25 4.52 -57.26
C THR M 108 35.92 5.20 -58.59
N ARG M 109 34.64 5.29 -58.89
CA ARG M 109 34.19 5.91 -60.13
C ARG M 109 33.89 7.40 -59.93
N LYS M 110 33.60 7.84 -58.71
CA LYS M 110 33.27 9.25 -58.47
C LYS M 110 34.47 10.07 -57.97
N GLY M 111 35.46 9.38 -57.41
CA GLY M 111 36.57 10.02 -56.72
C GLY M 111 36.47 9.65 -55.26
N PRO M 112 37.00 10.50 -54.38
CA PRO M 112 36.83 10.25 -52.94
C PRO M 112 35.51 10.82 -52.42
N ARG M 113 35.31 10.82 -51.11
CA ARG M 113 34.03 11.22 -50.51
C ARG M 113 33.98 12.71 -50.10
N LYS M 114 33.24 13.52 -50.84
CA LYS M 114 33.11 14.96 -50.57
C LYS M 114 31.96 15.29 -49.61
N THR M 115 32.29 15.55 -48.33
CA THR M 115 31.28 15.59 -47.26
C THR M 115 30.55 16.92 -47.04
N VAL M 116 29.24 16.81 -46.79
CA VAL M 116 28.34 17.93 -46.63
C VAL M 116 27.73 17.98 -45.23
N ALA M 117 26.52 18.52 -45.14
CA ALA M 117 25.84 18.73 -43.85
C ALA M 117 24.36 18.35 -43.90
N GLY M 118 23.95 17.40 -43.07
CA GLY M 118 22.54 17.00 -42.96
C GLY M 118 21.69 18.07 -42.30
N LYS M 119 20.59 17.68 -41.67
CA LYS M 119 19.69 18.68 -41.07
C LYS M 119 18.94 18.28 -39.75
N ALA N 1 -4.25 -8.43 -52.00
CA ALA N 1 -5.62 -8.75 -52.39
C ALA N 1 -6.51 -7.51 -52.63
N ARG N 2 -6.49 -7.02 -53.88
CA ARG N 2 -7.36 -5.92 -54.33
C ARG N 2 -8.57 -6.46 -55.12
N LYS N 3 -8.90 -7.72 -54.86
CA LYS N 3 -9.98 -8.46 -55.53
C LYS N 3 -9.75 -8.68 -57.03
N ALA N 4 -9.64 -7.59 -57.78
CA ALA N 4 -9.42 -7.65 -59.22
C ALA N 4 -7.99 -8.07 -59.53
N LEU N 5 -7.16 -8.04 -58.49
CA LEU N 5 -5.75 -8.33 -58.65
C LEU N 5 -5.37 -9.75 -58.25
N ILE N 6 -6.38 -10.52 -57.85
CA ILE N 6 -6.29 -11.99 -57.77
C ILE N 6 -6.58 -12.49 -59.19
N GLU N 7 -7.38 -11.68 -59.89
CA GLU N 7 -7.94 -11.99 -61.19
C GLU N 7 -6.97 -11.67 -62.32
N LYS N 8 -6.13 -10.66 -62.12
CA LYS N 8 -5.08 -10.38 -63.09
C LYS N 8 -4.01 -11.49 -63.05
N ALA N 9 -4.13 -12.41 -62.10
CA ALA N 9 -3.20 -13.53 -61.95
C ALA N 9 -3.88 -14.89 -62.08
N LYS N 10 -5.21 -14.89 -61.97
CA LYS N 10 -6.02 -16.08 -62.27
C LYS N 10 -6.00 -16.40 -63.76
N ARG N 11 -6.66 -15.57 -64.57
CA ARG N 11 -6.67 -15.73 -66.04
C ARG N 11 -5.26 -15.81 -66.63
N THR N 12 -5.14 -16.38 -67.83
CA THR N 12 -3.84 -16.48 -68.50
C THR N 12 -3.54 -15.16 -69.24
N PRO N 13 -2.25 -14.79 -69.33
CA PRO N 13 -1.82 -13.42 -69.67
C PRO N 13 -1.41 -13.27 -71.12
N LYS N 14 -1.02 -12.06 -71.50
CA LYS N 14 -0.57 -11.80 -72.86
C LYS N 14 0.60 -12.70 -73.27
N PHE N 15 1.63 -12.77 -72.42
CA PHE N 15 2.83 -13.56 -72.67
C PHE N 15 3.07 -14.39 -71.44
N LYS N 16 3.84 -15.47 -71.56
CA LYS N 16 3.96 -16.44 -70.46
C LYS N 16 4.84 -16.01 -69.26
N VAL N 17 5.57 -14.89 -69.41
CA VAL N 17 6.47 -14.39 -68.37
C VAL N 17 5.74 -13.87 -67.15
N ARG N 18 4.52 -13.39 -67.40
CA ARG N 18 3.75 -12.67 -66.39
C ARG N 18 3.06 -13.62 -65.39
N ALA N 19 3.49 -14.87 -65.38
CA ALA N 19 2.83 -15.96 -64.64
C ALA N 19 3.09 -16.05 -63.13
N TYR N 20 2.74 -15.02 -62.37
CA TYR N 20 3.10 -14.99 -60.96
C TYR N 20 2.02 -15.60 -60.10
N THR N 21 2.35 -16.53 -59.19
CA THR N 21 1.30 -17.15 -58.34
C THR N 21 0.62 -16.18 -57.37
N ARG N 22 -0.24 -16.74 -56.52
CA ARG N 22 -0.86 -16.02 -55.40
C ARG N 22 -1.54 -17.00 -54.45
N CYS N 23 -1.99 -16.49 -53.32
CA CYS N 23 -2.61 -17.32 -52.31
C CYS N 23 -4.07 -17.50 -52.65
N VAL N 24 -4.51 -18.75 -52.61
CA VAL N 24 -5.92 -19.09 -52.78
C VAL N 24 -6.75 -18.55 -51.61
N ARG N 25 -6.11 -18.56 -50.45
CA ARG N 25 -6.80 -18.27 -49.20
C ARG N 25 -6.82 -16.78 -48.80
N CYS N 26 -5.93 -15.97 -49.38
CA CYS N 26 -5.92 -14.54 -49.01
C CYS N 26 -5.43 -13.53 -50.05
N GLY N 27 -4.67 -13.98 -51.04
CA GLY N 27 -4.29 -13.08 -52.11
C GLY N 27 -3.16 -12.15 -51.74
N ARG N 28 -2.14 -12.74 -51.13
CA ARG N 28 -0.83 -12.11 -50.98
C ARG N 28 0.17 -12.97 -51.74
N ALA N 29 0.75 -12.44 -52.82
CA ALA N 29 1.69 -13.20 -53.66
C ALA N 29 3.16 -12.91 -53.34
N ARG N 30 3.34 -12.26 -52.19
CA ARG N 30 4.64 -11.75 -51.72
C ARG N 30 5.59 -12.85 -51.25
N SER N 31 5.07 -13.82 -50.51
CA SER N 31 5.87 -14.98 -50.12
C SER N 31 5.04 -16.25 -50.22
N VAL N 32 5.02 -16.87 -51.41
CA VAL N 32 4.15 -18.00 -51.68
C VAL N 32 4.89 -19.29 -52.07
N TYR N 33 4.52 -20.39 -51.41
CA TYR N 33 5.07 -21.71 -51.71
C TYR N 33 4.28 -22.44 -52.80
N ARG N 34 4.79 -22.44 -54.03
CA ARG N 34 4.22 -23.31 -55.05
C ARG N 34 4.46 -24.77 -54.63
N PHE N 35 3.72 -25.16 -53.59
CA PHE N 35 3.51 -26.54 -53.20
C PHE N 35 2.25 -26.54 -52.34
N PHE N 36 1.89 -25.36 -51.88
CA PHE N 36 0.68 -25.22 -51.10
C PHE N 36 -0.27 -24.25 -51.78
N GLY N 37 0.25 -23.55 -52.79
CA GLY N 37 -0.50 -22.47 -53.41
C GLY N 37 -0.89 -21.48 -52.33
N LEU N 38 -0.02 -21.41 -51.31
CA LEU N 38 -0.26 -20.70 -50.06
C LEU N 38 0.99 -19.91 -49.62
N CYS N 39 0.79 -18.90 -48.79
CA CYS N 39 1.91 -18.16 -48.24
C CYS N 39 2.32 -18.68 -46.88
N ARG N 40 3.23 -17.94 -46.26
CA ARG N 40 3.76 -18.27 -44.93
C ARG N 40 2.78 -17.96 -43.78
N ILE N 41 2.03 -16.87 -43.89
CA ILE N 41 1.05 -16.54 -42.86
C ILE N 41 0.03 -17.66 -42.83
N CYS N 42 -0.52 -17.94 -44.01
CA CYS N 42 -1.55 -18.93 -44.18
C CYS N 42 -1.08 -20.29 -43.69
N LEU N 43 0.04 -20.70 -44.27
CA LEU N 43 0.53 -22.06 -44.12
C LEU N 43 0.62 -22.44 -42.65
N ARG N 44 1.14 -21.54 -41.84
CA ARG N 44 1.09 -21.77 -40.40
C ARG N 44 -0.39 -21.79 -40.01
N GLU N 45 -1.02 -20.62 -40.03
CA GLU N 45 -2.40 -20.40 -39.60
C GLU N 45 -3.25 -21.64 -39.75
N LEU N 46 -3.15 -22.22 -40.93
CA LEU N 46 -3.81 -23.48 -41.25
C LEU N 46 -3.11 -24.66 -40.61
N ALA N 47 -1.80 -24.75 -40.76
CA ALA N 47 -1.06 -25.93 -40.28
C ALA N 47 -1.31 -26.07 -38.81
N HIS N 48 -1.58 -24.94 -38.16
CA HIS N 48 -1.87 -24.87 -36.73
C HIS N 48 -3.25 -25.45 -36.37
N LYS N 49 -4.02 -25.83 -37.39
CA LYS N 49 -5.30 -26.52 -37.20
C LYS N 49 -5.22 -27.95 -37.72
N GLY N 50 -4.06 -28.33 -38.25
CA GLY N 50 -3.84 -29.67 -38.76
C GLY N 50 -4.60 -29.93 -40.04
N GLN N 51 -5.03 -28.85 -40.68
CA GLN N 51 -5.82 -28.92 -41.92
C GLN N 51 -4.95 -29.17 -43.17
N LEU N 52 -3.64 -29.28 -42.99
CA LEU N 52 -2.75 -29.72 -44.06
C LEU N 52 -2.08 -31.02 -43.68
N PRO N 53 -2.44 -32.11 -44.36
CA PRO N 53 -2.06 -33.48 -43.98
C PRO N 53 -0.57 -33.66 -44.00
N GLY N 54 -0.08 -34.32 -42.95
CA GLY N 54 1.32 -34.69 -42.84
C GLY N 54 2.20 -33.52 -42.45
N VAL N 55 1.62 -32.32 -42.41
CA VAL N 55 2.39 -31.14 -42.02
C VAL N 55 2.55 -31.15 -40.50
N ARG N 56 3.75 -31.56 -40.06
CA ARG N 56 4.04 -31.78 -38.65
C ARG N 56 4.68 -30.50 -38.16
N LYS N 57 4.92 -30.41 -36.86
CA LYS N 57 5.71 -29.30 -36.33
C LYS N 57 7.11 -29.83 -36.07
N ALA N 58 8.12 -29.09 -36.54
CA ALA N 58 9.48 -29.62 -36.64
C ALA N 58 10.42 -29.30 -35.49
N SER N 59 11.40 -30.18 -35.35
CA SER N 59 12.32 -30.12 -34.24
C SER N 59 13.42 -31.16 -34.45
N TRP N 60 14.67 -30.71 -34.29
CA TRP N 60 15.84 -31.59 -34.23
C TRP N 60 17.04 -30.91 -33.58
N PRO O 1 28.18 26.66 57.16
CA PRO O 1 26.73 26.52 57.06
C PRO O 1 26.03 26.70 58.42
N ILE O 2 25.60 25.59 59.04
CA ILE O 2 25.08 25.59 60.41
C ILE O 2 25.51 24.22 61.02
N THR O 3 25.62 24.13 62.35
CA THR O 3 25.73 22.83 63.05
C THR O 3 24.68 22.64 64.15
N LYS O 4 24.68 21.45 64.74
CA LYS O 4 23.60 20.98 65.61
C LYS O 4 23.28 21.95 66.75
N GLU O 5 24.32 22.50 67.36
CA GLU O 5 24.25 23.18 68.66
C GLU O 5 23.72 24.60 68.54
N GLU O 6 24.09 25.26 67.44
CA GLU O 6 23.51 26.55 67.12
C GLU O 6 22.07 26.31 66.75
N LYS O 7 21.80 25.21 66.06
CA LYS O 7 20.42 24.83 65.78
C LYS O 7 19.75 24.66 67.13
N GLN O 8 20.22 23.70 67.93
CA GLN O 8 19.72 23.48 69.27
C GLN O 8 19.22 24.78 69.88
N LYS O 9 20.10 25.78 69.92
CA LYS O 9 19.76 27.12 70.41
C LYS O 9 18.37 27.62 69.98
N VAL O 10 18.25 27.95 68.69
CA VAL O 10 17.00 28.41 68.10
C VAL O 10 15.81 27.49 68.41
N ILE O 11 16.07 26.19 68.42
CA ILE O 11 15.04 25.20 68.73
C ILE O 11 14.45 25.44 70.12
N GLN O 12 15.28 25.26 71.15
CA GLN O 12 14.81 25.28 72.54
C GLN O 12 14.49 26.68 72.97
N GLU O 13 15.17 27.65 72.36
CA GLU O 13 14.88 29.05 72.62
C GLU O 13 13.47 29.42 72.13
N PHE O 14 12.82 28.49 71.43
CA PHE O 14 11.58 28.79 70.74
C PHE O 14 10.41 27.86 71.04
N ALA O 15 10.75 26.58 71.28
CA ALA O 15 9.77 25.50 71.50
C ALA O 15 8.79 25.82 72.62
N ARG O 16 7.52 25.44 72.42
CA ARG O 16 6.45 25.77 73.37
C ARG O 16 6.38 24.76 74.53
N PHE O 17 7.23 23.73 74.45
CA PHE O 17 7.48 22.80 75.55
C PHE O 17 8.79 22.06 75.19
N PRO O 18 9.35 21.21 76.09
CA PRO O 18 10.72 20.73 75.81
C PRO O 18 10.81 19.37 75.10
N GLY O 19 11.22 19.36 73.83
CA GLY O 19 11.13 18.15 73.01
C GLY O 19 10.12 18.31 71.85
N ASP O 20 9.63 19.53 71.73
CA ASP O 20 8.85 20.02 70.60
C ASP O 20 9.84 20.25 69.46
N THR O 21 10.40 19.15 68.94
CA THR O 21 11.49 19.23 67.99
C THR O 21 11.06 20.15 66.86
N GLY O 22 9.77 20.08 66.54
CA GLY O 22 9.11 21.02 65.64
C GLY O 22 7.63 21.33 65.94
N SER O 23 7.36 22.53 66.47
CA SER O 23 6.01 23.11 66.42
C SER O 23 6.03 23.94 65.16
N THR O 24 5.06 24.83 65.03
CA THR O 24 5.07 25.82 63.96
C THR O 24 6.31 26.75 64.06
N GLU O 25 6.51 27.31 65.27
CA GLU O 25 7.40 28.43 65.60
C GLU O 25 8.88 28.15 65.36
N VAL O 26 9.28 27.04 65.96
CA VAL O 26 10.47 26.30 65.60
C VAL O 26 10.89 26.45 64.11
N GLN O 27 9.95 26.14 63.22
CA GLN O 27 10.20 26.04 61.77
C GLN O 27 10.21 27.38 61.10
N VAL O 28 9.33 28.27 61.58
CA VAL O 28 9.31 29.67 61.19
C VAL O 28 10.65 30.27 61.57
N ALA O 29 11.27 29.67 62.56
CA ALA O 29 12.58 30.11 62.92
C ALA O 29 13.63 29.47 62.04
N LEU O 30 13.72 28.15 62.10
CA LEU O 30 14.81 27.41 61.49
C LEU O 30 15.12 27.95 60.12
N LEU O 31 14.05 28.27 59.38
CA LEU O 31 14.17 28.87 58.06
C LEU O 31 14.83 30.23 58.21
N THR O 32 14.21 31.10 59.02
CA THR O 32 14.74 32.43 59.31
C THR O 32 16.27 32.40 59.46
N LEU O 33 16.78 31.37 60.11
CA LEU O 33 18.21 31.21 60.25
C LEU O 33 18.87 30.84 58.92
N ARG O 34 18.25 29.89 58.24
CA ARG O 34 18.78 29.37 56.98
C ARG O 34 18.71 30.41 55.87
N ILE O 35 17.57 31.11 55.78
CA ILE O 35 17.38 32.21 54.83
C ILE O 35 18.53 33.18 54.99
N ASN O 36 18.96 33.31 56.23
CA ASN O 36 19.79 34.43 56.58
C ASN O 36 21.26 34.17 56.40
N ARG O 37 21.65 32.91 56.56
CA ARG O 37 23.00 32.56 56.15
C ARG O 37 23.02 32.60 54.61
N LEU O 38 21.82 32.60 54.02
CA LEU O 38 21.64 32.58 52.57
C LEU O 38 21.58 34.00 51.99
N SER O 39 20.86 34.91 52.66
CA SER O 39 20.86 36.31 52.21
C SER O 39 22.29 36.81 52.04
N GLU O 40 23.17 36.41 52.97
CA GLU O 40 24.57 36.84 52.94
C GLU O 40 25.32 36.14 51.82
N HIS O 41 25.39 34.81 51.92
CA HIS O 41 26.07 33.96 50.95
C HIS O 41 25.80 34.42 49.54
N LEU O 42 24.63 34.99 49.37
CA LEU O 42 24.23 35.57 48.11
C LEU O 42 24.63 37.05 48.05
N LYS O 43 24.44 37.80 49.12
CA LYS O 43 24.74 39.24 49.08
C LYS O 43 26.16 39.60 48.60
N VAL O 44 27.01 38.58 48.47
CA VAL O 44 28.33 38.71 47.83
C VAL O 44 28.43 37.89 46.53
N HIS O 45 27.93 36.67 46.57
CA HIS O 45 27.97 35.79 45.42
C HIS O 45 26.76 36.09 44.56
N LYS O 46 26.72 37.28 43.97
CA LYS O 46 25.53 37.76 43.26
C LYS O 46 25.14 36.93 42.03
N LYS O 47 26.11 36.16 41.54
CA LYS O 47 25.98 35.36 40.32
C LYS O 47 25.53 33.92 40.63
N ASP O 48 25.32 33.62 41.92
CA ASP O 48 24.75 32.32 42.26
C ASP O 48 23.25 32.45 42.25
N HIS O 49 22.70 32.38 41.05
CA HIS O 49 21.28 32.40 40.85
C HIS O 49 20.74 31.08 41.34
N HIS O 50 21.44 29.98 41.04
CA HIS O 50 21.01 28.66 41.48
C HIS O 50 20.51 28.50 42.93
N SER O 51 21.20 29.11 43.87
CA SER O 51 20.80 29.00 45.26
C SER O 51 19.70 29.99 45.59
N HIS O 52 19.56 31.01 44.75
CA HIS O 52 18.53 32.02 44.89
C HIS O 52 17.19 31.32 44.89
N ARG O 53 17.15 30.20 44.17
CA ARG O 53 16.00 29.32 44.12
C ARG O 53 15.67 28.95 45.54
N GLY O 54 16.51 28.09 46.13
CA GLY O 54 16.29 27.51 47.45
C GLY O 54 15.86 28.53 48.49
N LEU O 55 16.33 29.75 48.28
CA LEU O 55 16.00 30.90 49.11
C LEU O 55 14.50 31.15 49.09
N LEU O 56 13.96 31.09 47.87
CA LEU O 56 12.59 31.49 47.58
C LEU O 56 11.54 30.42 47.93
N MET O 57 11.94 29.14 47.81
CA MET O 57 11.17 27.98 48.31
C MET O 57 11.21 27.98 49.84
N MET O 58 12.10 28.82 50.36
CA MET O 58 12.23 29.05 51.80
C MET O 58 11.58 30.39 52.19
N VAL O 59 11.85 31.45 51.43
CA VAL O 59 11.10 32.71 51.63
C VAL O 59 9.64 32.33 51.67
N GLY O 60 9.27 31.55 50.65
CA GLY O 60 7.95 31.00 50.53
C GLY O 60 7.56 30.21 51.75
N GLN O 61 8.07 28.97 51.85
CA GLN O 61 7.61 28.01 52.84
C GLN O 61 7.31 28.65 54.21
N ARG O 62 8.12 29.63 54.58
CA ARG O 62 7.87 30.45 55.76
C ARG O 62 6.48 31.08 55.71
N ARG O 63 6.24 31.87 54.66
CA ARG O 63 5.06 32.72 54.53
C ARG O 63 3.70 32.01 54.64
N ARG O 64 3.74 30.68 54.59
CA ARG O 64 2.53 29.89 54.76
C ARG O 64 2.35 29.59 56.24
N LEU O 65 3.42 29.09 56.87
CA LEU O 65 3.39 28.80 58.28
C LEU O 65 3.01 30.05 59.02
N LEU O 66 3.52 31.18 58.51
CA LEU O 66 3.02 32.51 58.82
C LEU O 66 1.50 32.52 58.95
N ARG O 67 0.83 32.61 57.79
CA ARG O 67 -0.61 32.72 57.73
C ARG O 67 -1.31 31.66 58.56
N TYR O 68 -0.78 30.43 58.53
CA TYR O 68 -1.33 29.35 59.31
C TYR O 68 -1.52 29.80 60.74
N LEU O 69 -0.50 30.48 61.24
CA LEU O 69 -0.54 30.98 62.59
C LEU O 69 -1.45 32.19 62.69
N GLN O 70 -1.58 32.95 61.62
CA GLN O 70 -2.45 34.12 61.66
C GLN O 70 -3.86 33.66 61.88
N ARG O 71 -4.12 32.42 61.47
CA ARG O 71 -5.47 31.86 61.44
C ARG O 71 -5.85 31.07 62.70
N GLU O 72 -5.02 30.08 63.06
CA GLU O 72 -5.37 29.22 64.19
C GLU O 72 -5.04 29.84 65.59
N ASP O 73 -4.31 30.97 65.58
CA ASP O 73 -4.12 31.88 66.74
C ASP O 73 -3.31 33.14 66.40
N PRO O 74 -3.96 34.31 66.38
CA PRO O 74 -3.26 35.56 66.08
C PRO O 74 -2.38 36.14 67.20
N GLU O 75 -2.56 35.77 68.47
CA GLU O 75 -1.57 36.20 69.46
C GLU O 75 -0.22 35.48 69.33
N ARG O 76 -0.20 34.16 69.42
CA ARG O 76 1.04 33.39 69.23
C ARG O 76 1.78 33.76 67.94
N TYR O 77 1.06 34.45 67.05
CA TYR O 77 1.63 35.11 65.87
C TYR O 77 2.29 36.47 66.23
N ARG O 78 1.52 37.40 66.79
CA ARG O 78 2.04 38.71 67.23
C ARG O 78 3.36 38.52 67.97
N ALA O 79 3.37 37.52 68.82
CA ALA O 79 4.56 37.14 69.57
C ALA O 79 5.64 36.48 68.73
N LEU O 80 5.27 35.79 67.66
CA LEU O 80 6.31 35.17 66.86
C LEU O 80 6.84 36.14 65.81
N ILE O 81 6.11 37.20 65.53
CA ILE O 81 6.63 38.18 64.55
C ILE O 81 7.41 39.36 65.16
N GLU O 82 7.32 39.53 66.49
CA GLU O 82 8.22 40.45 67.21
C GLU O 82 9.49 39.70 67.57
N LYS O 83 9.32 38.46 68.03
CA LYS O 83 10.41 37.61 68.49
C LYS O 83 11.39 37.27 67.35
N LEU O 84 10.99 37.49 66.11
CA LEU O 84 11.94 37.36 65.01
C LEU O 84 12.10 38.66 64.24
N GLY O 85 11.16 39.57 64.47
CA GLY O 85 11.17 40.88 63.85
C GLY O 85 11.18 40.84 62.33
N ILE O 86 10.09 40.35 61.73
CA ILE O 86 9.96 40.30 60.26
C ILE O 86 8.84 41.20 59.70
N ARG O 87 8.31 40.84 58.54
CA ARG O 87 7.68 41.77 57.59
C ARG O 87 8.77 42.77 57.14
N GLY O 88 8.54 44.07 57.34
CA GLY O 88 9.57 45.06 57.07
C GLY O 88 9.16 46.40 56.46
N MET P 1 -62.47 56.22 34.45
CA MET P 1 -63.01 55.43 35.56
C MET P 1 -62.82 53.95 35.29
N VAL P 2 -63.34 53.12 36.19
CA VAL P 2 -63.38 51.68 35.96
C VAL P 2 -64.63 51.39 35.15
N LYS P 3 -64.51 50.53 34.14
CA LYS P 3 -65.65 50.19 33.28
C LYS P 3 -65.77 48.70 32.96
N ILE P 4 -66.96 48.30 32.49
CA ILE P 4 -67.24 46.95 32.00
C ILE P 4 -67.75 47.02 30.58
N ARG P 5 -67.10 46.31 29.66
CA ARG P 5 -67.53 46.40 28.27
C ARG P 5 -67.21 45.16 27.44
N LEU P 6 -67.20 45.33 26.12
CA LEU P 6 -67.00 44.22 25.21
C LEU P 6 -65.69 44.27 24.43
N ALA P 7 -65.06 43.12 24.22
CA ALA P 7 -63.77 43.10 23.51
C ALA P 7 -63.59 41.92 22.57
N ARG P 8 -63.26 42.27 21.32
CA ARG P 8 -63.33 41.39 20.13
C ARG P 8 -62.30 40.30 20.14
N PHE P 9 -62.76 39.09 19.84
CA PHE P 9 -61.86 37.95 19.79
C PHE P 9 -62.31 36.92 18.77
N GLY P 10 -62.84 37.38 17.66
CA GLY P 10 -63.15 36.48 16.56
C GLY P 10 -62.31 36.85 15.37
N SER P 11 -62.95 36.96 14.21
CA SER P 11 -62.34 37.57 13.05
C SER P 11 -63.41 38.10 12.11
N LYS P 12 -63.04 38.24 10.84
CA LYS P 12 -63.94 38.77 9.83
C LYS P 12 -65.25 37.99 9.75
N HIS P 13 -66.35 38.71 9.98
CA HIS P 13 -67.74 38.21 9.97
C HIS P 13 -68.02 37.24 11.12
N ASN P 14 -66.97 36.86 11.86
CA ASN P 14 -67.12 35.90 12.95
C ASN P 14 -66.84 36.49 14.32
N PRO P 15 -67.46 37.63 14.68
CA PRO P 15 -67.14 38.12 16.02
C PRO P 15 -67.58 37.20 17.16
N HIS P 16 -66.73 37.10 18.16
CA HIS P 16 -67.07 36.52 19.44
C HIS P 16 -66.64 37.56 20.44
N TYR P 17 -67.56 37.98 21.31
CA TYR P 17 -67.27 39.06 22.22
C TYR P 17 -66.91 38.55 23.60
N ARG P 18 -66.06 39.32 24.29
CA ARG P 18 -65.64 38.98 25.64
C ARG P 18 -66.11 40.06 26.58
N ILE P 19 -66.59 39.66 27.76
CA ILE P 19 -66.97 40.61 28.80
C ILE P 19 -65.76 40.93 29.64
N VAL P 20 -65.52 42.21 29.90
CA VAL P 20 -64.30 42.59 30.56
C VAL P 20 -64.48 43.67 31.62
N VAL P 21 -63.58 43.69 32.59
CA VAL P 21 -63.44 44.83 33.48
C VAL P 21 -62.13 45.51 33.15
N THR P 22 -62.18 46.76 32.71
CA THR P 22 -60.96 47.45 32.32
C THR P 22 -61.07 48.97 32.46
N ASP P 23 -59.93 49.62 32.69
CA ASP P 23 -59.86 51.07 32.84
C ASP P 23 -60.37 51.74 31.58
N ALA P 24 -61.18 52.79 31.77
CA ALA P 24 -61.82 53.51 30.68
C ALA P 24 -60.89 53.70 29.49
N ARG P 25 -59.87 54.53 29.67
CA ARG P 25 -59.01 54.92 28.56
C ARG P 25 -58.24 53.76 27.88
N ARG P 26 -58.33 52.54 28.39
CA ARG P 26 -57.52 51.45 27.82
C ARG P 26 -57.94 51.07 26.39
N LYS P 27 -56.97 50.70 25.55
CA LYS P 27 -57.25 50.10 24.26
C LYS P 27 -58.34 49.02 24.35
N ARG P 28 -59.11 48.84 23.28
CA ARG P 28 -60.29 47.97 23.30
C ARG P 28 -59.99 46.57 23.84
N ASP P 29 -59.31 45.82 22.98
CA ASP P 29 -58.89 44.45 23.25
C ASP P 29 -57.54 44.50 23.94
N GLY P 30 -57.48 44.93 25.20
CA GLY P 30 -56.22 45.06 25.92
C GLY P 30 -56.23 44.58 27.36
N LYS P 31 -55.06 44.19 27.85
CA LYS P 31 -54.83 43.77 29.25
C LYS P 31 -55.89 44.23 30.25
N TYR P 32 -57.03 43.57 30.21
CA TYR P 32 -58.11 43.84 31.15
C TYR P 32 -57.76 43.30 32.52
N ILE P 33 -58.43 43.80 33.56
CA ILE P 33 -58.10 43.40 34.93
C ILE P 33 -58.88 42.18 35.40
N GLU P 34 -60.02 41.91 34.75
CA GLU P 34 -60.73 40.64 34.94
C GLU P 34 -61.75 40.21 33.85
N LYS P 35 -61.56 39.00 33.33
CA LYS P 35 -62.54 38.37 32.47
C LYS P 35 -63.72 37.93 33.30
N ILE P 36 -64.88 38.50 33.04
CA ILE P 36 -66.10 38.01 33.65
C ILE P 36 -67.14 37.60 32.58
N GLY P 37 -66.81 36.59 31.78
CA GLY P 37 -67.75 36.02 30.83
C GLY P 37 -67.57 36.34 29.35
N TYR P 38 -68.28 35.57 28.52
CA TYR P 38 -68.33 35.82 27.08
C TYR P 38 -69.75 36.05 26.56
N TYR P 39 -69.83 36.59 25.36
CA TYR P 39 -71.11 36.79 24.72
C TYR P 39 -70.93 36.57 23.22
N ASP P 40 -71.71 35.62 22.70
CA ASP P 40 -71.69 35.22 21.31
C ASP P 40 -72.87 35.95 20.69
N PRO P 41 -72.60 36.94 19.85
CA PRO P 41 -73.69 37.68 19.19
C PRO P 41 -74.15 37.03 17.87
N ARG P 42 -73.30 36.21 17.26
CA ARG P 42 -73.72 35.39 16.14
C ARG P 42 -74.49 34.12 16.68
N LYS P 43 -74.51 34.00 18.01
CA LYS P 43 -75.30 33.00 18.79
C LYS P 43 -75.31 31.55 18.32
N THR P 44 -74.21 31.05 17.77
CA THR P 44 -74.21 29.73 17.10
C THR P 44 -74.20 28.50 18.01
N THR P 45 -74.46 28.71 19.30
CA THR P 45 -74.40 27.62 20.28
C THR P 45 -75.44 27.71 21.39
N PRO P 46 -75.75 26.56 22.02
CA PRO P 46 -76.55 26.53 23.25
C PRO P 46 -76.01 27.52 24.30
N ASP P 47 -74.69 27.53 24.47
CA ASP P 47 -74.00 28.49 25.33
C ASP P 47 -73.38 29.59 24.50
N TRP P 48 -74.19 30.61 24.23
CA TRP P 48 -73.78 31.78 23.46
C TRP P 48 -73.74 32.97 24.39
N LEU P 49 -73.92 32.70 25.68
CA LEU P 49 -73.84 33.76 26.69
C LEU P 49 -73.64 33.21 28.12
N LYS P 50 -72.46 33.44 28.69
CA LYS P 50 -72.16 33.18 30.10
C LYS P 50 -71.73 34.48 30.78
N VAL P 51 -72.03 34.63 32.06
CA VAL P 51 -71.61 35.82 32.74
C VAL P 51 -70.94 35.53 34.07
N ASP P 52 -71.67 34.86 34.97
CA ASP P 52 -71.37 34.83 36.40
C ASP P 52 -71.72 36.15 37.08
N VAL P 53 -72.80 36.12 37.83
CA VAL P 53 -73.35 37.32 38.45
C VAL P 53 -72.50 37.87 39.58
N GLU P 54 -71.97 36.99 40.41
CA GLU P 54 -71.37 37.42 41.68
C GLU P 54 -70.17 38.35 41.58
N ARG P 55 -69.52 38.39 40.42
CA ARG P 55 -68.38 39.28 40.25
C ARG P 55 -68.77 40.70 39.82
N ALA P 56 -69.62 40.81 38.81
CA ALA P 56 -70.18 42.11 38.44
C ALA P 56 -70.93 42.78 39.61
N ARG P 57 -71.25 41.98 40.63
CA ARG P 57 -71.93 42.46 41.82
C ARG P 57 -70.95 42.82 42.94
N TYR P 58 -69.70 42.39 42.79
CA TYR P 58 -68.62 43.01 43.53
C TYR P 58 -68.27 44.28 42.76
N TRP P 59 -68.13 44.12 41.45
CA TRP P 59 -67.56 45.16 40.59
C TRP P 59 -68.43 46.40 40.38
N LEU P 60 -69.60 46.42 41.02
CA LEU P 60 -70.44 47.62 40.93
C LEU P 60 -70.66 48.24 42.30
N SER P 61 -70.43 47.43 43.33
CA SER P 61 -70.19 47.95 44.68
C SER P 61 -68.86 48.67 44.56
N VAL P 62 -68.02 48.13 43.69
CA VAL P 62 -66.80 48.80 43.25
C VAL P 62 -67.12 50.17 42.66
N GLY P 63 -67.97 50.20 41.64
CA GLY P 63 -68.27 51.41 40.92
C GLY P 63 -67.66 51.41 39.54
N ALA P 64 -67.75 50.27 38.85
CA ALA P 64 -67.35 50.18 37.44
C ALA P 64 -68.58 50.31 36.48
N GLN P 65 -68.55 51.32 35.61
CA GLN P 65 -69.70 51.63 34.75
C GLN P 65 -69.78 50.77 33.48
N PRO P 66 -70.99 50.24 33.19
CA PRO P 66 -71.19 49.38 32.01
C PRO P 66 -71.31 50.21 30.75
N THR P 67 -71.37 49.54 29.61
CA THR P 67 -71.79 50.23 28.40
C THR P 67 -73.32 50.24 28.39
N ASP P 68 -73.91 50.38 27.21
CA ASP P 68 -75.35 50.18 27.00
C ASP P 68 -75.54 48.69 26.72
N THR P 69 -74.94 48.30 25.61
CA THR P 69 -74.80 46.92 25.20
C THR P 69 -74.48 46.00 26.37
N ALA P 70 -73.38 46.30 27.04
CA ALA P 70 -72.91 45.47 28.13
C ALA P 70 -73.86 45.53 29.31
N ARG P 71 -74.44 46.70 29.57
CA ARG P 71 -75.47 46.84 30.60
C ARG P 71 -76.61 45.86 30.35
N ARG P 72 -77.16 45.91 29.12
CA ARG P 72 -78.29 45.08 28.69
C ARG P 72 -77.98 43.58 28.75
N LEU P 73 -76.69 43.24 28.76
CA LEU P 73 -76.26 41.86 28.70
C LEU P 73 -76.14 41.31 30.09
N LEU P 74 -76.19 42.23 31.06
CA LEU P 74 -76.07 41.87 32.46
C LEU P 74 -77.44 41.73 33.09
N ARG P 75 -78.34 42.68 32.78
CA ARG P 75 -79.74 42.54 33.18
C ARG P 75 -80.20 41.14 32.76
N GLN P 76 -79.85 40.79 31.52
CA GLN P 76 -80.24 39.54 30.87
C GLN P 76 -79.47 38.32 31.42
N ALA P 77 -78.45 38.59 32.22
CA ALA P 77 -77.69 37.54 32.87
C ALA P 77 -78.28 37.26 34.25
N GLY P 78 -79.06 38.20 34.75
CA GLY P 78 -79.67 38.09 36.06
C GLY P 78 -79.01 39.10 36.97
N VAL P 79 -77.84 39.54 36.54
CA VAL P 79 -76.97 40.47 37.25
C VAL P 79 -77.67 41.53 38.10
N PHE P 80 -78.73 42.14 37.55
CA PHE P 80 -79.43 43.25 38.22
C PHE P 80 -80.75 42.88 38.94
N ARG P 81 -81.06 41.58 39.06
CA ARG P 81 -82.35 41.15 39.63
C ARG P 81 -82.45 41.21 41.17
N GLN P 82 -83.67 41.41 41.68
CA GLN P 82 -83.96 41.35 43.12
C GLN P 82 -85.12 40.37 43.44
N GLU P 83 -85.25 40.01 44.72
CA GLU P 83 -86.34 39.14 45.18
C GLU P 83 -86.79 39.41 46.64
N ALA P 84 -87.63 38.50 47.16
CA ALA P 84 -88.36 38.67 48.42
C ALA P 84 -89.47 39.72 48.30
N ARG P 85 -90.01 40.17 49.44
CA ARG P 85 -91.00 41.26 49.45
C ARG P 85 -90.63 42.29 50.53
N PRO Q 1 -41.00 42.63 51.96
CA PRO Q 1 -39.73 42.31 52.62
C PRO Q 1 -38.57 43.13 52.08
N LYS Q 2 -38.46 44.40 52.47
CA LYS Q 2 -37.34 45.27 52.07
C LYS Q 2 -36.01 44.56 52.33
N LYS Q 3 -35.37 44.09 51.25
CA LYS Q 3 -34.34 43.05 51.29
C LYS Q 3 -33.30 43.16 52.44
N VAL Q 4 -32.86 42.02 52.95
CA VAL Q 4 -31.91 41.99 54.06
C VAL Q 4 -30.56 41.41 53.63
N LEU Q 5 -29.49 42.18 53.78
CA LEU Q 5 -28.17 41.75 53.29
C LEU Q 5 -26.97 41.69 54.30
N THR Q 6 -26.31 40.53 54.33
CA THR Q 6 -25.19 40.34 55.25
C THR Q 6 -23.84 40.48 54.56
N GLY Q 7 -23.13 41.53 54.95
CA GLY Q 7 -21.84 41.87 54.38
C GLY Q 7 -20.90 42.58 55.34
N VAL Q 8 -19.63 42.62 54.97
CA VAL Q 8 -18.57 43.05 55.88
C VAL Q 8 -17.93 44.35 55.43
N VAL Q 9 -17.91 45.34 56.32
CA VAL Q 9 -17.55 46.70 55.94
C VAL Q 9 -16.15 46.75 55.45
N VAL Q 10 -15.91 47.59 54.45
CA VAL Q 10 -14.59 47.58 53.85
C VAL Q 10 -14.15 48.99 53.57
N SER Q 11 -14.94 49.96 54.03
CA SER Q 11 -14.61 51.37 53.81
C SER Q 11 -15.19 52.18 54.96
N ASP Q 12 -14.30 52.88 55.68
CA ASP Q 12 -14.66 53.76 56.78
C ASP Q 12 -14.57 55.19 56.26
N LYS Q 13 -13.63 55.38 55.33
CA LYS Q 13 -13.21 56.68 54.82
C LYS Q 13 -14.29 57.55 54.14
N MET Q 14 -15.35 57.86 54.90
CA MET Q 14 -16.37 58.78 54.47
C MET Q 14 -17.12 59.21 55.72
N GLN Q 15 -17.95 60.23 55.55
CA GLN Q 15 -18.76 60.82 56.62
C GLN Q 15 -19.69 59.84 57.35
N LYS Q 16 -20.98 60.10 57.29
CA LYS Q 16 -21.95 59.23 57.97
C LYS Q 16 -22.20 57.96 57.14
N THR Q 17 -21.31 57.75 56.18
CA THR Q 17 -21.41 56.70 55.20
C THR Q 17 -20.43 55.57 55.50
N VAL Q 18 -20.58 54.47 54.79
CA VAL Q 18 -19.75 53.27 54.93
C VAL Q 18 -20.00 52.33 53.74
N THR Q 19 -18.96 51.66 53.25
CA THR Q 19 -19.16 50.67 52.20
C THR Q 19 -19.17 49.25 52.76
N VAL Q 20 -20.08 48.41 52.27
CA VAL Q 20 -20.22 47.02 52.72
C VAL Q 20 -20.08 45.98 51.60
N LEU Q 21 -19.44 44.86 51.87
CA LEU Q 21 -19.33 43.89 50.81
C LEU Q 21 -20.22 42.67 51.02
N VAL Q 22 -21.34 42.62 50.29
CA VAL Q 22 -22.20 41.42 50.30
C VAL Q 22 -21.94 40.52 49.10
N GLU Q 23 -21.96 39.23 49.40
CA GLU Q 23 -21.60 38.21 48.47
C GLU Q 23 -22.74 37.23 48.49
N ARG Q 24 -22.92 36.55 47.34
CA ARG Q 24 -23.91 35.48 47.15
C ARG Q 24 -23.31 34.31 46.30
N GLN Q 25 -23.82 33.09 46.53
CA GLN Q 25 -23.42 31.88 45.78
C GLN Q 25 -24.55 31.34 44.93
N PHE Q 26 -24.22 30.84 43.73
CA PHE Q 26 -25.24 30.20 42.88
C PHE Q 26 -24.67 29.39 41.71
N PRO Q 27 -25.40 28.32 41.29
CA PRO Q 27 -25.05 27.61 40.06
C PRO Q 27 -24.92 28.57 38.87
N HIS Q 28 -23.92 28.31 38.05
CA HIS Q 28 -23.68 29.14 36.88
C HIS Q 28 -24.79 28.89 35.88
N PRO Q 29 -25.55 29.95 35.53
CA PRO Q 29 -26.58 29.97 34.48
C PRO Q 29 -26.50 28.75 33.59
N LEU Q 30 -25.49 28.64 32.73
CA LEU Q 30 -25.32 27.40 31.97
C LEU Q 30 -24.39 26.35 32.58
N TYR Q 31 -23.13 26.73 32.83
CA TYR Q 31 -22.02 25.80 33.15
C TYR Q 31 -22.16 25.14 34.51
N GLY Q 32 -22.76 25.89 35.44
CA GLY Q 32 -23.56 25.31 36.51
C GLY Q 32 -22.89 24.78 37.75
N LYS Q 33 -21.61 25.12 37.91
CA LYS Q 33 -20.89 24.90 39.17
C LYS Q 33 -21.35 26.04 40.05
N VAL Q 34 -21.23 25.87 41.36
CA VAL Q 34 -21.58 26.97 42.22
C VAL Q 34 -20.55 28.02 41.93
N ILE Q 35 -20.98 29.23 41.66
CA ILE Q 35 -20.04 30.32 41.71
C ILE Q 35 -20.57 31.27 42.76
N LYS Q 36 -19.73 32.26 43.04
CA LYS Q 36 -19.88 33.13 44.18
C LYS Q 36 -19.40 34.46 43.66
N ARG Q 37 -20.32 35.42 43.57
CA ARG Q 37 -20.03 36.74 43.05
C ARG Q 37 -20.63 37.75 44.04
N SER Q 38 -19.95 38.90 44.21
CA SER Q 38 -20.27 39.83 45.30
C SER Q 38 -20.38 41.25 44.80
N LYS Q 39 -20.94 42.11 45.65
CA LYS Q 39 -21.13 43.52 45.32
C LYS Q 39 -21.24 44.36 46.60
N LYS Q 40 -20.77 45.61 46.48
CA LYS Q 40 -20.59 46.54 47.60
C LYS Q 40 -21.67 47.62 47.69
N TYR Q 41 -22.29 47.73 48.88
CA TYR Q 41 -23.47 48.58 49.09
C TYR Q 41 -23.23 49.79 50.00
N LEU Q 42 -23.14 50.99 49.43
CA LEU Q 42 -22.91 52.20 50.21
C LEU Q 42 -24.03 52.43 51.19
N ALA Q 43 -23.81 51.95 52.41
CA ALA Q 43 -24.79 51.98 53.49
C ALA Q 43 -24.84 53.30 54.26
N HIS Q 44 -25.92 53.49 55.00
CA HIS Q 44 -26.00 54.67 55.84
C HIS Q 44 -25.83 54.28 57.29
N ASP Q 45 -24.75 54.78 57.89
CA ASP Q 45 -24.65 54.75 59.35
C ASP Q 45 -24.52 56.14 59.92
N PRO Q 46 -25.61 56.63 60.52
CA PRO Q 46 -25.71 57.99 61.03
C PRO Q 46 -24.73 58.20 62.18
N GLU Q 47 -25.11 57.73 63.36
CA GLU Q 47 -24.34 57.97 64.57
C GLU Q 47 -22.88 57.43 64.51
N GLU Q 48 -22.56 56.73 63.42
CA GLU Q 48 -21.20 56.25 63.04
C GLU Q 48 -20.71 54.91 63.65
N LYS Q 49 -21.46 54.39 64.63
CA LYS Q 49 -21.19 53.14 65.35
C LYS Q 49 -20.26 52.11 64.69
N TYR Q 50 -20.69 51.53 63.58
CA TYR Q 50 -19.98 50.42 62.97
C TYR Q 50 -18.69 50.88 62.28
N LYS Q 51 -17.63 50.08 62.47
CA LYS Q 51 -16.27 50.46 62.03
C LYS Q 51 -15.75 49.61 60.87
N LEU Q 52 -14.48 49.81 60.55
CA LEU Q 52 -13.82 49.22 59.38
C LEU Q 52 -13.45 47.73 59.56
N GLY Q 53 -14.37 46.85 59.16
CA GLY Q 53 -14.17 45.41 59.26
C GLY Q 53 -15.29 44.65 59.95
N ASP Q 54 -16.45 45.28 60.13
CA ASP Q 54 -17.56 44.67 60.88
C ASP Q 54 -18.44 43.81 60.00
N VAL Q 55 -19.18 42.89 60.62
CA VAL Q 55 -20.09 41.96 59.91
C VAL Q 55 -21.56 42.39 60.04
N VAL Q 56 -22.14 43.00 59.00
CA VAL Q 56 -23.44 43.66 59.18
C VAL Q 56 -24.60 43.16 58.32
N GLU Q 57 -25.82 43.51 58.71
CA GLU Q 57 -27.00 43.31 57.86
C GLU Q 57 -27.49 44.67 57.40
N ILE Q 58 -28.01 44.76 56.19
CA ILE Q 58 -28.58 46.01 55.68
C ILE Q 58 -29.99 45.81 55.12
N ILE Q 59 -30.77 46.89 55.08
CA ILE Q 59 -32.09 46.76 54.49
C ILE Q 59 -32.40 47.89 53.52
N GLU Q 60 -33.12 47.53 52.46
CA GLU Q 60 -33.53 48.47 51.41
C GLU Q 60 -34.25 49.60 52.10
N SER Q 61 -33.98 50.80 51.64
CA SER Q 61 -34.52 51.93 52.34
C SER Q 61 -34.63 53.17 51.51
N ARG Q 62 -35.39 54.11 52.07
CA ARG Q 62 -35.61 55.41 51.51
C ARG Q 62 -34.25 55.99 51.16
N PRO Q 63 -34.03 56.25 49.86
CA PRO Q 63 -32.82 56.87 49.29
C PRO Q 63 -32.29 58.04 50.12
N ILE Q 64 -31.00 58.01 50.45
CA ILE Q 64 -30.39 59.05 51.29
C ILE Q 64 -29.46 59.99 50.51
N SER Q 65 -28.67 59.44 49.62
CA SER Q 65 -27.91 60.27 48.68
C SER Q 65 -27.99 59.62 47.31
N LYS Q 66 -27.07 60.01 46.42
CA LYS Q 66 -26.99 59.39 45.10
C LYS Q 66 -26.93 57.86 45.24
N ARG Q 67 -25.87 57.34 45.84
CA ARG Q 67 -25.69 55.90 45.91
C ARG Q 67 -25.86 55.33 47.30
N LYS Q 68 -26.80 55.93 48.05
CA LYS Q 68 -27.20 55.42 49.37
C LYS Q 68 -28.67 55.00 49.39
N ARG Q 69 -28.93 53.69 49.36
CA ARG Q 69 -30.29 53.18 49.35
C ARG Q 69 -30.47 52.05 50.37
N PHE Q 70 -29.58 52.01 51.37
CA PHE Q 70 -29.59 51.01 52.45
C PHE Q 70 -29.17 51.54 53.83
N ARG Q 71 -30.05 51.39 54.82
CA ARG Q 71 -29.70 51.73 56.20
C ARG Q 71 -29.09 50.47 56.84
N VAL Q 72 -28.32 50.60 57.92
CA VAL Q 72 -27.75 49.40 58.56
C VAL Q 72 -28.56 48.85 59.74
N LEU Q 73 -28.89 47.57 59.63
CA LEU Q 73 -29.85 46.91 60.49
C LEU Q 73 -29.21 46.64 61.84
N ARG Q 74 -28.23 45.75 61.84
CA ARG Q 74 -27.56 45.33 63.06
C ARG Q 74 -26.23 44.65 62.79
N LEU Q 75 -25.53 44.34 63.89
CA LEU Q 75 -24.17 43.77 63.86
C LEU Q 75 -24.20 42.30 64.24
N VAL Q 76 -23.56 41.47 63.40
CA VAL Q 76 -23.52 40.02 63.60
C VAL Q 76 -22.18 39.60 64.16
N GLU Q 77 -21.16 40.41 63.87
CA GLU Q 77 -19.84 40.19 64.45
C GLU Q 77 -18.91 41.37 64.15
N SER Q 78 -18.00 41.63 65.08
CA SER Q 78 -16.94 42.63 64.89
C SER Q 78 -15.58 41.95 64.73
N GLY Q 79 -14.64 42.66 64.13
CA GLY Q 79 -13.32 42.11 63.87
C GLY Q 79 -13.37 40.96 62.91
N ARG Q 80 -13.03 41.23 61.65
CA ARG Q 80 -13.01 40.20 60.61
C ARG Q 80 -12.18 40.73 59.43
N MET Q 81 -10.95 41.11 59.76
CA MET Q 81 -10.04 41.79 58.84
C MET Q 81 -9.60 40.90 57.69
N ASP Q 82 -9.68 39.58 57.93
CA ASP Q 82 -9.27 38.53 56.99
C ASP Q 82 -9.61 38.84 55.55
N LEU Q 83 -10.82 39.39 55.37
CA LEU Q 83 -11.42 39.66 54.06
C LEU Q 83 -11.11 41.06 53.59
N VAL Q 84 -11.03 41.97 54.55
CA VAL Q 84 -10.68 43.35 54.29
C VAL Q 84 -9.27 43.43 53.73
N GLU Q 85 -8.40 42.55 54.23
CA GLU Q 85 -7.07 42.35 53.66
C GLU Q 85 -7.19 41.80 52.22
N LYS Q 86 -7.96 40.73 52.08
CA LYS Q 86 -8.31 40.07 50.81
C LYS Q 86 -8.92 40.99 49.77
N TYR Q 87 -9.86 41.82 50.21
CA TYR Q 87 -10.47 42.82 49.33
C TYR Q 87 -9.46 43.90 48.94
N LEU Q 88 -8.49 44.16 49.81
CA LEU Q 88 -7.46 45.16 49.52
C LEU Q 88 -6.34 44.60 48.68
N ILE Q 89 -6.04 43.32 48.91
CA ILE Q 89 -5.16 42.59 48.02
C ILE Q 89 -5.69 42.70 46.58
N ARG Q 90 -6.96 42.36 46.37
CA ARG Q 90 -7.59 42.56 45.04
C ARG Q 90 -7.44 44.03 44.56
N ARG Q 91 -7.88 44.99 45.38
CA ARG Q 91 -7.78 46.43 45.05
C ARG Q 91 -6.35 46.84 44.74
N GLN Q 92 -5.40 46.30 45.51
CA GLN Q 92 -3.99 46.53 45.24
C GLN Q 92 -3.69 46.09 43.82
N ASN Q 93 -3.73 44.78 43.58
CA ASN Q 93 -3.24 44.17 42.34
C ASN Q 93 -3.44 44.92 41.02
N TYR Q 94 -4.27 45.95 41.04
CA TYR Q 94 -4.55 46.77 39.88
C TYR Q 94 -3.37 47.64 39.52
N GLU Q 95 -2.52 47.85 40.52
CA GLU Q 95 -1.21 48.48 40.36
C GLU Q 95 -0.39 47.73 39.28
N SER Q 96 -0.44 46.40 39.35
CA SER Q 96 0.13 45.57 38.30
C SER Q 96 -0.79 45.62 37.10
N LEU Q 97 -0.77 44.57 36.29
CA LEU Q 97 -1.58 44.47 35.05
C LEU Q 97 -1.96 45.78 34.32
N SER Q 98 -1.05 46.75 34.31
CA SER Q 98 -1.27 47.99 33.57
C SER Q 98 -0.32 48.09 32.36
N LYS Q 99 -0.73 48.85 31.34
CA LYS Q 99 0.16 49.20 30.22
C LYS Q 99 0.73 50.62 30.35
N ARG Q 100 0.75 51.07 31.62
CA ARG Q 100 1.78 51.98 32.10
C ARG Q 100 3.00 51.08 32.36
N GLY Q 101 2.86 50.17 33.32
CA GLY Q 101 3.88 49.22 33.68
C GLY Q 101 3.80 48.66 35.10
N GLY Q 102 4.75 47.78 35.41
CA GLY Q 102 4.95 47.29 36.76
C GLY Q 102 6.42 47.06 36.98
N LYS Q 103 6.99 47.66 38.03
CA LYS Q 103 8.45 47.61 38.30
C LYS Q 103 8.86 46.50 39.28
N ALA Q 104 10.17 46.21 39.32
CA ALA Q 104 10.70 45.14 40.18
C ALA Q 104 11.05 45.68 41.55
N PRO R 1 38.76 -12.16 24.50
CA PRO R 1 37.71 -11.87 25.48
C PRO R 1 38.13 -10.79 26.52
N SER R 2 39.36 -10.29 26.43
CA SER R 2 40.01 -9.48 27.47
C SER R 2 39.99 -10.14 28.86
N ARG R 3 39.90 -11.47 28.86
CA ARG R 3 39.80 -12.29 30.07
C ARG R 3 41.18 -12.68 30.62
N LYS R 4 42.01 -11.68 30.90
CA LYS R 4 43.26 -11.90 31.61
C LYS R 4 42.93 -12.04 33.09
N ALA R 5 43.15 -10.96 33.84
CA ALA R 5 42.75 -10.90 35.25
C ALA R 5 42.57 -9.45 35.67
N LYS R 6 41.41 -9.13 36.21
CA LYS R 6 41.15 -7.78 36.67
C LYS R 6 41.97 -7.53 37.95
N VAL R 7 42.28 -6.27 38.23
CA VAL R 7 43.20 -5.92 39.34
C VAL R 7 42.55 -5.95 40.74
N LYS R 8 41.26 -6.24 40.81
CA LYS R 8 40.53 -6.30 42.09
C LYS R 8 40.89 -7.56 42.88
N ALA R 9 41.21 -8.63 42.16
CA ALA R 9 41.61 -9.89 42.79
C ALA R 9 43.13 -10.00 42.99
N THR R 10 43.90 -9.36 42.09
CA THR R 10 45.36 -9.35 42.21
C THR R 10 45.85 -8.38 43.28
N LEU R 11 45.33 -8.54 44.51
CA LEU R 11 45.80 -7.77 45.67
C LEU R 11 45.01 -8.13 46.92
N GLY R 12 45.65 -7.98 48.07
CA GLY R 12 44.91 -7.96 49.32
C GLY R 12 44.04 -6.73 49.34
N GLU R 13 43.57 -6.37 50.52
CA GLU R 13 42.71 -5.21 50.66
C GLU R 13 43.53 -3.93 50.59
N PHE R 14 42.87 -2.82 50.27
CA PHE R 14 43.47 -1.50 50.38
C PHE R 14 42.44 -0.38 50.37
N ASP R 15 42.91 0.86 50.53
CA ASP R 15 42.04 2.03 50.53
C ASP R 15 42.19 2.76 49.20
N LEU R 16 41.06 3.20 48.66
CA LEU R 16 40.98 3.85 47.36
C LEU R 16 41.21 5.36 47.46
N ARG R 17 41.54 5.81 48.66
CA ARG R 17 41.67 7.23 48.90
C ARG R 17 43.08 7.62 49.37
N ASP R 18 43.90 6.62 49.74
CA ASP R 18 45.35 6.83 50.04
C ASP R 18 46.09 7.02 48.72
N TYR R 19 46.32 8.29 48.40
CA TYR R 19 46.84 8.72 47.11
C TYR R 19 48.22 8.16 46.82
N ARG R 20 49.09 8.18 47.82
CA ARG R 20 50.48 7.77 47.64
C ARG R 20 50.74 6.27 47.94
N ASN R 21 49.79 5.41 47.58
CA ASN R 21 49.95 3.95 47.73
C ASN R 21 50.55 3.32 46.47
N VAL R 22 51.25 4.17 45.73
CA VAL R 22 51.80 3.91 44.39
C VAL R 22 52.31 2.48 44.02
N GLU R 23 52.38 1.56 44.97
CA GLU R 23 52.74 0.22 44.60
C GLU R 23 51.56 -0.35 43.85
N VAL R 24 50.38 -0.09 44.42
CA VAL R 24 49.10 -0.59 43.94
C VAL R 24 48.54 0.21 42.75
N LEU R 25 48.60 1.54 42.89
CA LEU R 25 48.03 2.48 41.94
C LEU R 25 48.87 2.62 40.65
N LYS R 26 49.79 1.69 40.44
CA LYS R 26 50.59 1.58 39.21
C LYS R 26 49.92 0.51 38.34
N ARG R 27 49.15 -0.33 39.01
CA ARG R 27 48.50 -1.47 38.39
C ARG R 27 47.06 -1.07 38.11
N PHE R 28 46.80 0.22 38.22
CA PHE R 28 45.54 0.78 37.80
C PHE R 28 45.78 1.79 36.71
N LEU R 29 47.02 1.83 36.21
CA LEU R 29 47.31 2.48 34.94
C LEU R 29 47.74 1.46 33.90
N SER R 30 48.10 1.95 32.71
CA SER R 30 48.31 1.08 31.56
C SER R 30 49.76 1.04 31.14
N GLU R 31 50.00 0.83 29.85
CA GLU R 31 51.28 1.23 29.25
C GLU R 31 51.14 2.64 28.69
N THR R 32 50.07 3.33 29.11
CA THR R 32 49.96 4.78 29.10
C THR R 32 49.54 5.16 30.53
N GLY R 33 49.56 6.44 30.85
CA GLY R 33 49.14 6.88 32.17
C GLY R 33 47.62 6.92 32.32
N LYS R 34 46.93 6.26 31.40
CA LYS R 34 45.47 6.31 31.33
C LYS R 34 44.81 5.40 32.38
N ILE R 35 43.84 5.95 33.12
CA ILE R 35 43.17 5.18 34.18
C ILE R 35 42.39 4.04 33.56
N LEU R 36 42.73 2.82 33.96
CA LEU R 36 42.24 1.61 33.29
C LEU R 36 40.73 1.55 33.16
N PRO R 37 40.26 1.27 31.93
CA PRO R 37 38.84 1.13 31.62
C PRO R 37 38.18 0.16 32.59
N ARG R 38 37.02 0.56 33.13
CA ARG R 38 36.35 -0.15 34.23
C ARG R 38 36.29 -1.70 34.10
N ARG R 39 36.45 -2.18 32.86
CA ARG R 39 36.39 -3.60 32.53
C ARG R 39 37.69 -4.26 32.92
N ARG R 40 38.79 -3.52 32.73
CA ARG R 40 40.09 -4.00 33.16
C ARG R 40 40.17 -4.06 34.68
N THR R 41 39.78 -2.99 35.34
CA THR R 41 39.88 -2.92 36.80
C THR R 41 38.87 -3.82 37.53
N GLY R 42 37.61 -3.80 37.12
CA GLY R 42 36.63 -4.59 37.81
C GLY R 42 36.19 -3.91 39.08
N LEU R 43 36.14 -2.59 39.00
CA LEU R 43 35.71 -1.82 40.14
C LEU R 43 34.25 -1.42 40.05
N SER R 44 33.60 -1.37 41.21
CA SER R 44 32.22 -0.91 41.35
C SER R 44 31.85 0.47 40.77
N ALA R 45 30.56 0.79 40.93
CA ALA R 45 29.96 1.96 40.34
C ALA R 45 30.36 3.19 41.11
N LYS R 46 30.75 2.93 42.37
CA LYS R 46 31.24 3.90 43.36
C LYS R 46 32.71 3.90 43.18
N GLU R 47 33.26 2.71 43.39
CA GLU R 47 34.69 2.42 43.40
C GLU R 47 35.52 3.12 42.30
N GLN R 48 35.24 2.92 41.03
CA GLN R 48 36.01 3.63 40.01
C GLN R 48 35.54 5.11 39.73
N ARG R 49 34.74 5.65 40.63
CA ARG R 49 34.37 7.07 40.55
C ARG R 49 35.17 7.74 41.69
N ILE R 50 35.72 6.87 42.54
CA ILE R 50 36.63 7.20 43.63
C ILE R 50 38.08 7.10 43.12
N LEU R 51 38.52 5.90 42.74
CA LEU R 51 39.79 5.71 42.02
C LEU R 51 40.00 6.64 40.79
N ALA R 52 39.13 7.61 40.64
CA ALA R 52 39.16 8.49 39.50
C ALA R 52 39.75 9.80 39.95
N LYS R 53 39.22 10.28 41.08
CA LYS R 53 39.70 11.49 41.73
C LYS R 53 40.86 11.14 42.67
N THR R 54 41.27 9.87 42.69
CA THR R 54 42.49 9.44 43.38
C THR R 54 43.70 9.60 42.47
N ILE R 55 43.78 8.89 41.35
CA ILE R 55 44.91 9.04 40.46
C ILE R 55 44.88 10.41 39.75
N LYS R 56 43.89 11.23 40.06
CA LYS R 56 43.90 12.61 39.60
C LYS R 56 44.54 13.44 40.70
N ARG R 57 44.58 12.87 41.92
CA ARG R 57 45.29 13.47 43.05
C ARG R 57 46.80 13.12 42.99
N ALA R 58 47.06 11.80 43.05
CA ALA R 58 48.39 11.22 43.02
C ALA R 58 49.06 11.35 41.65
N ARG R 59 48.73 12.44 40.99
CA ARG R 59 49.32 12.81 39.72
C ARG R 59 49.97 14.15 39.95
N ILE R 60 49.16 15.10 40.44
CA ILE R 60 49.64 16.44 40.75
C ILE R 60 50.89 16.38 41.69
N LEU R 61 50.79 15.55 42.73
CA LEU R 61 51.95 15.13 43.52
C LEU R 61 52.73 14.09 42.73
N GLY R 62 53.15 14.44 41.53
CA GLY R 62 54.15 13.69 40.81
C GLY R 62 54.24 12.18 40.78
N LEU R 63 53.92 11.53 41.91
CA LEU R 63 53.98 10.08 42.11
C LEU R 63 53.57 9.21 40.92
N LEU R 64 52.32 9.39 40.45
CA LEU R 64 51.75 8.66 39.31
C LEU R 64 51.67 9.47 38.02
N PRO R 65 52.16 8.88 36.89
CA PRO R 65 52.44 9.64 35.66
C PRO R 65 51.22 10.10 34.88
N PHE R 66 51.36 11.23 34.21
CA PHE R 66 50.23 11.72 33.46
C PHE R 66 50.04 10.88 32.21
N THR R 67 51.10 10.67 31.45
CA THR R 67 51.09 9.74 30.33
C THR R 67 52.44 9.07 30.21
N GLU R 68 52.57 8.07 29.35
CA GLU R 68 53.88 7.55 28.97
C GLU R 68 54.07 7.70 27.47
N LYS R 69 55.06 7.00 26.94
CA LYS R 69 55.29 6.90 25.49
C LYS R 69 55.03 5.40 25.24
N LEU R 70 55.55 4.75 24.20
CA LEU R 70 55.24 3.29 24.10
C LEU R 70 56.28 2.21 23.73
N VAL R 71 56.42 1.23 24.63
CA VAL R 71 57.19 0.02 24.36
C VAL R 71 56.47 -0.77 23.29
N ARG R 72 57.06 -0.85 22.10
CA ARG R 72 56.71 -1.96 21.24
C ARG R 72 57.29 -3.16 21.98
N LYS R 73 56.45 -4.14 22.31
CA LYS R 73 56.88 -5.22 23.21
C LYS R 73 56.58 -6.66 22.78
N PRO S 1 25.19 -9.14 -74.93
CA PRO S 1 23.85 -8.56 -75.02
C PRO S 1 22.85 -9.48 -75.74
N ARG S 2 22.23 -8.98 -76.81
CA ARG S 2 21.18 -9.73 -77.53
C ARG S 2 21.77 -10.83 -78.41
N SER S 3 21.30 -12.06 -78.16
CA SER S 3 21.72 -13.26 -78.88
C SER S 3 21.88 -12.99 -80.38
N LEU S 4 22.96 -13.48 -80.97
CA LEU S 4 23.21 -13.30 -82.40
C LEU S 4 22.58 -14.45 -83.17
N LYS S 5 22.49 -15.60 -82.49
CA LYS S 5 21.80 -16.83 -82.89
C LYS S 5 20.28 -16.60 -83.07
N LYS S 6 19.82 -15.35 -82.91
CA LYS S 6 18.40 -15.00 -82.87
C LYS S 6 18.21 -13.60 -83.46
N GLY S 7 19.26 -13.08 -84.10
CA GLY S 7 19.25 -11.76 -84.71
C GLY S 7 18.75 -10.57 -83.89
N VAL S 8 18.83 -9.39 -84.51
CA VAL S 8 18.42 -8.10 -83.91
C VAL S 8 16.94 -8.09 -83.43
N PHE S 9 16.48 -7.03 -82.75
CA PHE S 9 15.05 -6.94 -82.39
C PHE S 9 14.42 -5.54 -82.53
N VAL S 10 13.22 -5.51 -83.11
CA VAL S 10 12.40 -4.30 -83.27
C VAL S 10 10.91 -4.66 -83.22
N ASP S 11 10.10 -3.76 -82.65
CA ASP S 11 8.66 -3.96 -82.61
C ASP S 11 7.99 -3.64 -83.93
N ASP S 12 6.99 -4.45 -84.28
CA ASP S 12 6.34 -4.45 -85.58
C ASP S 12 5.64 -3.15 -85.92
N HIS S 13 4.79 -2.69 -85.00
CA HIS S 13 4.03 -1.46 -85.19
C HIS S 13 4.94 -0.25 -85.43
N LEU S 14 6.15 -0.33 -84.90
CA LEU S 14 7.14 0.73 -85.04
C LEU S 14 7.90 0.66 -86.38
N LEU S 15 8.28 -0.55 -86.79
CA LEU S 15 8.97 -0.79 -88.05
C LEU S 15 8.03 -0.52 -89.22
N GLU S 16 6.73 -0.70 -88.97
CA GLU S 16 5.66 -0.44 -89.94
C GLU S 16 5.57 1.02 -90.36
N LYS S 17 5.72 1.93 -89.40
CA LYS S 17 5.72 3.37 -89.69
C LYS S 17 7.04 3.84 -90.34
N VAL S 18 8.04 2.96 -90.36
CA VAL S 18 9.36 3.30 -90.90
C VAL S 18 9.52 2.92 -92.38
N LEU S 19 9.27 1.65 -92.71
CA LEU S 19 9.38 1.16 -94.09
C LEU S 19 8.10 1.28 -94.92
N GLU S 20 7.25 2.24 -94.53
CA GLU S 20 6.13 2.71 -95.35
C GLU S 20 6.41 4.18 -95.71
N LEU S 21 7.08 4.89 -94.79
CA LEU S 21 7.53 6.27 -95.01
C LEU S 21 8.94 6.25 -95.58
N ASN S 22 9.53 5.07 -95.64
CA ASN S 22 10.74 4.84 -96.40
C ASN S 22 10.37 4.57 -97.86
N ALA S 23 9.30 3.78 -98.04
CA ALA S 23 8.79 3.39 -99.35
C ALA S 23 7.96 4.48 -100.04
N LYS S 24 7.94 5.67 -99.44
CA LYS S 24 7.28 6.81 -100.04
C LYS S 24 8.19 8.05 -100.00
N GLY S 25 9.49 7.82 -99.79
CA GLY S 25 10.50 8.87 -99.84
C GLY S 25 10.15 10.15 -99.10
N GLU S 26 9.48 10.00 -97.97
CA GLU S 26 9.08 11.14 -97.13
C GLU S 26 9.69 10.99 -95.73
N LYS S 27 9.60 12.06 -94.93
CA LYS S 27 10.00 12.01 -93.51
C LYS S 27 9.06 12.82 -92.58
N ARG S 28 8.53 12.14 -91.55
CA ARG S 28 7.64 12.75 -90.56
C ARG S 28 8.11 12.36 -89.17
N LEU S 29 7.68 13.10 -88.16
CA LEU S 29 7.94 12.70 -86.79
C LEU S 29 7.03 11.52 -86.42
N ILE S 30 7.63 10.43 -85.95
CA ILE S 30 6.89 9.26 -85.49
C ILE S 30 6.60 9.38 -83.99
N LYS S 31 5.46 8.83 -83.55
CA LYS S 31 5.12 8.78 -82.13
C LYS S 31 4.85 7.34 -81.69
N THR S 32 5.83 6.72 -81.04
CA THR S 32 5.68 5.36 -80.50
C THR S 32 6.24 5.23 -79.07
N TRP S 33 5.83 4.16 -78.40
CA TRP S 33 6.11 3.94 -76.98
C TRP S 33 7.05 2.77 -76.77
N SER S 34 7.66 2.31 -77.84
CA SER S 34 8.65 1.28 -77.66
C SER S 34 9.94 2.01 -77.40
N ARG S 35 10.75 1.44 -76.53
CA ARG S 35 12.12 1.90 -76.35
C ARG S 35 12.93 0.63 -76.47
N ARG S 36 12.23 -0.48 -76.28
CA ARG S 36 12.82 -1.81 -76.16
C ARG S 36 13.51 -2.31 -77.44
N SER S 37 13.51 -1.47 -78.48
CA SER S 37 13.95 -1.88 -79.82
C SER S 37 15.29 -1.32 -80.35
N THR S 38 15.95 -2.12 -81.17
CA THR S 38 17.27 -1.79 -81.71
C THR S 38 17.14 -1.01 -83.01
N ILE S 39 17.59 0.24 -82.99
CA ILE S 39 17.62 1.05 -84.20
C ILE S 39 18.39 0.31 -85.28
N VAL S 40 17.92 0.42 -86.53
CA VAL S 40 18.54 -0.27 -87.65
C VAL S 40 18.97 0.76 -88.70
N PRO S 41 19.92 0.40 -89.59
CA PRO S 41 20.39 1.34 -90.63
C PRO S 41 19.33 1.83 -91.65
N GLU S 42 18.13 1.26 -91.65
CA GLU S 42 17.02 1.74 -92.51
C GLU S 42 16.04 2.62 -91.74
N MET S 43 16.58 3.41 -90.83
CA MET S 43 15.84 4.44 -90.11
C MET S 43 16.65 5.71 -90.07
N VAL S 44 17.93 5.60 -90.41
CA VAL S 44 18.87 6.71 -90.36
C VAL S 44 18.31 7.91 -91.14
N GLY S 45 18.22 9.07 -90.49
CA GLY S 45 17.66 10.25 -91.11
C GLY S 45 16.17 10.44 -90.86
N HIS S 46 15.63 9.66 -89.91
CA HIS S 46 14.24 9.82 -89.49
C HIS S 46 14.11 10.65 -88.20
N THR S 47 12.98 11.33 -88.07
CA THR S 47 12.66 12.08 -86.86
C THR S 47 11.75 11.23 -85.98
N ILE S 48 12.29 10.74 -84.86
CA ILE S 48 11.60 9.76 -84.01
C ILE S 48 11.38 10.19 -82.55
N ALA S 49 10.11 10.21 -82.13
CA ALA S 49 9.75 10.59 -80.76
C ALA S 49 9.66 9.39 -79.84
N VAL S 50 10.56 9.31 -78.87
CA VAL S 50 10.52 8.24 -77.91
C VAL S 50 10.03 8.77 -76.57
N TYR S 51 9.50 7.87 -75.75
CA TYR S 51 8.80 8.27 -74.54
C TYR S 51 9.61 7.94 -73.29
N ASN S 52 9.65 8.90 -72.36
CA ASN S 52 10.07 8.65 -70.99
C ASN S 52 8.98 9.10 -70.03
N GLY S 53 8.23 8.16 -69.47
CA GLY S 53 7.24 8.48 -68.46
C GLY S 53 6.10 9.41 -68.85
N LYS S 54 6.42 10.65 -69.26
CA LYS S 54 5.44 11.72 -69.55
C LYS S 54 5.67 12.43 -70.90
N GLN S 55 6.90 12.37 -71.40
CA GLN S 55 7.31 13.16 -72.56
C GLN S 55 7.90 12.42 -73.78
N HIS S 56 7.41 12.78 -74.96
CA HIS S 56 8.02 12.35 -76.23
C HIS S 56 9.24 13.23 -76.55
N VAL S 57 10.40 12.60 -76.65
CA VAL S 57 11.65 13.36 -76.78
C VAL S 57 12.24 13.35 -78.19
N PRO S 58 12.64 14.54 -78.65
CA PRO S 58 13.28 14.78 -79.95
C PRO S 58 14.59 14.00 -80.18
N VAL S 59 14.53 12.97 -81.03
CA VAL S 59 15.69 12.16 -81.37
C VAL S 59 15.85 11.90 -82.90
N TYR S 60 16.38 12.89 -83.60
CA TYR S 60 16.74 12.74 -85.00
C TYR S 60 17.89 11.74 -85.11
N ILE S 61 17.76 10.79 -86.03
CA ILE S 61 18.67 9.65 -86.06
C ILE S 61 19.79 9.74 -87.12
N THR S 62 21.03 9.87 -86.64
CA THR S 62 22.20 9.99 -87.51
C THR S 62 22.87 8.64 -87.72
N GLU S 63 24.10 8.65 -88.23
CA GLU S 63 24.74 7.40 -88.64
C GLU S 63 25.12 6.50 -87.47
N ASN S 64 26.33 6.69 -86.96
CA ASN S 64 26.95 5.74 -86.01
C ASN S 64 26.24 5.57 -84.67
N MET S 65 25.01 6.06 -84.58
CA MET S 65 24.09 5.69 -83.52
C MET S 65 23.28 4.51 -84.05
N VAL S 66 23.99 3.42 -84.34
CA VAL S 66 23.46 2.30 -85.12
C VAL S 66 22.71 1.25 -84.27
N GLY S 67 23.46 0.34 -83.66
CA GLY S 67 22.88 -0.82 -82.99
C GLY S 67 22.36 -0.57 -81.59
N HIS S 68 22.62 0.62 -81.05
CA HIS S 68 22.15 1.02 -79.72
C HIS S 68 20.63 1.04 -79.70
N LYS S 69 20.03 0.64 -78.57
CA LYS S 69 18.58 0.60 -78.47
C LYS S 69 18.04 2.03 -78.41
N LEU S 70 16.72 2.17 -78.49
CA LEU S 70 16.10 3.48 -78.51
C LEU S 70 16.21 4.22 -77.19
N GLY S 71 16.07 3.48 -76.09
CA GLY S 71 15.97 4.06 -74.77
C GLY S 71 17.22 4.72 -74.24
N GLU S 72 18.33 4.59 -74.98
CA GLU S 72 19.59 5.24 -74.62
C GLU S 72 19.56 6.73 -74.95
N PHE S 73 18.57 7.16 -75.73
CA PHE S 73 18.50 8.54 -76.16
C PHE S 73 17.19 9.18 -75.71
N ALA S 74 16.78 8.87 -74.48
CA ALA S 74 15.54 9.38 -73.92
C ALA S 74 15.52 9.30 -72.41
N PRO S 75 16.39 10.08 -71.73
CA PRO S 75 16.54 10.01 -70.26
C PRO S 75 15.21 9.94 -69.49
N THR S 76 15.17 9.07 -68.47
CA THR S 76 13.93 8.67 -67.82
C THR S 76 13.50 9.53 -66.64
N ARG S 77 14.46 10.19 -66.01
CA ARG S 77 14.22 10.96 -64.81
C ARG S 77 14.92 12.30 -64.94
N THR S 78 14.92 13.08 -63.86
CA THR S 78 15.51 14.40 -63.92
C THR S 78 16.50 14.63 -62.77
N TYR S 79 17.79 14.82 -63.10
CA TYR S 79 18.79 15.11 -62.08
C TYR S 79 19.74 16.24 -62.43
N ARG S 80 19.60 17.36 -61.71
CA ARG S 80 20.49 18.49 -61.86
C ARG S 80 21.30 18.72 -60.58
N GLY S 81 20.71 18.37 -59.44
CA GLY S 81 21.38 18.54 -58.15
C GLY S 81 20.54 18.40 -56.88
N HIS S 82 21.13 18.83 -55.75
CA HIS S 82 20.55 18.70 -54.41
C HIS S 82 20.32 20.06 -53.74
N GLY S 83 20.80 21.12 -54.39
CA GLY S 83 20.82 22.45 -53.81
C GLY S 83 22.24 22.99 -53.85
N ARG T 1 -55.84 76.32 10.59
CA ARG T 1 -55.99 76.57 12.03
C ARG T 1 -57.24 75.89 12.61
N ASN T 2 -57.18 75.50 13.90
CA ASN T 2 -58.20 74.63 14.52
C ASN T 2 -58.84 75.10 15.84
N LEU T 3 -59.86 75.94 15.71
CA LEU T 3 -60.50 76.67 16.83
C LEU T 3 -60.93 75.88 18.08
N SER T 4 -60.79 74.57 18.05
CA SER T 4 -60.93 73.80 19.26
C SER T 4 -59.70 74.12 20.09
N ALA T 5 -58.57 74.10 19.39
CA ALA T 5 -57.25 74.22 20.01
C ALA T 5 -57.01 75.60 20.61
N LEU T 6 -56.95 76.59 19.74
CA LEU T 6 -56.58 77.96 20.09
C LEU T 6 -57.21 78.39 21.39
N LYS T 7 -58.48 78.01 21.54
CA LYS T 7 -59.26 78.27 22.74
C LYS T 7 -58.44 78.05 24.01
N ARG T 8 -57.85 76.86 24.13
CA ARG T 8 -57.22 76.50 25.38
C ARG T 8 -55.88 77.22 25.64
N HIS T 9 -55.28 77.81 24.61
CA HIS T 9 -54.04 78.57 24.85
C HIS T 9 -54.33 79.99 25.29
N ARG T 10 -55.45 80.53 24.82
CA ARG T 10 -55.89 81.82 25.29
C ARG T 10 -56.31 81.65 26.73
N GLN T 11 -56.88 80.48 27.01
CA GLN T 11 -57.23 80.06 28.36
C GLN T 11 -56.01 80.15 29.22
N SER T 12 -54.99 79.36 28.83
CA SER T 12 -53.70 79.27 29.53
C SER T 12 -53.28 80.64 30.01
N LEU T 13 -52.98 81.50 29.05
CA LEU T 13 -52.58 82.88 29.28
C LEU T 13 -53.23 83.55 30.48
N LYS T 14 -54.53 83.37 30.56
CA LYS T 14 -55.35 84.02 31.57
C LYS T 14 -55.15 83.45 32.99
N ARG T 15 -54.83 82.16 33.07
CA ARG T 15 -54.57 81.51 34.36
C ARG T 15 -53.12 81.69 34.83
N ARG T 16 -52.18 81.59 33.88
CA ARG T 16 -50.80 81.96 34.13
C ARG T 16 -50.83 83.34 34.78
N LEU T 17 -51.60 84.26 34.21
CA LEU T 17 -51.67 85.63 34.72
C LEU T 17 -52.60 85.83 35.91
N ARG T 18 -53.09 84.72 36.46
CA ARG T 18 -53.75 84.72 37.75
C ARG T 18 -52.92 83.87 38.67
N ASN T 19 -52.16 82.95 38.09
CA ASN T 19 -51.23 82.13 38.86
C ASN T 19 -49.93 82.90 39.19
N LYS T 20 -49.53 83.79 38.28
CA LYS T 20 -48.41 84.70 38.52
C LYS T 20 -48.76 85.61 39.68
N ALA T 21 -49.93 86.25 39.58
CA ALA T 21 -50.41 87.19 40.57
C ALA T 21 -50.53 86.55 41.94
N LYS T 22 -50.89 85.27 41.96
CA LYS T 22 -51.07 84.52 43.19
C LYS T 22 -49.75 84.28 43.92
N LYS T 23 -48.82 83.58 43.25
CA LYS T 23 -47.52 83.23 43.81
C LYS T 23 -46.77 84.49 44.14
N SER T 24 -46.49 85.28 43.11
CA SER T 24 -45.72 86.51 43.23
C SER T 24 -46.36 87.52 44.16
N ALA T 25 -47.52 87.17 44.72
CA ALA T 25 -48.03 87.86 45.88
C ALA T 25 -47.43 87.20 47.13
N ILE T 26 -47.48 85.87 47.17
CA ILE T 26 -47.07 85.13 48.35
C ILE T 26 -45.58 85.24 48.66
N LYS T 27 -44.73 85.19 47.63
CA LYS T 27 -43.30 85.42 47.84
C LYS T 27 -43.17 86.71 48.61
N THR T 28 -43.53 87.77 47.91
CA THR T 28 -43.51 89.15 48.42
C THR T 28 -43.95 89.22 49.88
N LEU T 29 -45.19 88.80 50.12
CA LEU T 29 -45.81 88.89 51.43
C LEU T 29 -45.08 88.09 52.50
N SER T 30 -44.60 86.91 52.13
CA SER T 30 -43.98 86.05 53.12
C SER T 30 -42.52 86.41 53.33
N LYS T 31 -41.91 87.00 52.31
CA LYS T 31 -40.59 87.59 52.47
C LYS T 31 -40.64 88.77 53.47
N LYS T 32 -41.72 89.55 53.42
CA LYS T 32 -41.97 90.63 54.37
C LYS T 32 -42.57 90.08 55.68
N ALA T 33 -42.49 88.76 55.86
CA ALA T 33 -42.84 88.14 57.14
C ALA T 33 -41.55 87.66 57.78
N ILE T 34 -40.72 87.00 56.96
CA ILE T 34 -39.37 86.62 57.33
C ILE T 34 -38.70 87.86 57.89
N GLN T 35 -38.88 88.96 57.19
CA GLN T 35 -38.26 90.23 57.54
C GLN T 35 -38.63 90.71 58.93
N LEU T 36 -39.92 90.83 59.22
CA LEU T 36 -40.36 91.32 60.52
C LEU T 36 -40.09 90.31 61.61
N ALA T 37 -39.77 89.09 61.19
CA ALA T 37 -39.43 88.03 62.12
C ALA T 37 -38.03 88.20 62.72
N GLN T 38 -37.12 88.75 61.94
CA GLN T 38 -35.71 88.87 62.35
C GLN T 38 -35.51 89.62 63.68
N GLU T 39 -35.93 90.89 63.71
CA GLU T 39 -35.63 91.79 64.81
C GLU T 39 -36.72 91.82 65.88
N GLY T 40 -37.42 90.70 66.03
CA GLY T 40 -38.28 90.47 67.18
C GLY T 40 -39.58 91.24 67.36
N LYS T 41 -40.10 91.84 66.29
CA LYS T 41 -41.38 92.55 66.38
C LYS T 41 -42.52 91.55 66.40
N ALA T 42 -42.57 90.72 67.43
CA ALA T 42 -43.48 89.58 67.50
C ALA T 42 -44.93 89.99 67.26
N GLU T 43 -45.25 91.22 67.58
CA GLU T 43 -46.57 91.76 67.31
C GLU T 43 -46.83 91.68 65.81
N GLU T 44 -45.99 92.36 65.05
CA GLU T 44 -46.26 92.61 63.64
C GLU T 44 -45.99 91.41 62.73
N ALA T 45 -44.95 90.64 63.03
CA ALA T 45 -44.60 89.48 62.22
C ALA T 45 -45.73 88.46 62.25
N LEU T 46 -46.25 88.22 63.46
CA LEU T 46 -47.33 87.25 63.64
C LEU T 46 -48.64 87.74 63.03
N LYS T 47 -48.75 89.03 62.78
CA LYS T 47 -49.85 89.53 61.96
C LYS T 47 -49.61 89.08 60.52
N ILE T 48 -48.50 89.52 59.94
CA ILE T 48 -48.13 89.22 58.57
C ILE T 48 -48.14 87.72 58.25
N MET T 49 -47.84 86.92 59.27
CA MET T 49 -47.80 85.47 59.12
C MET T 49 -49.16 84.90 58.76
N ARG T 50 -50.21 85.42 59.40
CA ARG T 50 -51.55 84.92 59.15
C ARG T 50 -52.17 85.45 57.85
N LYS T 51 -51.84 86.68 57.46
CA LYS T 51 -52.29 87.21 56.17
C LYS T 51 -51.37 86.66 55.07
N ALA T 52 -50.48 85.75 55.47
CA ALA T 52 -49.66 84.99 54.55
C ALA T 52 -50.28 83.61 54.43
N GLU T 53 -50.37 82.95 55.58
CA GLU T 53 -50.95 81.62 55.75
C GLU T 53 -52.31 81.41 55.10
N SER T 54 -53.13 82.46 55.00
CA SER T 54 -54.43 82.38 54.33
C SER T 54 -54.32 82.51 52.82
N LEU T 55 -53.54 83.50 52.39
CA LEU T 55 -53.30 83.73 50.98
C LEU T 55 -52.58 82.49 50.41
N ILE T 56 -52.00 81.70 51.32
CA ILE T 56 -51.56 80.33 51.04
C ILE T 56 -52.79 79.49 50.72
N ASP T 57 -53.58 79.19 51.75
CA ASP T 57 -54.72 78.28 51.65
C ASP T 57 -55.67 78.58 50.50
N LYS T 58 -55.87 79.86 50.19
CA LYS T 58 -56.76 80.22 49.08
C LYS T 58 -56.09 80.07 47.71
N ALA T 59 -54.80 79.79 47.74
CA ALA T 59 -54.09 79.42 46.52
C ALA T 59 -53.96 77.91 46.54
N ALA T 60 -54.53 77.32 47.58
CA ALA T 60 -54.58 75.86 47.77
C ALA T 60 -55.96 75.30 47.42
N LYS T 61 -57.01 76.07 47.69
CA LYS T 61 -58.33 75.71 47.18
C LYS T 61 -58.23 75.65 45.66
N GLY T 62 -57.55 76.63 45.08
CA GLY T 62 -57.31 76.67 43.65
C GLY T 62 -56.35 75.62 43.12
N SER T 63 -55.70 75.99 42.01
CA SER T 63 -54.79 75.13 41.24
C SER T 63 -53.42 75.80 40.98
N THR T 64 -52.96 76.55 41.96
CA THR T 64 -51.66 77.21 41.94
C THR T 64 -50.62 76.36 42.70
N LEU T 65 -50.92 76.11 43.99
CA LEU T 65 -50.20 75.16 44.83
C LEU T 65 -51.08 73.96 45.13
N HIS T 66 -50.47 72.80 45.41
CA HIS T 66 -51.26 71.68 45.90
C HIS T 66 -51.41 71.71 47.42
N LYS T 67 -52.36 70.94 47.94
CA LYS T 67 -52.54 70.81 49.37
C LYS T 67 -51.21 70.36 49.95
N ASN T 68 -50.56 69.46 49.22
CA ASN T 68 -49.25 68.97 49.61
C ASN T 68 -48.20 70.06 49.55
N ALA T 69 -48.25 70.86 48.49
CA ALA T 69 -47.26 71.90 48.24
C ALA T 69 -47.56 73.21 48.98
N ALA T 70 -48.83 73.47 49.30
CA ALA T 70 -49.19 74.66 50.06
C ALA T 70 -48.93 74.43 51.55
N ALA T 71 -49.24 73.23 52.04
CA ALA T 71 -48.96 72.84 53.41
C ALA T 71 -47.46 73.04 53.68
N ARG T 72 -46.67 72.71 52.65
CA ARG T 72 -45.22 72.89 52.67
C ARG T 72 -44.88 74.33 53.06
N ARG T 73 -45.30 75.27 52.23
CA ARG T 73 -44.94 76.68 52.44
C ARG T 73 -45.49 77.26 53.73
N LYS T 74 -46.39 76.53 54.36
CA LYS T 74 -46.89 76.88 55.70
C LYS T 74 -45.86 76.52 56.79
N SER T 75 -45.23 75.36 56.62
CA SER T 75 -44.20 74.94 57.54
C SER T 75 -42.88 75.69 57.33
N ARG T 76 -42.60 76.10 56.09
CA ARG T 76 -41.41 76.90 55.83
C ARG T 76 -41.48 78.15 56.68
N LEU T 77 -42.57 78.89 56.53
CA LEU T 77 -42.76 80.14 57.25
C LEU T 77 -42.96 79.93 58.74
N MET T 78 -44.07 79.30 59.10
CA MET T 78 -44.50 79.11 60.49
C MET T 78 -43.40 78.70 61.45
N ARG T 79 -42.62 77.71 61.04
CA ARG T 79 -41.54 77.25 61.86
C ARG T 79 -40.47 78.34 61.90
N LYS T 80 -40.06 78.83 60.72
CA LYS T 80 -38.91 79.74 60.66
C LYS T 80 -39.14 81.10 61.30
N VAL T 81 -40.40 81.44 61.57
CA VAL T 81 -40.68 82.65 62.32
C VAL T 81 -40.72 82.39 63.82
N ARG T 82 -41.30 81.25 64.20
CA ARG T 82 -41.28 80.78 65.59
C ARG T 82 -39.83 80.72 66.12
N GLN T 83 -38.88 80.75 65.20
CA GLN T 83 -37.48 80.51 65.53
C GLN T 83 -36.59 81.74 65.41
N LEU T 84 -36.99 82.71 64.59
CA LEU T 84 -36.24 83.95 64.50
C LEU T 84 -36.54 84.77 65.77
N LEU T 85 -37.71 84.53 66.32
CA LEU T 85 -38.15 85.16 67.54
C LEU T 85 -37.53 84.47 68.74
N GLU T 86 -36.77 83.41 68.51
CA GLU T 86 -35.97 82.82 69.57
C GLU T 86 -34.90 83.83 69.90
N ALA T 87 -34.11 84.19 68.88
CA ALA T 87 -33.00 85.12 69.06
C ALA T 87 -33.44 86.57 69.31
N ALA T 88 -34.62 86.76 69.90
CA ALA T 88 -35.13 88.08 70.29
C ALA T 88 -36.21 88.03 71.40
N GLY T 89 -37.45 88.42 71.08
CA GLY T 89 -38.50 88.60 72.07
C GLY T 89 -39.83 87.84 71.90
N ALA T 90 -40.40 87.44 73.05
CA ALA T 90 -41.51 86.48 73.13
C ALA T 90 -42.79 86.88 72.36
N PRO T 91 -43.55 85.86 71.85
CA PRO T 91 -44.69 86.13 70.97
C PRO T 91 -45.81 86.89 71.65
N LEU T 92 -45.97 88.15 71.21
CA LEU T 92 -47.06 89.00 71.68
C LEU T 92 -48.42 88.40 71.28
N ILE T 93 -48.78 88.44 70.00
CA ILE T 93 -50.06 87.89 69.55
C ILE T 93 -50.17 86.41 69.89
N GLY T 94 -49.35 85.61 69.22
CA GLY T 94 -49.53 84.18 69.24
C GLY T 94 -50.65 83.87 68.27
N GLY T 95 -50.71 84.64 67.19
CA GLY T 95 -51.70 84.45 66.15
C GLY T 95 -51.52 83.12 65.46
N GLY T 96 -50.81 83.11 64.34
CA GLY T 96 -50.50 81.86 63.66
C GLY T 96 -49.47 81.03 64.39
N LEU T 97 -49.59 80.96 65.72
CA LEU T 97 -48.67 80.19 66.56
C LEU T 97 -49.36 79.51 67.73
N SER T 98 -49.06 78.22 67.90
CA SER T 98 -49.51 77.46 69.07
C SER T 98 -48.40 77.41 70.10
N ALA T 99 -48.63 78.00 71.26
CA ALA T 99 -47.71 77.83 72.37
C ALA T 99 -47.90 76.41 72.88
N GLY U 1 42.12 -15.05 -56.47
CA GLY U 1 41.21 -14.41 -55.54
C GLY U 1 39.93 -15.19 -55.25
N LYS U 2 38.94 -14.53 -54.65
CA LYS U 2 37.62 -15.13 -54.39
C LYS U 2 36.51 -14.25 -54.98
N GLY U 3 36.73 -12.93 -54.98
CA GLY U 3 35.88 -12.02 -55.71
C GLY U 3 36.40 -11.91 -57.14
N ASP U 4 37.53 -12.59 -57.37
CA ASP U 4 38.23 -12.69 -58.65
C ASP U 4 37.56 -13.74 -59.55
N ARG U 5 37.24 -13.38 -60.80
CA ARG U 5 36.49 -14.33 -61.62
C ARG U 5 37.35 -15.28 -62.45
N ARG U 6 38.43 -14.79 -63.05
CA ARG U 6 39.28 -15.67 -63.90
C ARG U 6 40.21 -16.66 -63.14
N THR U 7 39.70 -17.31 -62.10
CA THR U 7 40.53 -18.21 -61.30
C THR U 7 39.86 -19.46 -60.76
N ARG U 8 40.69 -20.36 -60.26
CA ARG U 8 40.27 -21.58 -59.55
C ARG U 8 39.06 -21.36 -58.60
N ARG U 9 39.33 -20.89 -57.38
CA ARG U 9 38.31 -20.80 -56.34
C ARG U 9 37.28 -19.73 -56.63
N GLY U 10 37.67 -18.77 -57.47
CA GLY U 10 36.87 -17.60 -57.75
C GLY U 10 35.70 -17.93 -58.65
N LYS U 11 35.88 -18.97 -59.45
CA LYS U 11 34.79 -19.54 -60.22
C LYS U 11 33.89 -20.25 -59.20
N ILE U 12 34.42 -21.34 -58.66
CA ILE U 12 33.77 -22.15 -57.64
C ILE U 12 32.88 -21.31 -56.73
N TRP U 13 33.41 -20.18 -56.27
CA TRP U 13 32.65 -19.25 -55.44
C TRP U 13 31.39 -18.78 -56.16
N ARG U 14 31.55 -18.21 -57.35
CA ARG U 14 30.42 -17.75 -58.14
C ARG U 14 29.46 -18.92 -58.40
N GLY U 15 30.03 -20.12 -58.49
CA GLY U 15 29.28 -21.33 -58.77
C GLY U 15 29.57 -21.86 -60.18
N THR U 16 30.17 -20.99 -60.99
CA THR U 16 30.28 -21.15 -62.44
C THR U 16 31.37 -22.09 -62.98
N TYR U 17 31.38 -22.26 -64.31
CA TYR U 17 32.43 -22.96 -65.05
C TYR U 17 32.87 -22.05 -66.19
N GLY U 18 34.12 -22.18 -66.60
CA GLY U 18 34.66 -21.35 -67.66
C GLY U 18 35.94 -21.98 -68.15
N LYS U 19 36.73 -21.25 -68.93
CA LYS U 19 38.01 -21.79 -69.41
C LYS U 19 38.92 -22.05 -68.22
N TYR U 20 38.64 -21.35 -67.12
CA TYR U 20 39.44 -21.42 -65.90
C TYR U 20 38.84 -22.38 -64.83
N ARG U 21 37.66 -22.96 -65.13
CA ARG U 21 37.12 -24.11 -64.40
C ARG U 21 36.42 -25.10 -65.34
N PRO U 22 37.01 -26.29 -65.51
CA PRO U 22 36.63 -27.24 -66.55
C PRO U 22 35.40 -28.07 -66.17
N ARG U 23 35.02 -29.03 -67.01
CA ARG U 23 34.04 -30.03 -66.64
C ARG U 23 34.66 -31.45 -66.69
N LYS U 24 35.98 -31.48 -66.48
CA LYS U 24 36.87 -32.68 -66.43
C LYS U 24 37.36 -33.27 -67.77
#